data_6KLV
#
_entry.id   6KLV
#
loop_
_entity.id
_entity.type
_entity.pdbx_description
1 polymer 'Rieske-I iron sulfur protein'
2 polymer 'Cytochrome b'
3 polymer 'Cytochrome c'
4 non-polymer 'FE2/S2 (INORGANIC) CLUSTER'
5 non-polymer 2-[(2~{E},6~{E},10~{Z},14~{Z},18~{Z},23~{R})-3,7,11,15,19,23,27-heptamethyloctacosa-2,6,10,14,18-pentaenyl]naphthalene-1,4-dione
6 non-polymer 'PROTOPORPHYRIN IX CONTAINING FE'
7 non-polymer ANTIMYCIN
8 non-polymer '(1R)-2-{[{[(2S)-2,3-DIHYDROXYPROPYL]OXY}(HYDROXY)PHOSPHORYL]OXY}-1-[(PALMITOYLOXY)METHYL]ETHYL (11E)-OCTADEC-11-ENOATE'
9 non-polymer 'HEME C'
#
loop_
_entity_poly.entity_id
_entity_poly.type
_entity_poly.pdbx_seq_one_letter_code
_entity_poly.pdbx_strand_id
1 'polypeptide(L)'
;MEASRRDFISIGIGALGAVGGLGALYALVRVMLEPSEIAALGAKTEIDVSKIQPMQVRVTSWKGKTLFAIRLPKDFKPEG
YTLKKGALNSKGTTNYEILKGHDVFALVGVCTHLGCIPLWKPQGEGGINKPVFHCPCHGGLYTPYGDVIGGPPPRPLFIP
PQKLEGNKLIVGVEGFVKELI
;
A,D
2 'polypeptide(L)'
;MGLIEKIVDWIDERAHVREIYRTQMVEYKVAKNLTFPYVFGILALVTFAIQIISGMVLILYYKPSIADAFDSATYSIMGE
IPFGWLFRHIHATGANFFMAIVYLHMFTGIYYNAYKRPRELVWIVGWLIYFVLILTALSGYLLPWGQLSYWGFIVTTEIP
GSLADAPILKPIFKAIAETIVLWMKGGYVVTDVTLGRVFGSHVLIYPLILLALVGIHLYLVRAAGISNPEGIEYDKKKNP
DKFVPFHPYMTLKEGAYVMWYLAVFFFFVFFHISHFLPPENFEPANPLKTPAHIAPEWYLLGYYEVFRSIPSKFWGFVAF
NALLLLLLLLPFLDFSPLKSARRRPLFFVMFVIFMISSMALTILGTMPPTPQNAKLGLIFAALVFAFFISLPIISFIEYG
WYKAKGGQQE
;
B,E
3 'polypeptide(L)'
;MNTWGLIKTIFFAGSTLVFFFLLWFYNPFKHVEHYEVDEEVKAIIDNPWKKTESGKTIAEEGRELFIASCSSCHSLRYDG
IYIMSVAANPKWKNIEKTSGRPVYRFGTLYKDRFFVPKDVYEAFAHDDIQGLKASLGQVPPDLSSMYLARGEGYLYQFIL
NPQKVLPGTTMPQLFNPQFDPQAKEKVAKIVAYMKSVNTPPPKESAKRTVMGVIVIAYFIVMGLLLWKYRENLLKRLGYH
;
C,F
#
loop_
_chem_comp.id
_chem_comp.type
_chem_comp.name
_chem_comp.formula
AMY non-polymer ANTIMYCIN 'C27 H38 N2 O9'
DLX non-polymer 2-[(2~{E},6~{E},10~{Z},14~{Z},18~{Z},23~{R})-3,7,11,15,19,23,27-heptamethyloctacosa-2,6,10,14,18-pentaenyl]naphthalene-1,4-dione 'C45 H66 O2'
FES non-polymer 'FE2/S2 (INORGANIC) CLUSTER' 'Fe2 S2'
HEC non-polymer 'HEME C' 'C34 H34 Fe N4 O4'
HEM non-polymer 'PROTOPORPHYRIN IX CONTAINING FE' 'C34 H32 Fe N4 O4'
PGV non-polymer '(1R)-2-{[{[(2S)-2,3-DIHYDROXYPROPYL]OXY}(HYDROXY)PHOSPHORYL]OXY}-1-[(PALMITOYLOXY)METHYL]ETHYL (11E)-OCTADEC-11-ENOATE' 'C40 H77 O10 P'
#
# COMPACT_ATOMS: atom_id res chain seq x y z
N PHE A 8 5.24 42.56 17.92
CA PHE A 8 6.64 42.26 17.66
C PHE A 8 6.76 41.19 16.58
N ILE A 9 7.98 40.95 16.13
CA ILE A 9 8.22 40.08 15.00
C ILE A 9 8.91 38.78 15.40
N SER A 10 10.10 38.85 16.02
CA SER A 10 10.85 37.64 16.32
C SER A 10 10.08 36.70 17.23
N ILE A 11 9.10 37.21 17.97
CA ILE A 11 8.19 36.37 18.74
C ILE A 11 6.92 36.07 17.97
N GLY A 12 6.51 36.96 17.06
CA GLY A 12 5.38 36.66 16.20
C GLY A 12 5.62 35.45 15.33
N ILE A 13 6.83 35.31 14.78
CA ILE A 13 7.11 34.14 13.97
C ILE A 13 6.98 32.87 14.80
N GLY A 14 7.49 32.88 16.04
CA GLY A 14 7.41 31.68 16.86
C GLY A 14 5.98 31.34 17.24
N ALA A 15 5.22 32.33 17.70
CA ALA A 15 3.82 32.10 18.04
C ALA A 15 3.05 31.56 16.85
N LEU A 16 3.26 32.14 15.68
CA LEU A 16 2.47 31.76 14.51
C LEU A 16 2.90 30.40 13.98
N GLY A 17 4.20 30.11 14.02
CA GLY A 17 4.66 28.78 13.67
C GLY A 17 4.17 27.71 14.62
N ALA A 18 4.08 28.00 15.90
CA ALA A 18 3.48 27.07 16.84
C ALA A 18 2.00 26.85 16.55
N VAL A 19 1.26 27.91 16.24
CA VAL A 19 -0.14 27.72 15.86
C VAL A 19 -0.25 26.85 14.61
N GLY A 20 0.60 27.09 13.62
CA GLY A 20 0.53 26.30 12.40
C GLY A 20 0.89 24.84 12.61
N GLY A 21 1.96 24.58 13.37
CA GLY A 21 2.29 23.23 13.73
C GLY A 21 1.22 22.54 14.52
N LEU A 22 0.56 23.25 15.43
CA LEU A 22 -0.54 22.65 16.19
C LEU A 22 -1.72 22.30 15.30
N GLY A 23 -2.06 23.17 14.34
CA GLY A 23 -3.12 22.84 13.40
C GLY A 23 -2.80 21.67 12.50
N ALA A 24 -1.59 21.63 11.96
CA ALA A 24 -1.18 20.50 11.13
C ALA A 24 -1.18 19.20 11.93
N LEU A 25 -0.68 19.24 13.16
CA LEU A 25 -0.72 18.06 14.01
C LEU A 25 -2.12 17.64 14.35
N TYR A 26 -3.01 18.58 14.64
CA TYR A 26 -4.41 18.23 14.90
C TYR A 26 -5.02 17.54 13.71
N ALA A 27 -4.80 18.06 12.50
CA ALA A 27 -5.34 17.42 11.31
C ALA A 27 -4.76 16.03 11.13
N LEU A 28 -3.45 15.87 11.28
CA LEU A 28 -2.84 14.55 11.07
C LEU A 28 -3.32 13.53 12.08
N VAL A 29 -3.41 13.91 13.36
CA VAL A 29 -3.94 13.00 14.36
C VAL A 29 -5.39 12.68 14.07
N ARG A 30 -6.18 13.68 13.68
CA ARG A 30 -7.59 13.47 13.40
C ARG A 30 -7.79 12.53 12.21
N VAL A 31 -6.87 12.53 11.25
CA VAL A 31 -7.00 11.63 10.12
C VAL A 31 -6.55 10.24 10.49
N MET A 32 -5.33 10.11 11.02
CA MET A 32 -4.76 8.79 11.24
C MET A 32 -5.33 8.14 12.48
N LEU A 33 -5.14 8.76 13.63
CA LEU A 33 -5.35 8.11 14.92
C LEU A 33 -6.77 8.27 15.45
N GLU A 34 -7.75 8.51 14.60
CA GLU A 34 -9.10 8.84 15.08
C GLU A 34 -10.17 8.00 14.43
N PRO A 35 -10.60 6.91 15.05
CA PRO A 35 -11.81 6.23 14.59
C PRO A 35 -13.06 6.70 15.34
N SER A 36 -12.94 7.81 16.06
CA SER A 36 -13.99 8.20 17.01
C SER A 36 -15.33 8.45 16.32
N GLU A 37 -16.41 8.15 17.04
CA GLU A 37 -17.80 8.32 16.64
C GLU A 37 -18.22 7.29 15.60
N ILE A 38 -17.25 6.56 15.06
CA ILE A 38 -17.54 5.34 14.32
C ILE A 38 -16.95 4.14 15.03
N ALA A 39 -16.01 4.35 15.95
CA ALA A 39 -15.52 3.27 16.78
C ALA A 39 -16.56 2.87 17.82
N ALA A 40 -17.20 3.85 18.44
CA ALA A 40 -18.14 3.58 19.53
C ALA A 40 -19.43 3.00 18.93
N LEU A 41 -19.31 1.78 18.43
CA LEU A 41 -20.46 1.03 17.90
C LEU A 41 -20.35 -0.39 18.44
N GLY A 42 -21.14 -0.69 19.46
CA GLY A 42 -22.04 0.29 20.05
C GLY A 42 -22.02 0.29 21.57
N ALA A 43 -21.86 1.48 22.15
CA ALA A 43 -21.88 1.63 23.59
C ALA A 43 -23.28 1.66 24.17
N LYS A 44 -24.25 2.19 23.43
CA LYS A 44 -25.63 2.16 23.93
C LYS A 44 -26.26 0.81 23.67
N THR A 45 -26.22 0.33 22.43
CA THR A 45 -26.77 -0.96 22.07
C THR A 45 -28.23 -1.04 22.53
N GLU A 46 -29.05 -0.20 21.90
CA GLU A 46 -30.47 -0.14 22.20
C GLU A 46 -31.09 -1.53 22.17
N ILE A 47 -31.55 -2.00 23.32
CA ILE A 47 -32.19 -3.31 23.46
C ILE A 47 -33.47 -3.09 24.22
N ASP A 48 -34.56 -2.86 23.49
CA ASP A 48 -35.86 -2.69 24.11
C ASP A 48 -36.30 -4.02 24.72
N VAL A 49 -36.32 -4.10 26.05
CA VAL A 49 -36.73 -5.33 26.71
C VAL A 49 -38.22 -5.33 27.01
N SER A 50 -38.97 -4.34 26.53
CA SER A 50 -40.42 -4.39 26.64
C SER A 50 -41.05 -5.27 25.56
N LYS A 51 -40.30 -5.60 24.50
CA LYS A 51 -40.83 -6.43 23.43
C LYS A 51 -40.60 -7.91 23.67
N ILE A 52 -39.44 -8.31 24.21
CA ILE A 52 -39.06 -9.71 24.25
C ILE A 52 -39.99 -10.46 25.19
N GLN A 53 -40.54 -11.57 24.72
CA GLN A 53 -41.39 -12.40 25.55
C GLN A 53 -40.52 -13.33 26.40
N PRO A 54 -41.05 -13.83 27.52
CA PRO A 54 -40.23 -14.68 28.40
C PRO A 54 -39.65 -15.88 27.66
N MET A 55 -38.47 -16.30 28.12
CA MET A 55 -37.74 -17.42 27.52
C MET A 55 -37.44 -17.19 26.04
N GLN A 56 -37.20 -15.93 25.67
CA GLN A 56 -36.81 -15.56 24.32
C GLN A 56 -35.52 -14.78 24.39
N VAL A 57 -34.58 -15.09 23.50
CA VAL A 57 -33.29 -14.42 23.44
C VAL A 57 -33.23 -13.66 22.13
N ARG A 58 -32.42 -12.62 22.09
CA ARG A 58 -32.23 -11.83 20.89
C ARG A 58 -30.76 -11.88 20.48
N VAL A 59 -30.52 -11.84 19.19
CA VAL A 59 -29.15 -11.69 18.68
C VAL A 59 -28.88 -10.19 18.54
N THR A 60 -27.78 -9.75 19.13
CA THR A 60 -27.38 -8.34 19.06
C THR A 60 -25.86 -8.30 19.10
N SER A 61 -25.29 -7.13 19.40
CA SER A 61 -23.84 -7.00 19.50
C SER A 61 -23.49 -5.90 20.48
N TRP A 62 -22.63 -6.21 21.45
CA TRP A 62 -22.12 -5.25 22.41
C TRP A 62 -20.60 -5.33 22.40
N LYS A 63 -19.94 -4.25 21.97
CA LYS A 63 -18.49 -4.22 21.78
C LYS A 63 -18.02 -5.27 20.78
N GLY A 64 -18.85 -5.53 19.77
CA GLY A 64 -18.57 -6.56 18.80
C GLY A 64 -19.55 -7.71 18.92
N LYS A 65 -19.29 -8.74 18.13
CA LYS A 65 -20.21 -9.87 17.96
C LYS A 65 -19.75 -11.02 18.84
N THR A 66 -20.71 -11.65 19.54
CA THR A 66 -22.12 -11.29 19.48
C THR A 66 -22.64 -11.02 20.89
N LEU A 67 -23.95 -10.85 21.00
CA LEU A 67 -24.58 -10.60 22.30
C LEU A 67 -25.94 -11.28 22.35
N PHE A 68 -26.22 -11.90 23.49
CA PHE A 68 -27.51 -12.50 23.78
C PHE A 68 -28.26 -11.65 24.78
N ALA A 69 -29.58 -11.66 24.69
CA ALA A 69 -30.45 -10.88 25.57
C ALA A 69 -31.57 -11.80 26.05
N ILE A 70 -31.32 -12.50 27.14
CA ILE A 70 -32.25 -13.51 27.64
C ILE A 70 -33.25 -12.82 28.57
N ARG A 71 -34.47 -13.36 28.62
CA ARG A 71 -35.49 -12.88 29.53
C ARG A 71 -36.23 -14.08 30.11
N LEU A 72 -36.14 -14.27 31.42
CA LEU A 72 -36.76 -15.42 32.03
C LEU A 72 -37.45 -15.00 33.33
N PRO A 73 -38.66 -15.50 33.58
CA PRO A 73 -39.41 -15.05 34.77
C PRO A 73 -38.96 -15.68 36.07
N LYS A 74 -38.66 -16.98 36.08
CA LYS A 74 -38.26 -17.68 37.30
C LYS A 74 -37.01 -18.51 37.02
N ASP A 75 -36.51 -19.15 38.08
CA ASP A 75 -35.31 -19.98 37.99
C ASP A 75 -35.64 -21.35 37.41
N TYR A 96 -20.98 -20.03 38.99
CA TYR A 96 -21.57 -19.03 38.13
C TYR A 96 -22.60 -18.20 38.92
N GLU A 97 -23.66 -17.77 38.23
CA GLU A 97 -24.69 -16.91 38.81
C GLU A 97 -24.07 -15.72 39.52
N ILE A 98 -23.30 -14.95 38.75
CA ILE A 98 -22.74 -13.69 39.26
C ILE A 98 -23.86 -12.75 39.68
N LEU A 99 -24.99 -12.80 38.97
CA LEU A 99 -26.13 -11.95 39.25
C LEU A 99 -27.34 -12.78 39.64
N LYS A 100 -28.03 -12.31 40.67
CA LYS A 100 -29.26 -12.94 41.14
C LYS A 100 -30.42 -12.52 40.23
N GLY A 101 -31.65 -12.82 40.64
CA GLY A 101 -32.79 -12.60 39.79
C GLY A 101 -33.07 -11.15 39.48
N HIS A 102 -32.76 -10.74 38.25
CA HIS A 102 -33.22 -9.47 37.71
C HIS A 102 -34.15 -9.65 36.52
N ASP A 103 -34.27 -10.87 36.00
CA ASP A 103 -35.13 -11.31 34.92
C ASP A 103 -34.65 -10.83 33.56
N VAL A 104 -33.63 -9.98 33.49
CA VAL A 104 -33.05 -9.52 32.23
C VAL A 104 -31.56 -9.37 32.40
N PHE A 105 -30.80 -9.76 31.39
CA PHE A 105 -29.36 -9.56 31.37
C PHE A 105 -28.87 -9.71 29.94
N ALA A 106 -27.56 -9.83 29.78
CA ALA A 106 -26.97 -10.02 28.46
C ALA A 106 -25.67 -10.79 28.60
N LEU A 107 -25.45 -11.75 27.71
CA LEU A 107 -24.27 -12.59 27.74
C LEU A 107 -23.64 -12.68 26.35
N VAL A 108 -22.32 -12.55 26.29
CA VAL A 108 -21.62 -12.68 25.01
C VAL A 108 -21.75 -14.13 24.55
N GLY A 109 -22.57 -14.36 23.52
CA GLY A 109 -22.83 -15.71 23.10
C GLY A 109 -21.92 -16.23 22.01
N VAL A 110 -20.86 -16.91 22.42
CA VAL A 110 -19.99 -17.68 21.54
C VAL A 110 -19.53 -18.89 22.32
N CYS A 111 -19.65 -20.07 21.72
CA CYS A 111 -19.22 -21.27 22.43
C CYS A 111 -17.76 -21.18 22.80
N THR A 112 -17.36 -21.93 23.81
CA THR A 112 -16.09 -21.65 24.46
C THR A 112 -14.94 -22.47 23.89
N HIS A 113 -15.05 -23.80 23.91
CA HIS A 113 -13.85 -24.58 23.64
C HIS A 113 -13.43 -24.55 22.17
N LEU A 114 -14.33 -24.18 21.25
CA LEU A 114 -13.92 -23.96 19.87
C LEU A 114 -14.59 -22.79 19.16
N GLY A 115 -15.50 -22.07 19.81
CA GLY A 115 -16.03 -20.85 19.22
C GLY A 115 -17.14 -20.97 18.20
N CYS A 116 -18.27 -21.54 18.60
CA CYS A 116 -19.48 -21.53 17.78
C CYS A 116 -20.53 -20.62 18.40
N ILE A 117 -21.73 -20.65 17.83
CA ILE A 117 -22.86 -19.84 18.29
C ILE A 117 -23.95 -20.78 18.75
N PRO A 118 -24.23 -20.88 20.05
CA PRO A 118 -25.36 -21.71 20.50
C PRO A 118 -26.69 -21.07 20.16
N LEU A 119 -27.67 -21.92 19.82
CA LEU A 119 -29.00 -21.49 19.46
C LEU A 119 -29.97 -21.77 20.61
N TRP A 120 -30.95 -20.88 20.76
CA TRP A 120 -31.79 -20.90 21.96
C TRP A 120 -32.72 -22.10 21.98
N LYS A 121 -32.89 -22.67 23.16
CA LYS A 121 -33.72 -23.84 23.40
C LYS A 121 -33.40 -24.97 22.42
N PRO A 131 -34.70 -26.03 29.43
CA PRO A 131 -34.27 -24.69 29.85
C PRO A 131 -32.94 -24.30 29.21
N VAL A 132 -32.14 -25.29 28.86
CA VAL A 132 -30.80 -25.06 28.34
C VAL A 132 -30.88 -24.80 26.84
N PHE A 133 -29.82 -24.21 26.31
CA PHE A 133 -29.69 -24.01 24.87
C PHE A 133 -28.27 -24.36 24.46
N HIS A 134 -28.14 -25.25 23.49
CA HIS A 134 -26.85 -25.81 23.12
C HIS A 134 -26.43 -25.34 21.75
N CYS A 135 -25.16 -25.57 21.44
CA CYS A 135 -24.58 -25.27 20.13
C CYS A 135 -24.40 -26.58 19.39
N PRO A 136 -24.86 -26.69 18.15
CA PRO A 136 -24.82 -27.98 17.45
C PRO A 136 -23.48 -28.35 16.83
N CYS A 137 -22.39 -27.66 17.17
CA CYS A 137 -21.10 -27.97 16.56
C CYS A 137 -20.48 -29.20 17.19
N HIS A 138 -20.56 -29.30 18.50
CA HIS A 138 -20.00 -30.43 19.23
C HIS A 138 -20.96 -30.99 20.23
N GLY A 139 -21.86 -30.15 20.73
CA GLY A 139 -22.82 -30.59 21.72
C GLY A 139 -22.77 -29.88 23.06
N GLY A 140 -22.13 -28.71 23.14
CA GLY A 140 -22.01 -28.04 24.42
C GLY A 140 -23.34 -27.42 24.84
N LEU A 141 -23.76 -27.77 26.05
CA LEU A 141 -25.00 -27.26 26.63
C LEU A 141 -24.71 -26.06 27.50
N TYR A 142 -25.74 -25.22 27.70
CA TYR A 142 -25.61 -24.01 28.50
C TYR A 142 -26.94 -23.71 29.17
N THR A 143 -26.87 -23.45 30.47
CA THR A 143 -28.05 -23.01 31.22
C THR A 143 -28.52 -21.65 30.72
N PRO A 144 -29.79 -21.30 30.98
CA PRO A 144 -30.27 -19.96 30.61
C PRO A 144 -29.50 -18.85 31.26
N TYR A 145 -28.71 -19.13 32.29
CA TYR A 145 -27.87 -18.12 32.91
C TYR A 145 -26.51 -18.00 32.27
N GLY A 146 -25.98 -19.09 31.69
CA GLY A 146 -24.70 -19.00 31.00
C GLY A 146 -23.73 -20.11 31.32
N ASP A 147 -23.88 -20.73 32.48
CA ASP A 147 -22.96 -21.79 32.86
C ASP A 147 -23.16 -23.01 31.97
N VAL A 148 -22.24 -23.95 32.07
CA VAL A 148 -22.28 -25.19 31.29
C VAL A 148 -22.71 -26.31 32.20
N ILE A 149 -23.64 -27.14 31.74
CA ILE A 149 -24.08 -28.30 32.50
C ILE A 149 -23.40 -29.58 32.01
N GLY A 150 -23.34 -29.79 30.70
CA GLY A 150 -22.55 -30.87 30.15
C GLY A 150 -21.51 -30.32 29.20
N GLY A 151 -20.25 -30.36 29.60
CA GLY A 151 -19.25 -29.53 28.96
C GLY A 151 -18.21 -30.22 28.10
N PRO A 152 -18.39 -30.14 26.78
CA PRO A 152 -17.22 -30.03 25.89
C PRO A 152 -16.56 -28.67 26.02
N PRO A 153 -17.29 -27.60 26.38
CA PRO A 153 -16.60 -26.36 26.78
C PRO A 153 -16.11 -26.44 28.23
N PRO A 154 -14.96 -25.84 28.52
CA PRO A 154 -14.48 -25.81 29.92
C PRO A 154 -15.08 -24.68 30.73
N ARG A 155 -15.32 -23.52 30.11
CA ARG A 155 -15.78 -22.34 30.84
C ARG A 155 -17.13 -21.85 30.31
N PRO A 156 -17.87 -21.07 31.11
CA PRO A 156 -19.20 -20.61 30.67
C PRO A 156 -19.17 -19.45 29.68
N LEU A 157 -20.33 -18.90 29.36
CA LEU A 157 -20.41 -17.70 28.53
C LEU A 157 -20.22 -16.45 29.39
N PHE A 158 -19.24 -15.63 29.03
CA PHE A 158 -18.84 -14.50 29.86
C PHE A 158 -19.95 -13.47 29.93
N ILE A 159 -20.14 -12.90 31.12
CA ILE A 159 -21.07 -11.79 31.29
C ILE A 159 -20.36 -10.53 30.84
N PRO A 160 -20.76 -9.91 29.73
CA PRO A 160 -20.21 -8.62 29.37
C PRO A 160 -20.78 -7.55 30.30
N PRO A 161 -20.01 -6.51 30.60
CA PRO A 161 -20.53 -5.44 31.46
C PRO A 161 -21.77 -4.79 30.85
N GLN A 162 -22.75 -4.54 31.69
CA GLN A 162 -24.04 -4.04 31.21
C GLN A 162 -24.58 -3.00 32.17
N LYS A 163 -25.61 -2.30 31.71
CA LYS A 163 -26.30 -1.28 32.47
C LYS A 163 -27.76 -1.25 32.06
N LEU A 164 -28.64 -1.25 33.06
CA LEU A 164 -30.09 -1.20 32.82
C LEU A 164 -30.62 0.09 33.43
N GLU A 165 -31.18 0.96 32.59
CA GLU A 165 -31.81 2.20 33.02
C GLU A 165 -33.23 2.23 32.48
N GLY A 166 -34.18 1.69 33.23
CA GLY A 166 -35.56 1.65 32.79
C GLY A 166 -35.87 0.45 31.92
N ASN A 167 -36.16 0.69 30.64
CA ASN A 167 -36.43 -0.39 29.69
C ASN A 167 -35.34 -0.50 28.62
N LYS A 168 -34.08 -0.39 29.03
CA LYS A 168 -32.94 -0.38 28.12
C LYS A 168 -31.78 -1.09 28.76
N LEU A 169 -31.05 -1.87 27.95
CA LEU A 169 -29.82 -2.51 28.37
C LEU A 169 -28.64 -1.89 27.65
N ILE A 170 -27.47 -1.97 28.27
CA ILE A 170 -26.26 -1.42 27.68
C ILE A 170 -25.31 -2.54 27.32
N ILE B 7 18.84 22.13 28.14
CA ILE B 7 18.90 23.22 27.19
C ILE B 7 19.42 22.70 25.85
N VAL B 8 20.03 23.60 25.07
CA VAL B 8 20.51 23.26 23.75
C VAL B 8 22.02 23.07 23.70
N ASP B 9 22.77 23.67 24.62
CA ASP B 9 24.20 23.40 24.67
C ASP B 9 24.49 21.94 24.97
N TRP B 10 23.65 21.29 25.77
CA TRP B 10 23.82 19.86 26.03
C TRP B 10 23.71 19.06 24.75
N ILE B 11 22.83 19.48 23.85
CA ILE B 11 22.72 18.81 22.56
C ILE B 11 23.82 19.24 21.60
N ASP B 12 24.40 20.41 21.79
CA ASP B 12 25.50 20.84 20.92
C ASP B 12 26.77 20.08 21.24
N GLU B 13 27.08 19.88 22.52
CA GLU B 13 28.29 19.13 22.88
C GLU B 13 28.28 17.71 22.35
N ARG B 14 27.12 17.21 21.94
CA ARG B 14 27.00 15.83 21.47
C ARG B 14 26.68 15.71 19.99
N ALA B 15 26.04 16.71 19.39
CA ALA B 15 25.74 16.67 17.97
C ALA B 15 26.46 17.73 17.16
N HIS B 16 27.00 18.76 17.80
CA HIS B 16 27.66 19.86 17.11
C HIS B 16 26.73 20.52 16.10
N VAL B 17 25.53 20.86 16.56
CA VAL B 17 24.55 21.45 15.67
C VAL B 17 24.90 22.89 15.33
N ARG B 18 25.41 23.65 16.29
CA ARG B 18 25.80 25.03 16.01
C ARG B 18 27.03 25.11 15.10
N GLU B 19 27.96 24.16 15.21
CA GLU B 19 29.06 24.09 14.27
C GLU B 19 28.60 23.76 12.86
N ILE B 20 27.48 23.06 12.71
CA ILE B 20 26.92 22.79 11.39
C ILE B 20 26.15 24.00 10.87
N TYR B 21 25.44 24.68 11.76
CA TYR B 21 24.71 25.88 11.36
C TYR B 21 25.67 26.97 10.89
N ARG B 22 26.63 27.36 11.73
CA ARG B 22 27.59 28.40 11.36
C ARG B 22 28.48 28.00 10.19
N THR B 23 28.37 26.80 9.66
CA THR B 23 29.13 26.37 8.50
C THR B 23 28.28 26.26 7.25
N GLN B 24 27.04 25.80 7.39
CA GLN B 24 26.18 25.56 6.24
C GLN B 24 25.29 26.74 5.90
N MET B 25 25.01 27.62 6.86
CA MET B 25 24.09 28.72 6.61
C MET B 25 24.73 30.08 6.80
N VAL B 26 25.64 30.23 7.76
CA VAL B 26 26.22 31.54 8.01
C VAL B 26 27.43 31.81 7.12
N GLU B 27 28.19 30.78 6.76
CA GLU B 27 29.34 31.01 5.90
C GLU B 27 29.23 30.23 4.60
N TYR B 28 28.02 30.13 4.05
CA TYR B 28 27.80 29.45 2.80
C TYR B 28 28.12 30.32 1.58
N LYS B 29 27.92 31.63 1.69
CA LYS B 29 28.34 32.58 0.67
C LYS B 29 27.70 32.27 -0.68
N VAL B 30 26.40 32.46 -0.73
CA VAL B 30 25.66 32.41 -1.98
C VAL B 30 25.91 33.71 -2.73
N ALA B 31 25.52 33.76 -4.00
CA ALA B 31 25.67 34.99 -4.76
C ALA B 31 24.63 36.01 -4.31
N LYS B 32 24.82 37.25 -4.74
CA LYS B 32 23.89 38.30 -4.31
C LYS B 32 22.81 38.58 -5.35
N ASN B 33 23.16 38.50 -6.63
CA ASN B 33 22.26 38.88 -7.71
C ASN B 33 21.38 37.75 -8.17
N LEU B 34 21.10 36.76 -7.33
CA LEU B 34 20.22 35.68 -7.72
C LEU B 34 18.81 36.22 -7.95
N THR B 35 18.24 35.93 -9.11
CA THR B 35 16.94 36.42 -9.49
C THR B 35 15.87 35.54 -8.86
N PHE B 36 14.61 35.86 -9.12
CA PHE B 36 13.48 35.16 -8.52
C PHE B 36 13.40 33.70 -8.94
N PRO B 37 13.56 33.34 -10.23
CA PRO B 37 13.37 31.95 -10.62
C PRO B 37 14.36 30.98 -10.01
N TYR B 38 15.25 31.42 -9.14
CA TYR B 38 16.12 30.48 -8.45
C TYR B 38 15.42 29.80 -7.29
N VAL B 39 14.23 30.27 -6.92
CA VAL B 39 13.51 29.70 -5.79
C VAL B 39 12.71 28.47 -6.20
N PHE B 40 12.64 28.17 -7.50
CA PHE B 40 11.84 27.06 -7.97
C PHE B 40 12.35 25.72 -7.46
N GLY B 41 13.65 25.59 -7.21
CA GLY B 41 14.13 24.38 -6.59
C GLY B 41 13.64 24.20 -5.18
N ILE B 42 13.69 25.26 -4.38
CA ILE B 42 13.21 25.18 -3.01
C ILE B 42 11.73 24.84 -3.02
N LEU B 43 10.99 25.41 -3.98
CA LEU B 43 9.55 25.16 -4.05
C LEU B 43 9.25 23.74 -4.51
N ALA B 44 10.02 23.22 -5.45
CA ALA B 44 9.84 21.82 -5.85
C ALA B 44 10.10 20.88 -4.69
N LEU B 45 11.09 21.21 -3.85
CA LEU B 45 11.34 20.38 -2.69
C LEU B 45 10.22 20.46 -1.67
N VAL B 46 9.69 21.66 -1.42
CA VAL B 46 8.54 21.80 -0.53
C VAL B 46 7.34 21.03 -1.06
N THR B 47 7.09 21.07 -2.37
CA THR B 47 5.97 20.33 -2.91
C THR B 47 6.20 18.82 -2.86
N PHE B 48 7.44 18.38 -2.98
CA PHE B 48 7.73 16.97 -2.77
C PHE B 48 7.38 16.57 -1.34
N ALA B 49 7.73 17.40 -0.37
CA ALA B 49 7.34 17.10 1.01
C ALA B 49 5.83 17.08 1.17
N ILE B 50 5.12 18.03 0.54
CA ILE B 50 3.66 18.03 0.58
C ILE B 50 3.10 16.72 0.04
N GLN B 51 3.62 16.27 -1.10
CA GLN B 51 3.13 15.03 -1.69
C GLN B 51 3.37 13.84 -0.79
N ILE B 52 4.56 13.74 -0.20
CA ILE B 52 4.83 12.62 0.70
C ILE B 52 3.92 12.67 1.91
N ILE B 53 3.72 13.85 2.49
CA ILE B 53 2.93 13.96 3.71
C ILE B 53 1.47 13.63 3.45
N SER B 54 0.91 14.11 2.34
CA SER B 54 -0.48 13.79 2.05
C SER B 54 -0.67 12.43 1.43
N GLY B 55 0.40 11.78 0.96
CA GLY B 55 0.28 10.43 0.47
C GLY B 55 0.38 9.43 1.58
N MET B 56 1.17 9.75 2.61
CA MET B 56 1.20 8.90 3.79
C MET B 56 -0.16 8.83 4.46
N VAL B 57 -1.05 9.78 4.18
CA VAL B 57 -2.40 9.75 4.71
C VAL B 57 -3.34 8.98 3.79
N LEU B 58 -3.20 9.15 2.48
CA LEU B 58 -4.06 8.46 1.56
C LEU B 58 -3.75 6.97 1.50
N ILE B 59 -2.52 6.57 1.81
CA ILE B 59 -2.18 5.17 1.76
C ILE B 59 -2.88 4.40 2.87
N LEU B 60 -3.37 5.09 3.90
CA LEU B 60 -4.08 4.40 4.96
C LEU B 60 -5.45 3.90 4.51
N TYR B 61 -6.10 4.59 3.59
CA TYR B 61 -7.48 4.28 3.24
C TYR B 61 -7.68 3.88 1.80
N TYR B 62 -6.70 4.00 0.93
CA TYR B 62 -6.85 3.56 -0.44
C TYR B 62 -6.62 2.06 -0.54
N LYS B 63 -7.49 1.38 -1.27
CA LYS B 63 -7.46 -0.08 -1.37
C LYS B 63 -7.24 -0.49 -2.82
N PRO B 64 -6.12 -1.11 -3.14
CA PRO B 64 -5.76 -1.39 -4.53
C PRO B 64 -6.45 -2.61 -5.14
N SER B 65 -7.77 -2.62 -5.13
CA SER B 65 -8.54 -3.62 -5.83
C SER B 65 -9.48 -2.93 -6.80
N ILE B 66 -9.75 -3.60 -7.92
CA ILE B 66 -10.59 -3.00 -8.95
C ILE B 66 -12.00 -2.75 -8.40
N ALA B 67 -12.54 -3.69 -7.65
CA ALA B 67 -13.85 -3.51 -7.07
C ALA B 67 -13.84 -2.67 -5.80
N ASP B 68 -12.65 -2.39 -5.24
CA ASP B 68 -12.56 -1.58 -4.04
C ASP B 68 -12.05 -0.17 -4.29
N ALA B 69 -11.17 0.02 -5.26
CA ALA B 69 -10.69 1.35 -5.60
C ALA B 69 -11.80 2.14 -6.28
N PHE B 70 -11.71 3.46 -6.16
CA PHE B 70 -12.74 4.43 -6.52
C PHE B 70 -13.89 4.41 -5.53
N ASP B 71 -13.97 3.40 -4.69
CA ASP B 71 -14.88 3.48 -3.56
C ASP B 71 -14.14 3.79 -2.28
N SER B 72 -12.85 3.48 -2.23
CA SER B 72 -12.00 4.02 -1.19
C SER B 72 -11.79 5.50 -1.41
N ALA B 73 -11.25 5.86 -2.57
CA ALA B 73 -10.94 7.23 -2.91
C ALA B 73 -12.16 8.14 -2.94
N THR B 74 -13.29 7.70 -3.45
CA THR B 74 -14.44 8.60 -3.60
C THR B 74 -15.41 8.49 -2.45
N TYR B 75 -15.75 7.29 -2.00
CA TYR B 75 -16.60 7.19 -0.83
C TYR B 75 -15.79 7.33 0.45
N SER B 76 -14.84 6.42 0.69
CA SER B 76 -14.16 6.41 1.96
C SER B 76 -13.41 7.71 2.21
N ILE B 77 -12.39 7.99 1.41
CA ILE B 77 -11.55 9.16 1.61
C ILE B 77 -12.39 10.42 1.70
N MET B 78 -13.33 10.59 0.77
CA MET B 78 -14.01 11.87 0.65
C MET B 78 -15.13 12.06 1.65
N GLY B 79 -15.98 11.07 1.90
CA GLY B 79 -17.09 11.26 2.80
C GLY B 79 -16.92 10.64 4.16
N GLU B 80 -16.32 9.46 4.24
CA GLU B 80 -16.28 8.75 5.51
C GLU B 80 -15.22 9.33 6.45
N ILE B 81 -14.03 9.62 5.94
CA ILE B 81 -12.90 9.97 6.79
C ILE B 81 -12.91 11.47 7.08
N PRO B 82 -12.73 11.88 8.34
CA PRO B 82 -12.60 13.32 8.63
C PRO B 82 -11.31 13.88 8.06
N PHE B 83 -11.42 15.04 7.42
CA PHE B 83 -10.31 15.70 6.73
C PHE B 83 -9.71 14.85 5.63
N GLY B 84 -10.40 13.80 5.18
CA GLY B 84 -9.91 13.06 4.02
C GLY B 84 -10.09 13.79 2.72
N TRP B 85 -11.19 14.52 2.57
CA TRP B 85 -11.33 15.41 1.43
C TRP B 85 -10.14 16.34 1.31
N LEU B 86 -9.65 16.85 2.43
CA LEU B 86 -8.55 17.80 2.39
C LEU B 86 -7.27 17.18 1.91
N PHE B 87 -7.00 15.94 2.32
CA PHE B 87 -5.76 15.31 1.91
C PHE B 87 -5.85 14.66 0.55
N ARG B 88 -7.03 14.47 0.00
CA ARG B 88 -7.10 14.15 -1.42
C ARG B 88 -7.00 15.39 -2.29
N HIS B 89 -7.57 16.51 -1.85
CA HIS B 89 -7.39 17.78 -2.53
C HIS B 89 -5.93 18.19 -2.54
N ILE B 90 -5.25 18.09 -1.39
CA ILE B 90 -3.83 18.41 -1.31
C ILE B 90 -3.02 17.55 -2.26
N HIS B 91 -3.34 16.26 -2.35
CA HIS B 91 -2.55 15.39 -3.20
C HIS B 91 -2.76 15.67 -4.68
N ALA B 92 -4.01 15.76 -5.13
CA ALA B 92 -4.26 16.05 -6.52
C ALA B 92 -3.84 17.46 -6.92
N THR B 93 -3.76 18.39 -5.97
CA THR B 93 -3.24 19.72 -6.29
C THR B 93 -1.73 19.71 -6.30
N GLY B 94 -1.12 18.99 -5.37
CA GLY B 94 0.33 18.96 -5.30
C GLY B 94 0.93 18.24 -6.49
N ALA B 95 0.23 17.27 -7.06
CA ALA B 95 0.74 16.62 -8.26
C ALA B 95 0.90 17.60 -9.41
N ASN B 96 -0.14 18.38 -9.70
CA ASN B 96 -0.06 19.37 -10.76
C ASN B 96 0.85 20.53 -10.43
N PHE B 97 0.86 21.01 -9.19
CA PHE B 97 1.82 22.04 -8.82
C PHE B 97 3.24 21.52 -8.89
N PHE B 98 3.46 20.25 -8.61
CA PHE B 98 4.79 19.66 -8.62
C PHE B 98 5.28 19.43 -10.03
N MET B 99 4.38 19.15 -10.96
CA MET B 99 4.79 19.16 -12.36
C MET B 99 5.08 20.57 -12.85
N ALA B 100 4.25 21.54 -12.47
CA ALA B 100 4.45 22.90 -12.98
C ALA B 100 5.74 23.50 -12.45
N ILE B 101 6.02 23.28 -11.16
CA ILE B 101 7.23 23.84 -10.56
C ILE B 101 8.47 23.21 -11.16
N VAL B 102 8.44 21.90 -11.40
CA VAL B 102 9.60 21.24 -12.00
C VAL B 102 9.80 21.69 -13.44
N TYR B 103 8.72 21.93 -14.17
CA TYR B 103 8.85 22.48 -15.51
C TYR B 103 9.47 23.86 -15.49
N LEU B 104 8.97 24.76 -14.65
CA LEU B 104 9.60 26.08 -14.54
C LEU B 104 11.05 25.98 -14.11
N HIS B 105 11.34 25.08 -13.17
CA HIS B 105 12.70 24.86 -12.69
C HIS B 105 13.63 24.47 -13.80
N MET B 106 13.30 23.44 -14.56
CA MET B 106 14.22 23.08 -15.62
C MET B 106 14.20 24.06 -16.76
N PHE B 107 13.12 24.79 -16.99
CA PHE B 107 13.12 25.68 -18.14
C PHE B 107 13.92 26.94 -17.92
N THR B 108 13.81 27.61 -16.77
CA THR B 108 14.85 28.60 -16.51
C THR B 108 15.87 28.11 -15.49
N GLY B 109 16.27 26.85 -15.63
CA GLY B 109 17.64 26.42 -15.43
C GLY B 109 18.28 26.20 -16.79
N ILE B 110 17.46 26.01 -17.82
CA ILE B 110 17.95 26.06 -19.20
C ILE B 110 18.29 27.48 -19.58
N TYR B 111 17.51 28.45 -19.08
CA TYR B 111 17.73 29.85 -19.43
C TYR B 111 19.12 30.30 -19.01
N TYR B 112 19.49 30.06 -17.77
CA TYR B 112 20.80 30.43 -17.26
C TYR B 112 21.88 29.42 -17.61
N ASN B 113 21.57 28.44 -18.47
CA ASN B 113 22.50 27.39 -18.86
C ASN B 113 23.23 26.82 -17.65
N ALA B 114 22.44 26.33 -16.71
CA ALA B 114 22.97 25.64 -15.56
C ALA B 114 23.31 24.20 -15.86
N TYR B 115 23.46 23.86 -17.13
CA TYR B 115 23.85 22.52 -17.53
C TYR B 115 25.27 22.44 -18.05
N LYS B 116 25.94 23.56 -18.28
CA LYS B 116 27.29 23.56 -18.82
C LYS B 116 28.27 23.17 -17.72
N ARG B 117 29.56 23.16 -18.04
CA ARG B 117 30.57 22.78 -17.05
C ARG B 117 30.54 23.76 -15.89
N PRO B 118 30.73 23.29 -14.65
CA PRO B 118 30.93 21.89 -14.28
C PRO B 118 29.64 21.23 -13.82
N ARG B 119 28.52 21.59 -14.43
CA ARG B 119 27.22 21.10 -13.99
C ARG B 119 26.60 20.14 -15.00
N GLU B 120 27.41 19.35 -15.69
CA GLU B 120 26.84 18.36 -16.58
C GLU B 120 26.15 17.26 -15.81
N LEU B 121 26.71 16.87 -14.67
CA LEU B 121 26.17 15.75 -13.91
C LEU B 121 24.91 16.11 -13.15
N VAL B 122 24.81 17.33 -12.64
CA VAL B 122 23.58 17.74 -11.98
C VAL B 122 22.42 17.79 -12.96
N TRP B 123 22.68 18.10 -14.22
CA TRP B 123 21.61 18.04 -15.22
C TRP B 123 21.23 16.62 -15.55
N ILE B 124 22.18 15.69 -15.60
CA ILE B 124 21.82 14.29 -15.83
C ILE B 124 20.96 13.77 -14.70
N VAL B 125 21.36 14.05 -13.45
CA VAL B 125 20.55 13.61 -12.33
C VAL B 125 19.20 14.31 -12.33
N GLY B 126 19.14 15.56 -12.76
CA GLY B 126 17.86 16.24 -12.85
C GLY B 126 16.96 15.66 -13.91
N TRP B 127 17.52 15.25 -15.04
CA TRP B 127 16.71 14.60 -16.05
C TRP B 127 16.22 13.24 -15.58
N LEU B 128 17.02 12.52 -14.80
CA LEU B 128 16.50 11.31 -14.18
C LEU B 128 15.36 11.62 -13.22
N ILE B 129 15.49 12.67 -12.40
CA ILE B 129 14.39 13.13 -11.56
C ILE B 129 13.15 13.31 -12.40
N TYR B 130 13.27 14.07 -13.49
CA TYR B 130 12.12 14.39 -14.34
C TYR B 130 11.50 13.13 -14.92
N PHE B 131 12.32 12.21 -15.42
CA PHE B 131 11.78 11.00 -16.00
C PHE B 131 11.04 10.17 -14.97
N VAL B 132 11.65 9.93 -13.80
CA VAL B 132 10.95 9.12 -12.80
C VAL B 132 9.76 9.86 -12.21
N LEU B 133 9.73 11.18 -12.30
CA LEU B 133 8.60 11.95 -11.82
C LEU B 133 7.42 11.84 -12.77
N ILE B 134 7.68 11.78 -14.08
CA ILE B 134 6.63 11.45 -15.02
C ILE B 134 6.01 10.11 -14.68
N LEU B 135 6.82 9.13 -14.32
CA LEU B 135 6.26 7.83 -13.97
C LEU B 135 5.50 7.86 -12.65
N THR B 136 5.95 8.63 -11.68
CA THR B 136 5.23 8.71 -10.43
C THR B 136 3.89 9.41 -10.58
N ALA B 137 3.80 10.42 -11.44
CA ALA B 137 2.53 11.09 -11.65
C ALA B 137 1.65 10.36 -12.64
N LEU B 138 2.21 9.55 -13.52
CA LEU B 138 1.46 8.81 -14.52
C LEU B 138 0.85 7.56 -13.92
N SER B 139 1.57 6.90 -13.03
CA SER B 139 1.06 5.71 -12.37
C SER B 139 0.14 6.04 -11.22
N GLY B 140 0.32 7.18 -10.57
CA GLY B 140 -0.60 7.55 -9.53
C GLY B 140 -1.92 8.04 -10.01
N TYR B 141 -2.05 8.28 -11.30
CA TYR B 141 -3.31 8.72 -11.86
C TYR B 141 -4.23 7.55 -12.17
N LEU B 142 -3.68 6.35 -12.34
CA LEU B 142 -4.52 5.18 -12.52
C LEU B 142 -5.23 4.81 -11.22
N LEU B 143 -4.64 5.17 -10.09
CA LEU B 143 -5.12 4.65 -8.81
C LEU B 143 -6.56 5.01 -8.48
N PRO B 144 -7.04 6.22 -8.72
CA PRO B 144 -8.46 6.50 -8.45
C PRO B 144 -9.41 5.64 -9.24
N TRP B 145 -8.95 4.99 -10.30
CA TRP B 145 -9.76 4.08 -11.11
C TRP B 145 -11.02 4.76 -11.62
N GLY B 146 -10.90 6.02 -11.99
CA GLY B 146 -11.99 6.76 -12.55
C GLY B 146 -12.16 6.48 -14.02
N GLN B 147 -13.16 7.11 -14.62
CA GLN B 147 -13.48 6.86 -16.01
C GLN B 147 -12.34 7.23 -16.92
N LEU B 148 -11.82 8.44 -16.79
CA LEU B 148 -10.74 8.88 -17.66
C LEU B 148 -9.37 8.57 -17.07
N SER B 149 -9.27 8.28 -15.78
CA SER B 149 -8.02 7.77 -15.25
C SER B 149 -7.61 6.48 -15.93
N TYR B 150 -8.49 5.48 -15.93
CA TYR B 150 -8.23 4.20 -16.58
C TYR B 150 -7.94 4.36 -18.07
N TRP B 151 -8.72 5.20 -18.75
CA TRP B 151 -8.57 5.31 -20.20
C TRP B 151 -7.38 6.15 -20.61
N GLY B 152 -7.02 7.18 -19.84
CA GLY B 152 -5.76 7.85 -20.07
C GLY B 152 -4.56 7.00 -19.77
N PHE B 153 -4.68 6.07 -18.84
CA PHE B 153 -3.62 5.08 -18.67
C PHE B 153 -3.53 4.15 -19.87
N ILE B 154 -4.68 3.68 -20.37
CA ILE B 154 -4.67 2.81 -21.55
C ILE B 154 -4.02 3.52 -22.74
N VAL B 155 -4.45 4.74 -23.04
CA VAL B 155 -3.95 5.42 -24.23
C VAL B 155 -2.48 5.77 -24.05
N THR B 156 -2.05 6.00 -22.81
CA THR B 156 -0.66 6.37 -22.57
C THR B 156 0.28 5.17 -22.65
N THR B 157 -0.17 3.98 -22.26
CA THR B 157 0.66 2.80 -22.37
C THR B 157 0.48 2.07 -23.70
N GLU B 158 -0.49 2.45 -24.50
CA GLU B 158 -0.56 1.97 -25.88
C GLU B 158 0.38 2.72 -26.81
N ILE B 159 0.99 3.81 -26.34
CA ILE B 159 1.90 4.57 -27.19
C ILE B 159 3.14 3.76 -27.56
N PRO B 160 3.84 3.10 -26.62
CA PRO B 160 4.98 2.26 -27.03
C PRO B 160 4.59 1.13 -27.96
N GLY B 161 3.31 0.83 -28.11
CA GLY B 161 2.91 -0.14 -29.12
C GLY B 161 3.11 0.35 -30.54
N SER B 162 3.15 1.66 -30.74
CA SER B 162 3.43 2.22 -32.05
C SER B 162 4.86 1.98 -32.49
N LEU B 163 5.76 1.66 -31.56
CA LEU B 163 7.09 1.20 -31.94
C LEU B 163 7.01 -0.16 -32.59
N ALA B 164 6.17 -1.05 -32.04
CA ALA B 164 5.95 -2.35 -32.65
C ALA B 164 5.30 -2.24 -34.02
N ASP B 165 4.72 -1.09 -34.35
CA ASP B 165 4.22 -0.87 -35.68
C ASP B 165 5.34 -1.01 -36.69
N ALA B 166 5.00 -1.50 -37.86
CA ALA B 166 5.98 -1.71 -38.91
C ALA B 166 6.50 -0.36 -39.43
N PRO B 167 7.80 -0.12 -39.34
CA PRO B 167 8.38 1.03 -40.05
C PRO B 167 8.34 0.77 -41.55
N ILE B 168 8.80 1.76 -42.31
CA ILE B 168 8.88 1.56 -43.75
C ILE B 168 9.93 0.49 -44.07
N LEU B 169 10.91 0.34 -43.19
CA LEU B 169 11.95 -0.68 -43.33
C LEU B 169 12.07 -1.44 -42.02
N LYS B 170 12.42 -2.72 -42.13
CA LYS B 170 12.62 -3.63 -41.00
C LYS B 170 11.36 -3.75 -40.15
N PRO B 171 10.29 -4.41 -40.64
CA PRO B 171 9.09 -4.65 -39.84
C PRO B 171 9.24 -5.83 -38.88
N ILE B 172 10.31 -5.83 -38.08
CA ILE B 172 10.56 -6.88 -37.11
C ILE B 172 10.21 -6.45 -35.69
N PHE B 173 9.93 -5.16 -35.47
CA PHE B 173 9.73 -4.64 -34.14
C PHE B 173 8.51 -5.19 -33.45
N LYS B 174 7.58 -5.79 -34.18
CA LYS B 174 6.48 -6.51 -33.55
C LYS B 174 7.05 -7.55 -32.61
N ALA B 175 6.50 -7.62 -31.40
CA ALA B 175 6.99 -8.47 -30.33
C ALA B 175 8.38 -8.07 -29.87
N ILE B 176 8.84 -6.89 -30.25
CA ILE B 176 10.10 -6.35 -29.78
C ILE B 176 9.81 -5.09 -28.99
N ALA B 177 10.39 -5.02 -27.79
CA ALA B 177 10.09 -3.97 -26.82
C ALA B 177 8.58 -3.88 -26.58
N GLU B 178 7.98 -5.04 -26.35
CA GLU B 178 6.53 -5.13 -26.11
C GLU B 178 6.22 -4.62 -24.72
N THR B 179 6.30 -3.31 -24.53
CA THR B 179 5.94 -2.66 -23.28
C THR B 179 4.43 -2.73 -23.03
N ILE B 180 3.66 -3.15 -24.04
CA ILE B 180 2.23 -3.40 -23.89
C ILE B 180 2.01 -4.60 -22.98
N VAL B 181 2.48 -5.77 -23.38
CA VAL B 181 2.19 -6.97 -22.61
C VAL B 181 3.16 -7.12 -21.44
N LEU B 182 4.44 -6.80 -21.65
CA LEU B 182 5.41 -6.93 -20.58
C LEU B 182 5.17 -5.89 -19.50
N TRP B 183 5.39 -4.63 -19.83
CA TRP B 183 5.29 -3.57 -18.84
C TRP B 183 3.81 -3.27 -18.60
N MET B 184 3.56 -2.10 -18.01
CA MET B 184 2.23 -1.72 -17.57
C MET B 184 1.18 -1.96 -18.66
N LYS B 185 -0.07 -2.08 -18.23
CA LYS B 185 -1.20 -2.74 -18.87
C LYS B 185 -1.18 -4.24 -18.61
N GLY B 186 -0.16 -4.78 -17.92
CA GLY B 186 -0.21 -6.11 -17.37
C GLY B 186 -0.37 -7.24 -18.36
N GLY B 187 -0.63 -6.95 -19.62
CA GLY B 187 -0.81 -7.95 -20.65
C GLY B 187 -2.25 -8.16 -21.03
N TYR B 188 -2.69 -7.45 -22.07
CA TYR B 188 -3.98 -7.61 -22.74
C TYR B 188 -5.15 -7.20 -21.87
N VAL B 189 -4.92 -7.04 -20.57
CA VAL B 189 -5.98 -6.75 -19.61
C VAL B 189 -5.35 -6.01 -18.45
N VAL B 190 -6.04 -4.98 -17.98
CA VAL B 190 -5.70 -4.35 -16.70
C VAL B 190 -6.56 -5.02 -15.64
N THR B 191 -5.95 -5.92 -14.89
CA THR B 191 -6.64 -6.76 -13.92
C THR B 191 -6.29 -6.30 -12.50
N ASP B 192 -6.72 -7.07 -11.52
CA ASP B 192 -6.45 -6.73 -10.13
C ASP B 192 -4.96 -6.77 -9.84
N VAL B 193 -4.23 -7.70 -10.47
CA VAL B 193 -2.79 -7.80 -10.25
C VAL B 193 -2.07 -6.58 -10.78
N THR B 194 -2.49 -6.08 -11.95
CA THR B 194 -1.85 -4.92 -12.52
C THR B 194 -2.11 -3.67 -11.68
N LEU B 195 -3.33 -3.52 -11.17
CA LEU B 195 -3.59 -2.39 -10.29
C LEU B 195 -2.79 -2.49 -9.01
N GLY B 196 -2.68 -3.69 -8.45
CA GLY B 196 -1.81 -3.85 -7.30
C GLY B 196 -0.37 -3.48 -7.59
N ARG B 197 0.13 -3.85 -8.76
CA ARG B 197 1.50 -3.53 -9.13
C ARG B 197 1.71 -2.04 -9.31
N VAL B 198 0.78 -1.36 -9.99
CA VAL B 198 0.89 0.08 -10.17
C VAL B 198 0.78 0.81 -8.83
N PHE B 199 -0.11 0.36 -7.96
CA PHE B 199 -0.21 0.97 -6.63
C PHE B 199 1.09 0.80 -5.87
N GLY B 200 1.62 -0.41 -5.80
CA GLY B 200 2.86 -0.62 -5.06
C GLY B 200 4.00 0.22 -5.59
N SER B 201 4.19 0.21 -6.91
CA SER B 201 5.25 1.03 -7.49
C SER B 201 5.05 2.49 -7.18
N HIS B 202 3.92 3.08 -7.58
CA HIS B 202 3.68 4.49 -7.36
C HIS B 202 3.83 4.89 -5.90
N VAL B 203 3.43 4.04 -4.97
CA VAL B 203 3.44 4.42 -3.57
C VAL B 203 4.82 4.30 -2.94
N LEU B 204 5.58 3.27 -3.26
CA LEU B 204 6.84 3.10 -2.55
C LEU B 204 8.07 3.06 -3.45
N ILE B 205 8.01 2.45 -4.64
CA ILE B 205 9.21 2.24 -5.41
C ILE B 205 9.67 3.54 -6.05
N TYR B 206 8.73 4.34 -6.54
CA TYR B 206 9.09 5.56 -7.24
C TYR B 206 9.46 6.68 -6.28
N PRO B 207 8.70 6.92 -5.21
CA PRO B 207 9.12 7.94 -4.24
C PRO B 207 10.42 7.62 -3.53
N LEU B 208 10.80 6.36 -3.37
CA LEU B 208 12.10 6.07 -2.80
C LEU B 208 13.24 6.39 -3.74
N ILE B 209 13.13 6.01 -5.02
CA ILE B 209 14.15 6.40 -5.98
C ILE B 209 13.98 7.84 -6.43
N LEU B 210 12.98 8.55 -5.91
CA LEU B 210 12.98 10.01 -5.95
C LEU B 210 13.68 10.62 -4.76
N LEU B 211 13.51 10.07 -3.58
CA LEU B 211 14.27 10.57 -2.44
C LEU B 211 15.76 10.39 -2.66
N ALA B 212 16.16 9.21 -3.15
CA ALA B 212 17.57 9.00 -3.47
C ALA B 212 18.07 9.98 -4.52
N LEU B 213 17.34 10.14 -5.61
CA LEU B 213 17.75 11.01 -6.68
C LEU B 213 17.73 12.48 -6.29
N VAL B 214 16.76 12.91 -5.48
CA VAL B 214 16.76 14.30 -5.02
C VAL B 214 17.91 14.54 -4.08
N GLY B 215 18.26 13.56 -3.24
CA GLY B 215 19.44 13.70 -2.42
C GLY B 215 20.70 13.86 -3.25
N ILE B 216 20.88 12.98 -4.24
CA ILE B 216 22.05 13.09 -5.09
C ILE B 216 22.07 14.42 -5.84
N HIS B 217 20.91 14.87 -6.31
CA HIS B 217 20.83 16.13 -7.03
C HIS B 217 21.21 17.30 -6.14
N LEU B 218 20.69 17.33 -4.92
CA LEU B 218 21.00 18.42 -4.01
C LEU B 218 22.46 18.39 -3.61
N TYR B 219 23.06 17.21 -3.51
CA TYR B 219 24.48 17.16 -3.20
C TYR B 219 25.31 17.66 -4.37
N LEU B 220 24.93 17.28 -5.58
CA LEU B 220 25.68 17.71 -6.75
C LEU B 220 25.55 19.21 -7.00
N VAL B 221 24.43 19.81 -6.62
CA VAL B 221 24.31 21.26 -6.75
C VAL B 221 25.28 21.96 -5.84
N ARG B 222 25.46 21.43 -4.62
CA ARG B 222 26.39 22.04 -3.68
C ARG B 222 27.83 21.80 -4.10
N ALA B 223 28.14 20.59 -4.54
CA ALA B 223 29.50 20.26 -4.94
C ALA B 223 29.96 21.10 -6.12
N ALA B 224 29.04 21.47 -7.01
CA ALA B 224 29.38 22.24 -8.19
C ALA B 224 29.13 23.74 -8.03
N GLY B 225 28.44 24.15 -6.97
CA GLY B 225 28.17 25.55 -6.77
C GLY B 225 27.03 26.04 -7.64
N ILE B 226 26.23 26.96 -7.11
CA ILE B 226 25.06 27.43 -7.84
C ILE B 226 25.48 28.51 -8.82
N SER B 227 25.02 28.39 -10.06
CA SER B 227 25.44 29.27 -11.13
C SER B 227 24.75 30.63 -11.02
N ASN B 228 25.53 31.69 -11.15
CA ASN B 228 24.92 33.01 -11.06
C ASN B 228 24.38 33.45 -12.41
N PRO B 229 23.33 34.28 -12.41
CA PRO B 229 22.66 34.63 -13.67
C PRO B 229 23.44 35.57 -14.56
N GLU B 230 24.66 35.96 -14.21
CA GLU B 230 25.41 36.84 -15.08
C GLU B 230 26.21 36.06 -16.11
N GLY B 231 26.74 34.91 -15.70
CA GLY B 231 27.54 34.08 -16.57
C GLY B 231 29.01 34.04 -16.25
N ILE B 232 29.53 35.04 -15.52
CA ILE B 232 30.94 35.04 -15.16
C ILE B 232 31.26 33.97 -14.12
N GLU B 233 30.28 33.53 -13.36
CA GLU B 233 30.33 32.30 -12.57
C GLU B 233 31.20 32.43 -11.33
N TYR B 234 31.98 33.50 -11.23
CA TYR B 234 32.73 33.76 -10.00
C TYR B 234 33.51 35.07 -10.04
N ASP B 235 33.86 35.56 -8.86
CA ASP B 235 35.01 36.42 -8.64
C ASP B 235 35.56 35.94 -7.30
N LYS B 236 35.65 34.63 -7.15
CA LYS B 236 35.87 34.02 -5.84
C LYS B 236 37.27 34.33 -5.32
N LYS B 237 37.40 34.25 -3.99
CA LYS B 237 38.56 34.67 -3.20
C LYS B 237 38.78 36.16 -3.28
N LYS B 238 38.00 36.87 -4.09
CA LYS B 238 38.05 38.32 -4.22
C LYS B 238 36.63 38.87 -4.17
N ASN B 239 36.51 40.16 -4.43
CA ASN B 239 35.25 40.84 -4.65
C ASN B 239 34.22 40.53 -3.57
N PRO B 240 34.34 41.10 -2.38
CA PRO B 240 33.24 41.07 -1.42
C PRO B 240 32.09 41.92 -1.93
N ASP B 241 31.07 42.08 -1.07
CA ASP B 241 29.88 42.85 -1.38
C ASP B 241 29.13 42.28 -2.59
N LYS B 242 29.52 41.08 -3.02
CA LYS B 242 28.84 40.37 -4.09
C LYS B 242 28.17 39.10 -3.59
N PHE B 243 28.36 38.72 -2.32
CA PHE B 243 27.94 37.41 -1.86
C PHE B 243 26.96 37.44 -0.70
N VAL B 244 27.21 38.23 0.34
CA VAL B 244 26.23 38.44 1.42
C VAL B 244 25.61 37.12 1.88
N PRO B 245 26.29 36.36 2.73
CA PRO B 245 26.05 34.92 2.86
C PRO B 245 24.61 34.47 3.06
N PHE B 246 24.41 33.16 2.87
CA PHE B 246 23.08 32.56 2.76
C PHE B 246 22.15 33.02 3.88
N HIS B 247 22.52 32.78 5.10
CA HIS B 247 21.64 33.17 6.19
C HIS B 247 22.01 34.56 6.67
N PRO B 248 21.05 35.49 6.81
CA PRO B 248 19.65 35.35 6.49
C PRO B 248 19.25 36.09 5.22
N TYR B 249 20.22 36.40 4.37
CA TYR B 249 19.89 37.15 3.17
C TYR B 249 19.04 36.34 2.21
N MET B 250 19.24 35.03 2.15
CA MET B 250 18.50 34.18 1.24
C MET B 250 17.62 33.15 1.93
N THR B 251 17.93 32.80 3.18
CA THR B 251 17.13 31.81 3.89
C THR B 251 15.84 32.38 4.45
N LEU B 252 15.68 33.70 4.45
CA LEU B 252 14.39 34.29 4.77
C LEU B 252 13.66 34.79 3.53
N LYS B 253 14.39 35.06 2.45
CA LYS B 253 13.75 35.33 1.18
C LYS B 253 13.03 34.10 0.66
N GLU B 254 13.70 32.96 0.65
CA GLU B 254 13.02 31.70 0.37
C GLU B 254 11.99 31.38 1.44
N GLY B 255 12.26 31.71 2.69
CA GLY B 255 11.30 31.45 3.73
C GLY B 255 9.99 32.18 3.51
N ALA B 256 10.03 33.31 2.82
CA ALA B 256 8.81 34.03 2.51
C ALA B 256 8.21 33.59 1.19
N TYR B 257 9.03 33.32 0.19
CA TYR B 257 8.49 32.81 -1.07
C TYR B 257 7.82 31.46 -0.89
N VAL B 258 8.31 30.62 0.01
CA VAL B 258 7.66 29.35 0.28
C VAL B 258 6.28 29.56 0.88
N MET B 259 6.16 30.50 1.82
CA MET B 259 4.86 30.77 2.40
C MET B 259 3.89 31.34 1.37
N TRP B 260 4.35 32.23 0.52
CA TRP B 260 3.45 32.76 -0.50
C TRP B 260 3.06 31.70 -1.52
N TYR B 261 4.00 30.83 -1.88
CA TYR B 261 3.67 29.72 -2.77
C TYR B 261 2.67 28.77 -2.13
N LEU B 262 2.79 28.54 -0.83
CA LEU B 262 1.82 27.73 -0.14
C LEU B 262 0.47 28.40 -0.04
N ALA B 263 0.40 29.73 0.05
CA ALA B 263 -0.89 30.39 -0.06
C ALA B 263 -1.51 30.22 -1.43
N VAL B 264 -0.73 30.37 -2.49
CA VAL B 264 -1.27 30.13 -3.83
C VAL B 264 -1.70 28.68 -3.99
N PHE B 265 -0.98 27.75 -3.36
CA PHE B 265 -1.30 26.34 -3.45
C PHE B 265 -2.59 26.01 -2.71
N PHE B 266 -2.73 26.52 -1.50
CA PHE B 266 -3.92 26.28 -0.72
C PHE B 266 -5.11 27.11 -1.18
N PHE B 267 -4.91 28.03 -2.11
CA PHE B 267 -6.08 28.56 -2.79
C PHE B 267 -6.70 27.52 -3.70
N PHE B 268 -5.88 26.83 -4.50
CA PHE B 268 -6.39 25.78 -5.36
C PHE B 268 -6.90 24.59 -4.58
N VAL B 269 -6.25 24.25 -3.47
CA VAL B 269 -6.68 23.10 -2.69
C VAL B 269 -8.11 23.30 -2.21
N PHE B 270 -8.44 24.49 -1.75
CA PHE B 270 -9.71 24.73 -1.08
C PHE B 270 -10.79 25.20 -2.04
N PHE B 271 -10.50 26.19 -2.89
CA PHE B 271 -11.53 26.96 -3.56
C PHE B 271 -11.66 26.70 -5.04
N HIS B 272 -10.64 26.16 -5.70
CA HIS B 272 -10.77 25.87 -7.13
C HIS B 272 -10.01 24.58 -7.41
N ILE B 273 -10.72 23.46 -7.33
CA ILE B 273 -10.10 22.17 -7.60
C ILE B 273 -10.94 21.41 -8.61
N SER B 274 -11.87 22.10 -9.26
CA SER B 274 -12.65 21.42 -10.28
C SER B 274 -11.83 21.04 -11.49
N HIS B 275 -10.53 21.28 -11.49
CA HIS B 275 -9.69 20.96 -12.62
C HIS B 275 -8.55 20.02 -12.28
N PHE B 276 -8.25 19.82 -11.00
CA PHE B 276 -7.27 18.85 -10.54
C PHE B 276 -7.91 17.50 -10.21
N LEU B 277 -9.06 17.52 -9.58
CA LEU B 277 -9.94 16.38 -9.57
C LEU B 277 -11.02 16.66 -10.60
N PRO B 278 -10.81 16.33 -11.87
CA PRO B 278 -11.77 16.70 -12.89
C PRO B 278 -13.09 15.98 -12.65
N PRO B 279 -14.22 16.65 -12.87
CA PRO B 279 -15.49 16.00 -12.54
C PRO B 279 -15.71 14.72 -13.33
N GLU B 280 -15.30 14.69 -14.59
CA GLU B 280 -15.53 13.52 -15.42
C GLU B 280 -14.66 12.33 -15.04
N ASN B 281 -13.83 12.46 -14.01
CA ASN B 281 -13.11 11.34 -13.44
C ASN B 281 -13.81 10.76 -12.22
N PHE B 282 -14.98 11.28 -11.88
CA PHE B 282 -15.78 10.77 -10.79
C PHE B 282 -16.80 9.74 -11.27
N GLU B 283 -16.56 9.13 -12.41
CA GLU B 283 -17.37 8.03 -12.88
C GLU B 283 -16.53 6.77 -12.88
N PRO B 284 -17.00 5.69 -12.26
CA PRO B 284 -16.17 4.49 -12.14
C PRO B 284 -15.84 3.92 -13.51
N ALA B 285 -14.59 3.49 -13.66
CA ALA B 285 -14.10 3.06 -14.95
C ALA B 285 -14.79 1.78 -15.38
N ASN B 286 -15.33 1.79 -16.59
CA ASN B 286 -15.72 0.52 -17.17
C ASN B 286 -14.98 0.33 -18.49
N PRO B 287 -14.30 -0.80 -18.66
CA PRO B 287 -13.44 -0.98 -19.83
C PRO B 287 -14.18 -1.14 -21.15
N LEU B 288 -15.51 -1.04 -21.16
CA LEU B 288 -16.27 -1.18 -22.39
C LEU B 288 -16.73 0.15 -22.98
N LYS B 289 -16.68 1.23 -22.23
CA LYS B 289 -17.14 2.53 -22.69
C LYS B 289 -15.97 3.50 -22.73
N THR B 290 -15.65 3.99 -23.89
CA THR B 290 -14.54 4.93 -24.06
C THR B 290 -15.08 6.36 -23.99
N PRO B 291 -14.46 7.23 -23.20
CA PRO B 291 -14.86 8.64 -23.20
C PRO B 291 -14.58 9.27 -24.55
N ALA B 292 -15.08 10.49 -24.72
CA ALA B 292 -14.96 11.15 -26.01
C ALA B 292 -13.52 11.53 -26.32
N HIS B 293 -12.95 12.43 -25.53
CA HIS B 293 -11.59 12.93 -25.76
C HIS B 293 -10.75 12.47 -24.58
N ILE B 294 -9.74 11.65 -24.86
CA ILE B 294 -9.04 10.94 -23.80
C ILE B 294 -7.54 11.20 -23.84
N ALA B 295 -7.15 12.40 -24.25
CA ALA B 295 -5.74 12.77 -24.25
C ALA B 295 -5.17 12.68 -22.84
N PRO B 296 -3.85 12.46 -22.71
CA PRO B 296 -3.25 12.31 -21.37
C PRO B 296 -3.25 13.59 -20.56
N GLU B 297 -2.68 13.54 -19.36
CA GLU B 297 -2.72 14.68 -18.47
C GLU B 297 -1.71 15.74 -18.91
N TRP B 298 -1.91 16.97 -18.45
CA TRP B 298 -1.33 18.13 -19.11
C TRP B 298 0.18 18.11 -19.21
N TYR B 299 0.88 17.44 -18.29
CA TYR B 299 2.33 17.44 -18.38
C TYR B 299 2.86 16.54 -19.47
N LEU B 300 2.01 15.73 -20.09
CA LEU B 300 2.41 14.87 -21.18
C LEU B 300 1.80 15.28 -22.50
N LEU B 301 0.96 16.31 -22.50
CA LEU B 301 0.35 16.78 -23.72
C LEU B 301 1.33 17.46 -24.65
N GLY B 302 2.41 18.03 -24.12
CA GLY B 302 3.43 18.60 -24.98
C GLY B 302 4.06 17.56 -25.88
N TYR B 303 4.19 16.32 -25.40
CA TYR B 303 4.69 15.23 -26.22
C TYR B 303 3.59 14.52 -26.97
N TYR B 304 2.38 14.51 -26.42
CA TYR B 304 1.24 13.92 -27.11
C TYR B 304 0.82 14.73 -28.32
N GLU B 305 1.16 16.00 -28.38
CA GLU B 305 0.88 16.78 -29.58
C GLU B 305 1.94 16.60 -30.64
N VAL B 306 3.20 16.40 -30.27
CA VAL B 306 4.20 15.98 -31.24
C VAL B 306 3.81 14.64 -31.83
N PHE B 307 3.61 13.64 -30.98
CA PHE B 307 2.91 12.43 -31.37
C PHE B 307 1.54 12.80 -31.94
N ARG B 308 0.96 11.88 -32.69
CA ARG B 308 -0.36 12.04 -33.32
C ARG B 308 -0.47 13.33 -34.14
N SER B 309 0.66 13.95 -34.45
CA SER B 309 0.73 14.98 -35.48
C SER B 309 1.50 14.53 -36.69
N ILE B 310 2.59 13.79 -36.50
CA ILE B 310 3.17 13.08 -37.63
C ILE B 310 2.18 12.04 -38.12
N PRO B 311 1.85 12.00 -39.41
CA PRO B 311 0.82 11.06 -39.87
C PRO B 311 1.15 9.61 -39.59
N SER B 312 2.43 9.26 -39.49
CA SER B 312 2.81 7.91 -39.12
C SER B 312 2.86 7.77 -37.61
N LYS B 313 2.63 6.56 -37.12
CA LYS B 313 2.70 6.33 -35.68
C LYS B 313 4.12 6.01 -35.23
N PHE B 314 4.86 5.26 -36.02
CA PHE B 314 6.22 4.91 -35.64
C PHE B 314 7.13 6.14 -35.59
N TRP B 315 7.07 6.96 -36.63
CA TRP B 315 7.87 8.18 -36.61
C TRP B 315 7.39 9.14 -35.53
N GLY B 316 6.11 9.13 -35.20
CA GLY B 316 5.61 9.92 -34.10
C GLY B 316 6.20 9.47 -32.78
N PHE B 317 6.33 8.16 -32.60
CA PHE B 317 6.96 7.65 -31.39
C PHE B 317 8.44 7.99 -31.34
N VAL B 318 9.13 7.90 -32.48
CA VAL B 318 10.54 8.27 -32.52
C VAL B 318 10.72 9.74 -32.17
N ALA B 319 9.81 10.60 -32.64
CA ALA B 319 9.89 12.01 -32.26
C ALA B 319 9.56 12.22 -30.79
N PHE B 320 8.53 11.55 -30.27
CA PHE B 320 8.24 11.55 -28.84
C PHE B 320 9.50 11.29 -28.04
N ASN B 321 10.26 10.26 -28.40
CA ASN B 321 11.43 9.87 -27.62
C ASN B 321 12.65 10.72 -27.88
N ALA B 322 12.84 11.21 -29.11
CA ALA B 322 13.93 12.12 -29.36
C ALA B 322 13.75 13.44 -28.63
N LEU B 323 12.50 13.88 -28.46
CA LEU B 323 12.26 15.12 -27.74
C LEU B 323 12.58 14.98 -26.26
N LEU B 324 12.42 13.79 -25.69
CA LEU B 324 12.87 13.52 -24.34
C LEU B 324 14.37 13.33 -24.25
N LEU B 325 14.98 12.66 -25.22
CA LEU B 325 16.40 12.38 -25.19
C LEU B 325 17.22 13.62 -25.45
N LEU B 326 16.67 14.62 -26.12
CA LEU B 326 17.40 15.85 -26.35
C LEU B 326 17.41 16.77 -25.14
N LEU B 327 16.73 16.39 -24.06
CA LEU B 327 16.91 17.06 -22.79
C LEU B 327 17.99 16.42 -21.94
N LEU B 328 18.23 15.12 -22.12
CA LEU B 328 19.37 14.48 -21.49
C LEU B 328 20.67 14.98 -22.09
N LEU B 329 20.77 14.92 -23.42
CA LEU B 329 21.98 15.31 -24.12
C LEU B 329 22.08 16.81 -24.32
N LEU B 330 21.25 17.60 -23.65
CA LEU B 330 21.33 19.04 -23.80
C LEU B 330 22.65 19.64 -23.35
N PRO B 331 23.27 19.24 -22.24
CA PRO B 331 24.58 19.82 -21.90
C PRO B 331 25.67 19.44 -22.85
N PHE B 332 25.65 18.21 -23.36
CA PHE B 332 26.62 17.79 -24.37
C PHE B 332 26.32 18.36 -25.74
N LEU B 333 25.11 18.87 -25.94
CA LEU B 333 24.69 19.42 -27.21
C LEU B 333 25.06 20.89 -27.35
N ASP B 334 25.15 21.59 -26.22
CA ASP B 334 25.54 22.98 -26.19
C ASP B 334 26.95 23.09 -25.62
N PHE B 335 27.90 23.52 -26.45
CA PHE B 335 29.29 23.64 -26.02
C PHE B 335 29.74 25.06 -26.32
N SER B 336 29.92 25.87 -25.28
CA SER B 336 30.34 27.25 -25.50
C SER B 336 30.93 27.78 -24.21
N PRO B 337 31.84 28.75 -24.29
CA PRO B 337 32.32 29.39 -23.06
C PRO B 337 31.27 30.24 -22.39
N LEU B 338 30.42 30.91 -23.17
CA LEU B 338 29.39 31.77 -22.60
C LEU B 338 28.36 30.94 -21.85
N LYS B 339 27.82 31.51 -20.78
CA LYS B 339 26.94 30.76 -19.90
C LYS B 339 25.50 31.26 -19.90
N SER B 340 25.23 32.48 -19.47
CA SER B 340 23.85 32.84 -19.25
C SER B 340 23.18 33.19 -20.57
N ALA B 341 21.86 33.41 -20.53
CA ALA B 341 21.13 33.93 -21.67
C ALA B 341 21.14 35.45 -21.71
N ARG B 342 21.39 36.12 -20.58
CA ARG B 342 21.72 37.53 -20.63
C ARG B 342 22.99 37.79 -21.42
N ARG B 343 23.89 36.81 -21.46
CA ARG B 343 25.19 36.93 -22.09
C ARG B 343 25.19 36.46 -23.53
N ARG B 344 24.20 35.68 -23.95
CA ARG B 344 24.11 35.19 -25.32
C ARG B 344 22.86 35.77 -25.98
N PRO B 345 23.00 36.80 -26.83
CA PRO B 345 21.81 37.41 -27.44
C PRO B 345 21.17 36.55 -28.50
N LEU B 346 21.87 35.57 -29.04
CA LEU B 346 21.32 34.69 -30.07
C LEU B 346 20.67 33.45 -29.48
N PHE B 347 21.06 33.05 -28.27
CA PHE B 347 20.41 31.96 -27.59
C PHE B 347 19.11 32.40 -26.94
N PHE B 348 19.03 33.66 -26.55
CA PHE B 348 17.80 34.17 -25.95
C PHE B 348 16.64 34.08 -26.94
N VAL B 349 16.90 34.36 -28.21
CA VAL B 349 15.84 34.27 -29.21
C VAL B 349 15.37 32.83 -29.37
N MET B 350 16.30 31.88 -29.49
CA MET B 350 15.90 30.48 -29.59
C MET B 350 15.22 29.99 -28.33
N PHE B 351 15.56 30.52 -27.16
CA PHE B 351 14.87 30.09 -25.95
C PHE B 351 13.46 30.65 -25.89
N VAL B 352 13.26 31.89 -26.33
CA VAL B 352 11.89 32.40 -26.41
C VAL B 352 11.08 31.56 -27.37
N ILE B 353 11.65 31.21 -28.53
CA ILE B 353 10.95 30.36 -29.49
C ILE B 353 10.61 29.02 -28.86
N PHE B 354 11.57 28.40 -28.17
CA PHE B 354 11.36 27.10 -27.54
C PHE B 354 10.30 27.15 -26.45
N MET B 355 10.33 28.16 -25.60
CA MET B 355 9.35 28.27 -24.53
C MET B 355 7.95 28.53 -25.08
N ILE B 356 7.83 29.39 -26.09
CA ILE B 356 6.52 29.65 -26.69
C ILE B 356 5.99 28.40 -27.37
N SER B 357 6.83 27.72 -28.14
CA SER B 357 6.40 26.53 -28.87
C SER B 357 6.23 25.31 -28.00
N SER B 358 6.74 25.34 -26.76
CA SER B 358 6.44 24.29 -25.80
C SER B 358 5.17 24.56 -25.02
N MET B 359 4.84 25.82 -24.76
CA MET B 359 3.51 26.12 -24.24
C MET B 359 2.44 25.82 -25.27
N ALA B 360 2.66 26.23 -26.52
CA ALA B 360 1.67 26.04 -27.57
C ALA B 360 1.39 24.59 -27.85
N LEU B 361 2.37 23.71 -27.77
CA LEU B 361 2.10 22.28 -27.91
C LEU B 361 1.25 21.74 -26.79
N THR B 362 1.54 22.13 -25.55
CA THR B 362 0.72 21.67 -24.44
C THR B 362 -0.71 22.18 -24.57
N ILE B 363 -0.90 23.37 -25.11
CA ILE B 363 -2.25 23.89 -25.27
C ILE B 363 -2.97 23.21 -26.44
N LEU B 364 -2.26 22.97 -27.53
CA LEU B 364 -2.87 22.28 -28.66
C LEU B 364 -3.17 20.83 -28.34
N GLY B 365 -2.48 20.24 -27.37
CA GLY B 365 -2.77 18.87 -26.99
C GLY B 365 -4.09 18.67 -26.29
N THR B 366 -4.71 19.74 -25.81
CA THR B 366 -6.00 19.62 -25.14
C THR B 366 -7.16 19.63 -26.12
N MET B 367 -6.99 20.24 -27.28
CA MET B 367 -8.05 20.41 -28.25
C MET B 367 -8.26 19.13 -29.05
N PRO B 368 -9.44 18.96 -29.67
CA PRO B 368 -9.69 17.73 -30.43
C PRO B 368 -8.87 17.70 -31.70
N PRO B 369 -8.52 16.52 -32.19
CA PRO B 369 -7.58 16.38 -33.32
C PRO B 369 -8.18 16.67 -34.70
N THR B 370 -8.37 17.94 -34.98
CA THR B 370 -8.75 18.33 -36.33
C THR B 370 -7.50 18.43 -37.20
N PRO B 371 -7.65 18.31 -38.52
CA PRO B 371 -6.47 18.40 -39.40
C PRO B 371 -5.74 19.73 -39.31
N GLN B 372 -6.44 20.84 -39.12
CA GLN B 372 -5.76 22.10 -38.88
C GLN B 372 -4.98 22.08 -37.58
N ASN B 373 -5.54 21.43 -36.55
CA ASN B 373 -4.79 21.24 -35.33
C ASN B 373 -3.52 20.45 -35.58
N ALA B 374 -3.56 19.45 -36.46
CA ALA B 374 -2.35 18.70 -36.78
C ALA B 374 -1.34 19.54 -37.55
N LYS B 375 -1.80 20.40 -38.47
CA LYS B 375 -0.89 21.33 -39.12
C LYS B 375 -0.19 22.23 -38.11
N LEU B 376 -0.95 22.76 -37.15
CA LEU B 376 -0.35 23.60 -36.12
C LEU B 376 0.61 22.81 -35.23
N GLY B 377 0.24 21.59 -34.86
CA GLY B 377 1.10 20.75 -34.06
C GLY B 377 2.36 20.33 -34.74
N LEU B 378 2.37 20.32 -36.07
CA LEU B 378 3.60 20.12 -36.81
C LEU B 378 4.42 21.40 -36.91
N ILE B 379 3.77 22.54 -37.14
CA ILE B 379 4.48 23.81 -37.19
C ILE B 379 5.21 24.06 -35.88
N PHE B 380 4.58 23.72 -34.76
CA PHE B 380 5.21 23.99 -33.46
C PHE B 380 6.22 22.92 -33.08
N ALA B 381 5.97 21.67 -33.45
CA ALA B 381 6.99 20.65 -33.23
C ALA B 381 8.26 20.95 -33.99
N ALA B 382 8.15 21.46 -35.21
CA ALA B 382 9.33 21.91 -35.94
C ALA B 382 10.11 22.98 -35.19
N LEU B 383 9.43 23.98 -34.62
CA LEU B 383 10.14 25.01 -33.87
C LEU B 383 10.74 24.49 -32.58
N VAL B 384 10.08 23.54 -31.91
CA VAL B 384 10.68 22.96 -30.71
C VAL B 384 11.94 22.17 -31.06
N PHE B 385 11.92 21.46 -32.19
CA PHE B 385 13.13 20.77 -32.61
C PHE B 385 14.19 21.72 -33.12
N ALA B 386 13.80 22.88 -33.64
CA ALA B 386 14.78 23.84 -34.11
C ALA B 386 15.61 24.41 -32.98
N PHE B 387 15.07 24.41 -31.76
CA PHE B 387 15.87 24.87 -30.62
C PHE B 387 17.03 23.93 -30.34
N PHE B 388 16.81 22.63 -30.47
CA PHE B 388 17.87 21.66 -30.24
C PHE B 388 18.80 21.52 -31.44
N ILE B 389 18.28 21.65 -32.66
CA ILE B 389 19.13 21.58 -33.84
C ILE B 389 19.99 22.81 -34.00
N SER B 390 19.65 23.92 -33.34
CA SER B 390 20.42 25.15 -33.47
C SER B 390 21.40 25.38 -32.35
N LEU B 391 21.36 24.60 -31.28
CA LEU B 391 22.30 24.78 -30.19
C LEU B 391 23.74 24.57 -30.64
N PRO B 392 24.07 23.50 -31.38
CA PRO B 392 25.45 23.39 -31.89
C PRO B 392 25.82 24.46 -32.90
N ILE B 393 24.87 24.96 -33.69
CA ILE B 393 25.20 26.02 -34.62
C ILE B 393 25.48 27.32 -33.88
N ILE B 394 24.64 27.65 -32.89
CA ILE B 394 24.92 28.82 -32.06
C ILE B 394 26.24 28.65 -31.34
N SER B 395 26.57 27.42 -30.93
CA SER B 395 27.84 27.19 -30.27
C SER B 395 29.01 27.45 -31.20
N PHE B 396 28.95 26.94 -32.43
CA PHE B 396 30.00 27.23 -33.39
C PHE B 396 30.12 28.72 -33.66
N ILE B 397 29.00 29.44 -33.67
CA ILE B 397 29.06 30.87 -33.91
C ILE B 397 29.73 31.58 -32.74
N GLU B 398 29.36 31.23 -31.52
CA GLU B 398 29.94 31.87 -30.35
C GLU B 398 31.36 31.41 -30.08
N TYR B 399 31.73 30.20 -30.53
CA TYR B 399 33.08 29.71 -30.33
C TYR B 399 34.10 30.55 -31.07
N GLY B 400 33.69 31.22 -32.14
CA GLY B 400 34.51 32.17 -32.85
C GLY B 400 34.29 33.62 -32.46
N TRP B 401 33.39 33.87 -31.52
CA TRP B 401 33.08 35.22 -31.04
C TRP B 401 32.71 36.17 -32.18
N THR C 3 12.80 49.88 -18.62
CA THR C 3 14.03 49.09 -18.60
C THR C 3 13.80 47.74 -19.24
N TRP C 4 14.88 47.08 -19.66
CA TRP C 4 14.77 45.82 -20.36
C TRP C 4 14.42 44.68 -19.42
N GLY C 5 14.91 44.72 -18.18
CA GLY C 5 14.52 43.73 -17.19
C GLY C 5 13.04 43.72 -16.90
N LEU C 6 12.39 44.88 -16.95
CA LEU C 6 10.95 44.92 -16.76
C LEU C 6 10.21 44.21 -17.88
N ILE C 7 10.64 44.38 -19.13
CA ILE C 7 10.02 43.66 -20.23
C ILE C 7 10.27 42.17 -20.10
N LYS C 8 11.50 41.78 -19.78
CA LYS C 8 11.77 40.37 -19.52
C LYS C 8 10.85 39.80 -18.46
N THR C 9 10.62 40.55 -17.37
CA THR C 9 9.79 40.03 -16.30
C THR C 9 8.34 39.92 -16.73
N ILE C 10 7.75 40.99 -17.27
CA ILE C 10 6.35 40.95 -17.66
C ILE C 10 6.12 40.08 -18.89
N PHE C 11 7.17 39.59 -19.52
CA PHE C 11 7.00 38.57 -20.56
C PHE C 11 7.12 37.16 -20.02
N PHE C 12 8.19 36.84 -19.29
CA PHE C 12 8.37 35.47 -18.82
C PHE C 12 7.39 35.13 -17.71
N ALA C 13 6.82 36.13 -17.04
CA ALA C 13 5.74 35.89 -16.11
C ALA C 13 4.37 36.03 -16.74
N GLY C 14 4.21 36.99 -17.66
CA GLY C 14 2.96 37.12 -18.37
C GLY C 14 2.59 35.88 -19.16
N SER C 15 3.52 35.37 -19.96
CA SER C 15 3.24 34.17 -20.73
C SER C 15 3.02 32.96 -19.85
N THR C 16 3.74 32.84 -18.74
CA THR C 16 3.52 31.72 -17.83
C THR C 16 2.15 31.79 -17.16
N LEU C 17 1.74 32.97 -16.69
CA LEU C 17 0.40 33.10 -16.12
C LEU C 17 -0.67 32.86 -17.15
N VAL C 18 -0.53 33.42 -18.37
CA VAL C 18 -1.49 33.15 -19.41
C VAL C 18 -1.52 31.69 -19.81
N PHE C 19 -0.40 30.98 -19.72
CA PHE C 19 -0.39 29.56 -20.04
C PHE C 19 -1.08 28.75 -18.98
N PHE C 20 -0.70 28.93 -17.72
CA PHE C 20 -1.35 28.18 -16.66
C PHE C 20 -2.79 28.61 -16.43
N PHE C 21 -3.19 29.80 -16.86
CA PHE C 21 -4.57 30.22 -16.78
C PHE C 21 -5.41 29.38 -17.72
N LEU C 22 -5.14 29.47 -19.02
CA LEU C 22 -5.91 28.70 -19.99
C LEU C 22 -5.48 27.25 -20.05
N LEU C 23 -4.64 26.80 -19.12
CA LEU C 23 -4.46 25.37 -18.91
C LEU C 23 -5.15 24.85 -17.66
N TRP C 24 -5.36 25.71 -16.65
CA TRP C 24 -5.94 25.25 -15.40
C TRP C 24 -7.33 25.76 -15.12
N PHE C 25 -7.79 26.81 -15.82
CA PHE C 25 -9.22 27.10 -15.82
C PHE C 25 -9.58 28.06 -16.94
N TYR C 26 -10.67 27.73 -17.63
CA TYR C 26 -11.17 28.45 -18.80
C TYR C 26 -10.15 28.44 -19.94
N ASN C 27 -9.94 27.26 -20.48
CA ASN C 27 -9.37 27.14 -21.80
C ASN C 27 -10.42 27.52 -22.83
N PRO C 28 -10.32 28.69 -23.47
CA PRO C 28 -11.42 29.17 -24.32
C PRO C 28 -11.52 28.48 -25.66
N PHE C 29 -10.67 27.51 -25.95
CA PHE C 29 -10.68 26.84 -27.24
C PHE C 29 -11.31 25.46 -27.20
N LYS C 30 -11.56 24.92 -26.01
CA LYS C 30 -12.39 23.74 -25.86
C LYS C 30 -13.84 24.19 -25.73
N HIS C 31 -14.71 23.61 -26.57
CA HIS C 31 -16.10 24.04 -26.68
C HIS C 31 -17.06 22.95 -26.24
N VAL C 32 -16.77 22.31 -25.11
CA VAL C 32 -17.67 21.31 -24.55
C VAL C 32 -19.03 21.95 -24.28
N GLU C 33 -20.09 21.17 -24.45
CA GLU C 33 -21.42 21.73 -24.35
C GLU C 33 -21.88 21.82 -22.90
N HIS C 34 -22.79 22.75 -22.64
CA HIS C 34 -23.27 23.04 -21.31
C HIS C 34 -24.79 22.91 -21.27
N TYR C 35 -25.31 22.36 -20.18
CA TYR C 35 -26.73 22.21 -19.96
C TYR C 35 -27.14 23.07 -18.76
N GLU C 36 -28.27 23.76 -18.89
CA GLU C 36 -28.73 24.65 -17.85
C GLU C 36 -30.00 24.11 -17.21
N VAL C 37 -30.14 24.38 -15.91
CA VAL C 37 -31.38 24.08 -15.21
C VAL C 37 -32.47 25.03 -15.68
N ASP C 38 -33.70 24.52 -15.78
CA ASP C 38 -34.76 25.22 -16.51
C ASP C 38 -35.20 26.51 -15.87
N GLU C 39 -34.74 26.83 -14.65
CA GLU C 39 -34.98 28.12 -14.03
C GLU C 39 -36.46 28.25 -13.66
N GLU C 40 -37.27 27.27 -14.06
CA GLU C 40 -38.62 27.18 -13.51
C GLU C 40 -38.55 26.94 -12.02
N VAL C 41 -37.50 26.26 -11.56
CA VAL C 41 -37.23 26.20 -10.13
C VAL C 41 -35.86 26.79 -9.82
N LYS C 42 -34.79 26.09 -10.22
CA LYS C 42 -33.41 26.51 -9.98
C LYS C 42 -33.17 26.83 -8.50
N ALA C 43 -34.16 26.55 -7.66
CA ALA C 43 -34.07 26.81 -6.23
C ALA C 43 -34.38 25.56 -5.42
N ILE C 44 -35.04 24.58 -6.03
CA ILE C 44 -35.14 23.26 -5.41
C ILE C 44 -33.76 22.61 -5.36
N ILE C 45 -32.91 22.91 -6.34
CA ILE C 45 -31.59 22.29 -6.40
C ILE C 45 -30.53 23.09 -5.67
N ASP C 46 -30.66 24.41 -5.59
CA ASP C 46 -29.61 25.22 -4.96
C ASP C 46 -29.51 24.94 -3.47
N ASN C 47 -30.62 24.56 -2.84
CA ASN C 47 -30.62 24.21 -1.42
C ASN C 47 -31.41 22.92 -1.22
N PRO C 48 -30.75 21.76 -1.31
CA PRO C 48 -31.46 20.51 -1.03
C PRO C 48 -31.84 20.34 0.43
N TRP C 49 -31.16 21.01 1.36
CA TRP C 49 -31.51 20.92 2.76
C TRP C 49 -32.56 21.94 3.18
N LYS C 50 -33.23 22.56 2.21
CA LYS C 50 -34.29 23.50 2.52
C LYS C 50 -35.53 22.73 2.96
N LYS C 51 -35.98 22.98 4.18
CA LYS C 51 -37.13 22.29 4.73
C LYS C 51 -38.38 22.60 3.92
N THR C 52 -39.37 21.72 4.04
CA THR C 52 -40.63 21.85 3.34
C THR C 52 -41.75 21.60 4.34
N GLU C 53 -42.96 21.37 3.82
CA GLU C 53 -44.06 20.95 4.66
C GLU C 53 -43.81 19.55 5.21
N SER C 54 -44.53 19.22 6.28
CA SER C 54 -44.35 17.96 7.01
C SER C 54 -42.93 17.82 7.56
N GLY C 55 -42.21 18.94 7.65
CA GLY C 55 -40.88 18.95 8.20
C GLY C 55 -39.87 18.07 7.50
N LYS C 56 -40.09 17.76 6.22
CA LYS C 56 -39.16 16.94 5.45
C LYS C 56 -38.40 17.81 4.48
N THR C 57 -37.08 17.67 4.47
CA THR C 57 -36.26 18.45 3.56
C THR C 57 -36.46 17.99 2.13
N ILE C 58 -35.98 18.80 1.19
CA ILE C 58 -36.05 18.41 -0.21
C ILE C 58 -35.15 17.23 -0.49
N ALA C 59 -34.01 17.13 0.19
CA ALA C 59 -33.16 15.96 0.03
C ALA C 59 -33.90 14.69 0.37
N GLU C 60 -34.64 14.68 1.48
CA GLU C 60 -35.35 13.48 1.91
C GLU C 60 -36.49 13.15 0.97
N GLU C 61 -37.22 14.17 0.50
CA GLU C 61 -38.29 13.92 -0.46
C GLU C 61 -37.75 13.36 -1.75
N GLY C 62 -36.62 13.88 -2.23
CA GLY C 62 -35.97 13.30 -3.38
C GLY C 62 -35.48 11.89 -3.15
N ARG C 63 -35.03 11.59 -1.93
CA ARG C 63 -34.59 10.22 -1.64
C ARG C 63 -35.73 9.24 -1.80
N GLU C 64 -36.87 9.51 -1.17
CA GLU C 64 -38.01 8.61 -1.27
C GLU C 64 -38.58 8.58 -2.68
N LEU C 65 -38.55 9.70 -3.41
CA LEU C 65 -38.98 9.66 -4.79
C LEU C 65 -38.04 8.81 -5.65
N PHE C 66 -36.75 8.86 -5.37
CA PHE C 66 -35.77 8.04 -6.08
C PHE C 66 -35.97 6.56 -5.77
N ILE C 67 -36.15 6.23 -4.49
CA ILE C 67 -36.41 4.84 -4.12
C ILE C 67 -37.69 4.33 -4.73
N ALA C 68 -38.74 5.16 -4.77
CA ALA C 68 -40.02 4.70 -5.27
C ALA C 68 -40.07 4.58 -6.78
N SER C 69 -39.52 5.54 -7.52
CA SER C 69 -39.67 5.56 -8.95
C SER C 69 -38.38 5.46 -9.73
N CYS C 70 -37.23 5.32 -9.07
CA CYS C 70 -35.96 5.25 -9.76
C CYS C 70 -35.07 4.11 -9.28
N SER C 71 -35.26 3.63 -8.07
CA SER C 71 -34.52 2.46 -7.59
C SER C 71 -34.98 1.18 -8.24
N SER C 72 -35.89 1.27 -9.22
CA SER C 72 -36.32 0.08 -9.93
C SER C 72 -35.20 -0.51 -10.76
N CYS C 73 -34.29 0.33 -11.23
CA CYS C 73 -33.19 -0.14 -12.06
C CYS C 73 -31.84 0.44 -11.67
N HIS C 74 -31.78 1.54 -10.94
CA HIS C 74 -30.54 2.15 -10.54
C HIS C 74 -30.27 1.89 -9.07
N SER C 75 -29.01 1.61 -8.75
CA SER C 75 -28.60 1.27 -7.39
C SER C 75 -27.65 2.35 -6.91
N LEU C 76 -28.21 3.40 -6.33
CA LEU C 76 -27.39 4.46 -5.75
C LEU C 76 -26.85 3.93 -4.42
N ARG C 77 -25.70 3.28 -4.47
CA ARG C 77 -24.99 2.99 -3.25
C ARG C 77 -24.44 4.30 -2.69
N TYR C 78 -23.57 4.21 -1.69
CA TYR C 78 -23.10 5.36 -0.92
C TYR C 78 -24.24 5.95 -0.13
N ASP C 79 -25.47 5.47 -0.36
CA ASP C 79 -26.61 5.86 0.43
C ASP C 79 -27.51 4.67 0.71
N GLY C 80 -27.09 3.46 0.34
CA GLY C 80 -27.80 2.26 0.72
C GLY C 80 -28.99 1.94 -0.16
N ILE C 81 -29.05 2.49 -1.35
CA ILE C 81 -30.20 2.30 -2.23
C ILE C 81 -29.78 1.34 -3.32
N TYR C 82 -30.29 0.11 -3.27
CA TYR C 82 -30.00 -0.90 -4.27
C TYR C 82 -31.28 -1.23 -5.00
N ILE C 83 -31.21 -2.08 -6.02
CA ILE C 83 -32.39 -2.37 -6.83
C ILE C 83 -33.49 -2.93 -5.95
N MET C 84 -34.75 -2.68 -6.34
CA MET C 84 -35.88 -3.24 -5.60
C MET C 84 -36.23 -4.65 -6.02
N SER C 85 -35.38 -5.32 -6.78
CA SER C 85 -35.59 -6.70 -7.20
C SER C 85 -34.33 -7.49 -6.83
N VAL C 86 -34.31 -8.10 -5.65
CA VAL C 86 -35.44 -8.14 -4.72
C VAL C 86 -35.42 -6.85 -3.90
N ALA C 87 -36.47 -6.61 -3.10
CA ALA C 87 -36.57 -5.42 -2.27
C ALA C 87 -36.37 -5.83 -0.81
N ALA C 88 -35.21 -5.46 -0.25
CA ALA C 88 -34.15 -4.79 -0.99
C ALA C 88 -33.21 -5.82 -1.55
N ASN C 89 -32.55 -5.50 -2.65
CA ASN C 89 -31.68 -6.45 -3.34
C ASN C 89 -30.52 -6.99 -2.49
N PRO C 90 -29.88 -6.20 -1.60
CA PRO C 90 -28.87 -6.81 -0.74
C PRO C 90 -29.51 -7.69 0.31
N LYS C 91 -28.71 -8.25 1.21
CA LYS C 91 -29.18 -9.28 2.10
C LYS C 91 -30.25 -8.76 3.06
N TRP C 92 -31.38 -9.46 3.15
CA TRP C 92 -31.79 -10.68 2.42
C TRP C 92 -30.76 -11.80 2.25
N LYS C 93 -30.24 -12.34 3.35
CA LYS C 93 -30.79 -12.08 4.68
C LYS C 93 -29.99 -11.00 5.44
N ASN C 94 -28.70 -11.25 5.71
CA ASN C 94 -27.93 -10.38 6.60
C ASN C 94 -27.00 -9.48 5.81
N ILE C 95 -27.38 -8.20 5.75
CA ILE C 95 -26.56 -7.17 5.10
C ILE C 95 -25.52 -6.59 6.04
N GLU C 96 -25.60 -6.89 7.33
CA GLU C 96 -24.65 -6.33 8.29
C GLU C 96 -23.35 -7.12 8.33
N LYS C 97 -23.41 -8.43 8.13
CA LYS C 97 -22.19 -9.23 8.18
C LYS C 97 -21.55 -9.39 6.81
N THR C 98 -21.47 -8.28 6.08
CA THR C 98 -20.75 -8.24 4.81
C THR C 98 -19.93 -6.98 4.60
N SER C 99 -19.88 -6.08 5.58
CA SER C 99 -19.15 -4.82 5.51
C SER C 99 -19.44 -4.07 4.23
N GLY C 100 -20.71 -3.73 3.96
CA GLY C 100 -21.83 -4.00 4.83
C GLY C 100 -21.97 -3.00 5.95
N ARG C 101 -21.04 -2.05 6.02
CA ARG C 101 -21.09 -1.08 7.10
C ARG C 101 -22.20 -0.07 6.85
N PRO C 102 -22.62 0.64 7.89
CA PRO C 102 -23.60 1.71 7.69
C PRO C 102 -23.00 2.92 7.01
N VAL C 103 -23.84 3.60 6.23
CA VAL C 103 -23.43 4.79 5.50
C VAL C 103 -23.07 5.87 6.53
N TYR C 104 -21.82 6.31 6.54
CA TYR C 104 -21.37 7.39 7.41
C TYR C 104 -20.77 8.47 6.53
N ARG C 105 -21.62 9.35 6.02
CA ARG C 105 -21.17 10.46 5.20
C ARG C 105 -20.87 11.65 6.11
N PHE C 106 -20.43 12.76 5.54
CA PHE C 106 -20.11 13.96 6.30
C PHE C 106 -21.34 14.50 7.00
N GLY C 107 -21.35 14.50 8.32
CA GLY C 107 -20.38 13.81 9.15
C GLY C 107 -21.21 12.92 10.04
N THR C 108 -22.40 12.56 9.54
CA THR C 108 -23.40 11.83 10.29
C THR C 108 -23.63 10.47 9.64
N LEU C 109 -23.82 9.45 10.47
CA LEU C 109 -24.05 8.11 9.97
C LEU C 109 -25.53 7.75 10.04
N TYR C 110 -25.94 6.89 9.10
CA TYR C 110 -27.33 6.44 9.00
C TYR C 110 -27.33 4.94 9.26
N LYS C 111 -27.71 4.53 10.46
CA LYS C 111 -27.66 3.12 10.81
C LYS C 111 -28.75 2.30 10.13
N ASP C 112 -29.59 2.92 9.30
CA ASP C 112 -30.67 2.22 8.64
C ASP C 112 -30.34 1.86 7.19
N ARG C 113 -29.29 2.43 6.64
CA ARG C 113 -28.87 2.14 5.27
C ARG C 113 -27.41 1.73 5.27
N PHE C 114 -27.08 0.75 4.42
CA PHE C 114 -25.78 0.10 4.47
C PHE C 114 -25.08 0.17 3.12
N PHE C 115 -23.77 0.28 3.18
CA PHE C 115 -22.92 0.35 2.00
C PHE C 115 -22.27 -1.01 1.78
N VAL C 116 -22.69 -1.71 0.74
CA VAL C 116 -22.16 -3.04 0.42
C VAL C 116 -21.18 -2.89 -0.73
N PRO C 117 -20.00 -3.52 -0.65
CA PRO C 117 -18.98 -3.34 -1.67
C PRO C 117 -19.47 -3.70 -3.07
N LYS C 118 -18.73 -3.22 -4.06
CA LYS C 118 -19.11 -3.41 -5.45
C LYS C 118 -19.02 -4.86 -5.90
N ASP C 119 -18.21 -5.68 -5.23
CA ASP C 119 -18.07 -7.07 -5.62
C ASP C 119 -19.03 -8.00 -4.91
N VAL C 120 -19.32 -7.75 -3.62
CA VAL C 120 -20.33 -8.53 -2.92
C VAL C 120 -21.69 -8.31 -3.55
N TYR C 121 -22.16 -7.06 -3.56
CA TYR C 121 -23.24 -6.69 -4.45
C TYR C 121 -22.80 -6.96 -5.88
N GLU C 122 -23.77 -7.12 -6.78
CA GLU C 122 -23.61 -7.42 -8.20
C GLU C 122 -22.99 -8.80 -8.42
N ALA C 123 -22.64 -9.51 -7.37
CA ALA C 123 -22.47 -10.95 -7.42
C ALA C 123 -23.59 -11.67 -6.70
N PHE C 124 -24.00 -11.14 -5.55
CA PHE C 124 -25.19 -11.64 -4.87
C PHE C 124 -26.45 -11.09 -5.48
N ALA C 125 -26.38 -9.94 -6.13
CA ALA C 125 -27.58 -9.29 -6.65
C ALA C 125 -27.81 -9.58 -8.12
N HIS C 126 -26.89 -9.13 -8.96
CA HIS C 126 -27.17 -9.11 -10.39
C HIS C 126 -26.35 -10.12 -11.18
N ASP C 127 -25.51 -10.91 -10.53
CA ASP C 127 -24.82 -11.93 -11.31
C ASP C 127 -25.73 -13.09 -11.66
N ASP C 128 -26.88 -13.21 -11.00
CA ASP C 128 -28.04 -13.87 -11.60
C ASP C 128 -28.82 -12.77 -12.33
N ILE C 129 -28.41 -12.55 -13.57
CA ILE C 129 -28.80 -11.35 -14.31
C ILE C 129 -30.31 -11.35 -14.50
N GLN C 130 -30.99 -10.47 -13.77
CA GLN C 130 -32.42 -10.28 -13.98
C GLN C 130 -32.65 -9.43 -15.23
N GLY C 131 -33.91 -9.13 -15.50
CA GLY C 131 -34.23 -8.43 -16.73
C GLY C 131 -33.84 -6.98 -16.74
N LEU C 132 -32.57 -6.69 -16.42
CA LEU C 132 -32.03 -5.35 -16.57
C LEU C 132 -30.97 -5.30 -17.65
N LYS C 133 -29.91 -6.10 -17.49
CA LYS C 133 -28.96 -6.24 -18.58
C LYS C 133 -29.58 -6.99 -19.74
N ALA C 134 -30.56 -7.85 -19.47
CA ALA C 134 -31.19 -8.59 -20.54
C ALA C 134 -32.05 -7.68 -21.42
N SER C 135 -33.06 -7.05 -20.81
CA SER C 135 -33.97 -6.19 -21.56
C SER C 135 -33.25 -4.96 -22.11
N LEU C 136 -32.69 -4.14 -21.22
CA LEU C 136 -32.10 -2.88 -21.64
C LEU C 136 -30.78 -3.09 -22.39
N GLY C 137 -30.09 -4.19 -22.12
CA GLY C 137 -28.81 -4.42 -22.76
C GLY C 137 -27.69 -3.69 -22.03
N GLN C 138 -28.08 -2.66 -21.31
CA GLN C 138 -27.23 -1.81 -20.51
C GLN C 138 -27.66 -1.89 -19.06
N VAL C 139 -26.77 -2.33 -18.20
CA VAL C 139 -27.11 -2.26 -16.77
C VAL C 139 -27.17 -0.78 -16.38
N PRO C 140 -28.21 -0.35 -15.67
CA PRO C 140 -28.25 1.04 -15.23
C PRO C 140 -27.15 1.28 -14.22
N PRO C 141 -26.15 2.07 -14.58
CA PRO C 141 -24.83 1.88 -13.96
C PRO C 141 -24.77 2.05 -12.46
N ASP C 142 -24.80 3.29 -11.98
CA ASP C 142 -24.81 3.58 -10.56
C ASP C 142 -24.86 5.09 -10.41
N LEU C 143 -25.71 5.60 -9.54
CA LEU C 143 -25.89 7.04 -9.41
C LEU C 143 -25.22 7.56 -8.15
N SER C 144 -24.29 6.78 -7.60
CA SER C 144 -23.65 7.17 -6.35
C SER C 144 -22.85 8.44 -6.52
N SER C 145 -22.04 8.50 -7.56
CA SER C 145 -21.23 9.68 -7.87
C SER C 145 -21.49 10.16 -9.29
N MET C 146 -22.74 10.14 -9.73
CA MET C 146 -23.10 10.66 -11.04
C MET C 146 -23.34 12.16 -11.01
N TYR C 147 -23.73 12.72 -9.86
CA TYR C 147 -23.81 14.16 -9.77
C TYR C 147 -22.44 14.80 -9.97
N LEU C 148 -21.43 14.32 -9.25
CA LEU C 148 -20.09 14.86 -9.42
C LEU C 148 -19.57 14.69 -10.83
N ALA C 149 -20.02 13.67 -11.55
CA ALA C 149 -19.50 13.43 -12.89
C ALA C 149 -20.28 14.15 -13.97
N ARG C 150 -21.52 14.56 -13.72
CA ARG C 150 -22.32 15.19 -14.74
C ARG C 150 -22.66 16.65 -14.47
N GLY C 151 -22.95 17.02 -13.23
CA GLY C 151 -23.44 18.35 -12.95
C GLY C 151 -24.94 18.40 -12.92
N GLU C 152 -25.46 19.33 -12.12
CA GLU C 152 -26.90 19.47 -11.97
C GLU C 152 -27.57 19.84 -13.27
N GLY C 153 -26.91 20.59 -14.14
CA GLY C 153 -27.52 20.93 -15.41
C GLY C 153 -27.73 19.72 -16.28
N TYR C 154 -26.67 18.94 -16.48
CA TYR C 154 -26.80 17.73 -17.27
C TYR C 154 -27.75 16.74 -16.64
N LEU C 155 -27.77 16.64 -15.31
CA LEU C 155 -28.67 15.69 -14.68
C LEU C 155 -30.12 16.10 -14.88
N TYR C 156 -30.42 17.38 -14.72
CA TYR C 156 -31.79 17.82 -14.91
C TYR C 156 -32.21 17.71 -16.36
N GLN C 157 -31.32 18.02 -17.30
CA GLN C 157 -31.70 17.97 -18.71
C GLN C 157 -31.75 16.56 -19.26
N PHE C 158 -30.99 15.62 -18.68
CA PHE C 158 -31.07 14.23 -19.10
C PHE C 158 -32.37 13.60 -18.62
N ILE C 159 -32.61 13.71 -17.32
CA ILE C 159 -33.83 13.22 -16.72
C ILE C 159 -34.95 14.11 -17.21
N LEU C 160 -36.09 13.49 -17.49
CA LEU C 160 -37.36 14.07 -18.01
C LEU C 160 -37.38 14.30 -19.51
N ASN C 161 -36.30 13.93 -20.19
CA ASN C 161 -36.15 14.03 -21.65
C ASN C 161 -34.88 13.33 -22.09
N PRO C 162 -34.68 12.06 -21.66
CA PRO C 162 -33.44 11.39 -22.06
C PRO C 162 -33.21 11.34 -23.55
N GLN C 163 -34.23 11.57 -24.36
CA GLN C 163 -34.09 11.57 -25.81
C GLN C 163 -33.53 12.87 -26.34
N LYS C 164 -33.62 13.94 -25.57
CA LYS C 164 -32.95 15.17 -25.95
C LYS C 164 -31.43 15.02 -25.93
N VAL C 165 -30.88 14.66 -24.78
CA VAL C 165 -29.43 14.58 -24.62
C VAL C 165 -28.85 13.51 -25.52
N LEU C 166 -29.22 12.27 -25.29
CA LEU C 166 -28.84 11.20 -26.17
C LEU C 166 -29.98 10.90 -27.12
N PRO C 167 -29.71 10.81 -28.43
CA PRO C 167 -30.82 10.66 -29.38
C PRO C 167 -31.67 9.44 -29.12
N GLY C 168 -31.06 8.26 -29.06
CA GLY C 168 -31.80 7.06 -28.73
C GLY C 168 -31.31 6.47 -27.42
N THR C 169 -32.23 6.10 -26.54
CA THR C 169 -31.85 5.58 -25.23
C THR C 169 -33.05 4.90 -24.59
N THR C 170 -32.87 3.64 -24.19
CA THR C 170 -33.94 2.88 -23.57
C THR C 170 -34.22 3.28 -22.13
N MET C 171 -33.59 4.31 -21.63
CA MET C 171 -34.07 4.90 -20.40
C MET C 171 -35.35 5.66 -20.72
N PRO C 172 -36.45 5.39 -20.02
CA PRO C 172 -37.73 5.99 -20.40
C PRO C 172 -37.78 7.44 -19.94
N GLN C 173 -38.76 8.17 -20.47
CA GLN C 173 -39.01 9.54 -20.01
C GLN C 173 -39.29 9.54 -18.53
N LEU C 174 -40.33 8.82 -18.11
CA LEU C 174 -40.61 8.56 -16.71
C LEU C 174 -41.12 9.81 -16.01
N PHE C 175 -41.01 10.95 -16.69
CA PHE C 175 -41.62 12.21 -16.26
C PHE C 175 -41.74 13.03 -17.53
N ASN C 176 -42.94 13.09 -18.09
CA ASN C 176 -43.12 13.80 -19.34
C ASN C 176 -43.80 15.13 -19.08
N PRO C 177 -43.17 16.26 -19.40
CA PRO C 177 -43.84 17.55 -19.22
C PRO C 177 -44.76 17.88 -20.38
N GLN C 178 -45.25 19.13 -20.39
CA GLN C 178 -46.20 19.65 -21.37
C GLN C 178 -47.59 19.07 -21.13
N PHE C 179 -47.68 18.11 -20.21
CA PHE C 179 -48.98 17.71 -19.68
C PHE C 179 -48.89 17.25 -18.24
N ASP C 180 -47.75 17.40 -17.58
CA ASP C 180 -47.61 17.13 -16.15
C ASP C 180 -47.12 18.40 -15.47
N PRO C 181 -47.92 19.02 -14.61
CA PRO C 181 -47.52 20.29 -14.00
C PRO C 181 -46.46 20.15 -12.91
N GLN C 182 -46.27 18.97 -12.33
CA GLN C 182 -45.35 18.82 -11.20
C GLN C 182 -44.07 18.09 -11.57
N ALA C 183 -43.94 17.68 -12.84
CA ALA C 183 -42.80 16.86 -13.24
C ALA C 183 -41.48 17.58 -13.08
N LYS C 184 -41.43 18.86 -13.42
CA LYS C 184 -40.20 19.63 -13.26
C LYS C 184 -39.77 19.64 -11.79
N GLU C 185 -40.70 19.87 -10.86
CA GLU C 185 -40.33 19.79 -9.45
C GLU C 185 -39.95 18.39 -9.01
N LYS C 186 -40.52 17.35 -9.61
CA LYS C 186 -40.10 15.99 -9.26
C LYS C 186 -38.65 15.77 -9.67
N VAL C 187 -38.30 16.09 -10.91
CA VAL C 187 -36.92 15.92 -11.33
C VAL C 187 -35.99 16.82 -10.52
N ALA C 188 -36.47 18.01 -10.16
CA ALA C 188 -35.67 18.89 -9.32
C ALA C 188 -35.40 18.29 -7.96
N LYS C 189 -36.38 17.65 -7.34
CA LYS C 189 -36.13 17.02 -6.05
C LYS C 189 -35.23 15.80 -6.20
N ILE C 190 -35.34 15.06 -7.30
CA ILE C 190 -34.44 13.95 -7.53
C ILE C 190 -32.99 14.43 -7.62
N VAL C 191 -32.75 15.46 -8.43
CA VAL C 191 -31.40 15.97 -8.59
C VAL C 191 -30.92 16.62 -7.30
N ALA C 192 -31.82 17.25 -6.55
CA ALA C 192 -31.43 17.79 -5.26
C ALA C 192 -30.99 16.70 -4.32
N TYR C 193 -31.66 15.55 -4.35
CA TYR C 193 -31.22 14.44 -3.52
C TYR C 193 -29.86 13.95 -3.98
N MET C 194 -29.71 13.63 -5.26
CA MET C 194 -28.42 13.16 -5.76
C MET C 194 -27.31 14.16 -5.48
N LYS C 195 -27.64 15.43 -5.35
CA LYS C 195 -26.64 16.43 -5.00
C LYS C 195 -26.33 16.39 -3.51
N SER C 196 -27.34 16.15 -2.69
CA SER C 196 -27.11 16.08 -1.25
C SER C 196 -26.27 14.87 -0.85
N VAL C 197 -26.07 13.90 -1.75
CA VAL C 197 -25.25 12.74 -1.43
C VAL C 197 -23.78 13.05 -1.62
N ASN C 198 -23.44 13.95 -2.53
CA ASN C 198 -22.05 14.24 -2.85
C ASN C 198 -21.60 15.61 -2.39
N THR C 199 -22.49 16.42 -1.81
CA THR C 199 -22.15 17.75 -1.38
C THR C 199 -22.35 17.88 0.12
N PRO C 200 -21.40 18.45 0.85
CA PRO C 200 -21.56 18.56 2.30
C PRO C 200 -22.70 19.51 2.63
N PRO C 201 -23.39 19.28 3.73
CA PRO C 201 -24.50 20.15 4.12
C PRO C 201 -24.01 21.56 4.37
N PRO C 202 -24.92 22.54 4.49
CA PRO C 202 -24.48 23.92 4.72
C PRO C 202 -23.68 24.12 5.99
N LYS C 203 -23.85 23.25 6.99
CA LYS C 203 -23.07 23.39 8.21
C LYS C 203 -21.62 23.02 7.98
N GLU C 204 -21.38 21.94 7.24
CA GLU C 204 -20.03 21.47 6.93
C GLU C 204 -19.43 22.21 5.75
N SER C 205 -20.24 22.59 4.77
CA SER C 205 -19.72 23.32 3.62
C SER C 205 -19.33 24.74 3.98
N ALA C 206 -19.77 25.26 5.12
CA ALA C 206 -19.34 26.58 5.56
C ALA C 206 -18.07 26.53 6.40
N LYS C 207 -17.90 25.48 7.21
CA LYS C 207 -16.63 25.32 7.90
C LYS C 207 -15.47 25.15 6.93
N ARG C 208 -15.69 24.47 5.81
CA ARG C 208 -14.65 24.36 4.81
C ARG C 208 -14.26 25.71 4.24
N THR C 209 -15.23 26.57 3.96
CA THR C 209 -14.92 27.90 3.45
C THR C 209 -14.19 28.72 4.50
N VAL C 210 -14.64 28.67 5.74
CA VAL C 210 -13.98 29.43 6.80
C VAL C 210 -12.53 28.98 6.96
N MET C 211 -12.29 27.67 7.03
CA MET C 211 -10.93 27.22 7.21
C MET C 211 -10.09 27.42 5.97
N GLY C 212 -10.67 27.42 4.78
CA GLY C 212 -9.90 27.72 3.59
C GLY C 212 -9.50 29.16 3.50
N VAL C 213 -10.36 30.07 3.95
CA VAL C 213 -9.98 31.48 4.03
C VAL C 213 -8.92 31.68 5.10
N ILE C 214 -9.05 30.98 6.24
CA ILE C 214 -8.11 31.18 7.32
C ILE C 214 -6.72 30.61 6.99
N VAL C 215 -6.65 29.48 6.29
CA VAL C 215 -5.34 28.95 5.95
C VAL C 215 -4.61 29.87 4.97
N ILE C 216 -5.33 30.38 3.98
CA ILE C 216 -4.72 31.30 3.02
C ILE C 216 -4.29 32.59 3.72
N ALA C 217 -5.14 33.14 4.57
CA ALA C 217 -4.76 34.32 5.32
C ALA C 217 -3.62 34.05 6.28
N TYR C 218 -3.48 32.82 6.75
CA TYR C 218 -2.38 32.48 7.63
C TYR C 218 -1.07 32.44 6.86
N PHE C 219 -1.07 31.83 5.69
CA PHE C 219 0.16 31.74 4.92
C PHE C 219 0.58 33.09 4.36
N ILE C 220 -0.38 33.90 3.92
CA ILE C 220 -0.05 35.24 3.45
C ILE C 220 0.61 36.04 4.57
N VAL C 221 0.01 36.04 5.76
CA VAL C 221 0.52 36.88 6.83
C VAL C 221 1.81 36.32 7.40
N MET C 222 1.99 35.00 7.35
CA MET C 222 3.27 34.44 7.79
C MET C 222 4.39 34.79 6.82
N GLY C 223 4.12 34.72 5.53
CA GLY C 223 5.12 35.17 4.57
C GLY C 223 5.44 36.64 4.72
N LEU C 224 4.42 37.46 4.97
CA LEU C 224 4.63 38.88 5.17
C LEU C 224 5.43 39.19 6.43
N LEU C 225 5.18 38.47 7.52
CA LEU C 225 5.99 38.63 8.72
C LEU C 225 7.43 38.17 8.50
N LEU C 226 7.65 37.07 7.79
CA LEU C 226 9.03 36.70 7.47
C LEU C 226 9.72 37.74 6.61
N TRP C 227 9.00 38.35 5.67
CA TRP C 227 9.58 39.41 4.86
C TRP C 227 9.95 40.62 5.71
N LYS C 228 9.03 41.07 6.57
CA LYS C 228 9.33 42.22 7.42
C LYS C 228 10.48 41.91 8.38
N TYR C 229 10.52 40.70 8.93
CA TYR C 229 11.62 40.31 9.79
C TYR C 229 12.95 40.38 9.06
N ARG C 230 13.02 39.82 7.85
CA ARG C 230 14.25 39.89 7.08
C ARG C 230 14.63 41.33 6.79
N GLU C 231 13.65 42.17 6.45
CA GLU C 231 13.99 43.54 6.07
C GLU C 231 14.46 44.34 7.27
N ASN C 232 13.93 44.06 8.45
CA ASN C 232 14.39 44.75 9.65
C ASN C 232 15.74 44.23 10.10
N LEU C 233 15.99 42.94 9.90
CA LEU C 233 17.27 42.36 10.30
C LEU C 233 18.39 42.78 9.37
N LEU C 234 18.10 43.00 8.09
CA LEU C 234 19.14 43.38 7.15
C LEU C 234 19.66 44.78 7.37
N LYS C 235 18.97 45.60 8.15
CA LYS C 235 19.49 46.92 8.50
C LYS C 235 20.44 46.87 9.69
N ARG C 236 20.28 45.88 10.58
CA ARG C 236 21.26 45.67 11.64
C ARG C 236 22.61 45.29 11.07
N LEU C 237 22.63 44.73 9.86
CA LEU C 237 23.85 44.22 9.24
C LEU C 237 24.27 45.03 8.02
N GLY C 238 23.32 45.55 7.26
CA GLY C 238 23.62 46.31 6.06
C GLY C 238 23.14 45.62 4.80
N PHE D 8 42.54 -16.41 -9.49
CA PHE D 8 42.92 -15.14 -8.90
C PHE D 8 41.81 -14.64 -7.99
N ILE D 9 42.09 -13.58 -7.25
CA ILE D 9 41.19 -13.08 -6.22
C ILE D 9 40.56 -11.76 -6.59
N SER D 10 41.36 -10.72 -6.82
CA SER D 10 40.81 -9.39 -7.07
C SER D 10 39.88 -9.37 -8.28
N ILE D 11 40.02 -10.32 -9.19
CA ILE D 11 39.08 -10.49 -10.30
C ILE D 11 38.00 -11.52 -9.96
N GLY D 12 38.30 -12.47 -9.09
CA GLY D 12 37.27 -13.39 -8.63
C GLY D 12 36.15 -12.67 -7.89
N ILE D 13 36.49 -11.69 -7.06
CA ILE D 13 35.43 -10.97 -6.36
C ILE D 13 34.55 -10.24 -7.36
N GLY D 14 35.13 -9.62 -8.39
CA GLY D 14 34.31 -8.91 -9.36
C GLY D 14 33.43 -9.84 -10.17
N ALA D 15 34.00 -10.93 -10.69
CA ALA D 15 33.21 -11.90 -11.43
C ALA D 15 32.06 -12.44 -10.60
N LEU D 16 32.34 -12.77 -9.34
CA LEU D 16 31.33 -13.40 -8.50
C LEU D 16 30.28 -12.41 -8.06
N GLY D 17 30.68 -11.16 -7.77
CA GLY D 17 29.71 -10.12 -7.50
C GLY D 17 28.83 -9.79 -8.68
N ALA D 18 29.38 -9.83 -9.89
CA ALA D 18 28.55 -9.66 -11.07
C ALA D 18 27.56 -10.79 -11.23
N VAL D 19 27.99 -12.03 -11.00
CA VAL D 19 27.04 -13.15 -11.05
C VAL D 19 25.95 -12.98 -10.02
N GLY D 20 26.29 -12.57 -8.80
CA GLY D 20 25.29 -12.40 -7.77
C GLY D 20 24.31 -11.28 -8.07
N GLY D 21 24.82 -10.14 -8.54
CA GLY D 21 23.96 -9.07 -8.97
C GLY D 21 23.06 -9.44 -10.12
N LEU D 22 23.57 -10.22 -11.07
CA LEU D 22 22.74 -10.69 -12.17
C LEU D 22 21.63 -11.61 -11.69
N GLY D 23 21.93 -12.52 -10.77
CA GLY D 23 20.88 -13.37 -10.22
C GLY D 23 19.84 -12.61 -9.44
N ALA D 24 20.26 -11.68 -8.58
CA ALA D 24 19.30 -10.88 -7.84
C ALA D 24 18.44 -10.04 -8.78
N LEU D 25 19.04 -9.45 -9.80
CA LEU D 25 18.26 -8.69 -10.77
C LEU D 25 17.31 -9.58 -11.56
N TYR D 26 17.73 -10.78 -11.96
CA TYR D 26 16.83 -11.69 -12.63
C TYR D 26 15.63 -12.01 -11.76
N ALA D 27 15.86 -12.31 -10.48
CA ALA D 27 14.75 -12.60 -9.59
C ALA D 27 13.82 -11.40 -9.45
N LEU D 28 14.37 -10.21 -9.25
CA LEU D 28 13.53 -9.04 -9.04
C LEU D 28 12.72 -8.70 -10.29
N VAL D 29 13.33 -8.78 -11.47
CA VAL D 29 12.57 -8.55 -12.70
C VAL D 29 11.52 -9.63 -12.87
N ARG D 30 11.85 -10.88 -12.60
CA ARG D 30 10.90 -11.97 -12.74
C ARG D 30 9.72 -11.83 -11.80
N VAL D 31 9.92 -11.22 -10.63
CA VAL D 31 8.82 -11.03 -9.71
C VAL D 31 7.97 -9.84 -10.13
N MET D 32 8.60 -8.69 -10.31
CA MET D 32 7.84 -7.47 -10.53
C MET D 32 7.36 -7.37 -11.97
N LEU D 33 8.27 -7.37 -12.92
CA LEU D 33 7.98 -6.99 -14.29
C LEU D 33 7.53 -8.14 -15.17
N GLU D 34 7.03 -9.23 -14.60
CA GLU D 34 6.77 -10.43 -15.39
C GLU D 34 5.37 -10.97 -15.19
N PRO D 35 4.42 -10.63 -16.04
CA PRO D 35 3.13 -11.34 -16.05
C PRO D 35 3.12 -12.49 -17.03
N SER D 36 4.28 -12.88 -17.54
CA SER D 36 4.34 -13.81 -18.67
C SER D 36 3.70 -15.16 -18.36
N GLU D 37 3.11 -15.77 -19.39
CA GLU D 37 2.46 -17.08 -19.38
C GLU D 37 1.12 -17.03 -18.64
N ILE D 38 0.86 -15.92 -17.96
CA ILE D 38 -0.50 -15.63 -17.51
C ILE D 38 -1.01 -14.37 -18.18
N ALA D 39 -0.13 -13.55 -18.75
CA ALA D 39 -0.57 -12.43 -19.56
C ALA D 39 -1.13 -12.90 -20.89
N ALA D 40 -0.48 -13.86 -21.53
CA ALA D 40 -0.88 -14.32 -22.86
C ALA D 40 -2.15 -15.15 -22.73
N LEU D 41 -3.24 -14.48 -22.39
CA LEU D 41 -4.56 -15.11 -22.31
C LEU D 41 -5.54 -14.15 -22.99
N GLY D 42 -5.91 -14.48 -24.22
CA GLY D 42 -5.39 -15.65 -24.89
C GLY D 42 -4.98 -15.40 -26.33
N ALA D 43 -3.76 -15.81 -26.67
CA ALA D 43 -3.25 -15.66 -28.03
C ALA D 43 -3.77 -16.75 -28.97
N LYS D 44 -4.01 -17.95 -28.46
CA LYS D 44 -4.58 -18.98 -29.32
C LYS D 44 -6.08 -18.83 -29.45
N THR D 45 -6.78 -18.74 -28.31
CA THR D 45 -8.22 -18.54 -28.30
C THR D 45 -8.88 -19.63 -29.17
N GLU D 46 -8.76 -20.86 -28.67
CA GLU D 46 -9.33 -22.01 -29.35
C GLU D 46 -10.79 -21.79 -29.68
N ILE D 47 -11.10 -21.72 -30.97
CA ILE D 47 -12.47 -21.51 -31.46
C ILE D 47 -12.72 -22.57 -32.52
N ASP D 48 -13.26 -23.71 -32.08
CA ASP D 48 -13.61 -24.77 -33.02
C ASP D 48 -14.75 -24.31 -33.90
N VAL D 49 -14.47 -24.08 -35.19
CA VAL D 49 -15.53 -23.63 -36.08
C VAL D 49 -16.18 -24.81 -36.80
N SER D 50 -15.85 -26.04 -36.41
CA SER D 50 -16.59 -27.19 -36.92
C SER D 50 -17.91 -27.40 -36.19
N LYS D 51 -18.09 -26.79 -35.02
CA LYS D 51 -19.32 -26.95 -34.27
C LYS D 51 -20.38 -25.91 -34.63
N ILE D 52 -19.99 -24.67 -34.88
CA ILE D 52 -20.96 -23.58 -35.00
C ILE D 52 -21.79 -23.79 -36.26
N GLN D 53 -23.11 -23.72 -36.11
CA GLN D 53 -23.99 -23.83 -37.26
C GLN D 53 -24.10 -22.48 -37.95
N PRO D 54 -24.50 -22.45 -39.22
CA PRO D 54 -24.55 -21.17 -39.95
C PRO D 54 -25.47 -20.17 -39.25
N MET D 55 -25.11 -18.89 -39.41
CA MET D 55 -25.84 -17.77 -38.79
C MET D 55 -25.88 -17.90 -37.28
N GLN D 56 -24.82 -18.45 -36.68
CA GLN D 56 -24.67 -18.54 -35.24
C GLN D 56 -23.37 -17.89 -34.84
N VAL D 57 -23.42 -17.10 -33.77
CA VAL D 57 -22.24 -16.41 -33.26
C VAL D 57 -21.92 -16.99 -31.90
N ARG D 58 -20.67 -16.89 -31.49
CA ARG D 58 -20.23 -17.35 -30.19
C ARG D 58 -19.66 -16.19 -29.40
N VAL D 59 -19.85 -16.21 -28.09
CA VAL D 59 -19.19 -15.25 -27.20
C VAL D 59 -17.85 -15.86 -26.80
N THR D 60 -16.77 -15.10 -26.99
CA THR D 60 -15.44 -15.55 -26.63
C THR D 60 -14.64 -14.31 -26.24
N SER D 61 -13.31 -14.43 -26.19
CA SER D 61 -12.46 -13.28 -25.86
C SER D 61 -11.11 -13.43 -26.55
N TRP D 62 -10.69 -12.40 -27.28
CA TRP D 62 -9.39 -12.33 -27.92
C TRP D 62 -8.73 -11.04 -27.49
N LYS D 63 -7.61 -11.15 -26.76
CA LYS D 63 -6.92 -10.01 -26.16
C LYS D 63 -7.82 -9.22 -25.22
N GLY D 64 -8.71 -9.92 -24.53
CA GLY D 64 -9.69 -9.29 -23.67
C GLY D 64 -11.09 -9.45 -24.22
N LYS D 65 -12.03 -8.82 -23.54
CA LYS D 65 -13.45 -8.98 -23.78
C LYS D 65 -13.96 -7.85 -24.64
N THR D 66 -14.77 -8.17 -25.66
CA THR D 66 -15.18 -9.54 -25.96
C THR D 66 -14.84 -9.89 -27.40
N LEU D 67 -15.30 -11.05 -27.86
CA LEU D 67 -15.07 -11.48 -29.22
C LEU D 67 -16.29 -12.23 -29.75
N PHE D 68 -16.65 -11.94 -30.99
CA PHE D 68 -17.70 -12.63 -31.71
C PHE D 68 -17.10 -13.54 -32.77
N ALA D 69 -17.80 -14.64 -33.04
CA ALA D 69 -17.33 -15.63 -34.01
C ALA D 69 -18.52 -15.98 -34.91
N ILE D 70 -18.70 -15.22 -35.97
CA ILE D 70 -19.86 -15.36 -36.85
C ILE D 70 -19.54 -16.39 -37.91
N ARG D 71 -20.56 -17.09 -38.38
CA ARG D 71 -20.43 -18.06 -39.45
C ARG D 71 -21.64 -17.92 -40.37
N LEU D 72 -21.40 -17.52 -41.61
CA LEU D 72 -22.51 -17.32 -42.53
C LEU D 72 -22.16 -17.90 -43.90
N PRO D 73 -23.10 -18.58 -44.55
CA PRO D 73 -22.79 -19.25 -45.82
C PRO D 73 -22.75 -18.32 -47.03
N LYS D 74 -23.67 -17.37 -47.12
CA LYS D 74 -23.73 -16.46 -48.26
C LYS D 74 -23.88 -15.02 -47.77
N ASP D 75 -23.88 -14.08 -48.72
CA ASP D 75 -24.01 -12.67 -48.41
C ASP D 75 -25.46 -12.29 -48.14
N TYR D 96 -16.72 -0.66 -45.38
CA TYR D 96 -16.41 -1.84 -44.58
C TYR D 96 -16.02 -3.00 -45.51
N GLU D 97 -16.38 -4.22 -45.10
CA GLU D 97 -16.02 -5.45 -45.81
C GLU D 97 -14.53 -5.46 -46.15
N ILE D 98 -13.72 -5.37 -45.10
CA ILE D 98 -12.27 -5.51 -45.26
C ILE D 98 -11.93 -6.87 -45.84
N LEU D 99 -12.71 -7.89 -45.48
CA LEU D 99 -12.48 -9.25 -45.94
C LEU D 99 -13.66 -9.73 -46.78
N LYS D 100 -13.35 -10.40 -47.89
CA LYS D 100 -14.36 -10.98 -48.77
C LYS D 100 -14.81 -12.32 -48.17
N GLY D 101 -15.56 -13.09 -48.94
CA GLY D 101 -16.17 -14.29 -48.40
C GLY D 101 -15.19 -15.36 -48.00
N HIS D 102 -15.02 -15.54 -46.69
CA HIS D 102 -14.33 -16.68 -46.13
C HIS D 102 -15.25 -17.55 -45.29
N ASP D 103 -16.46 -17.08 -45.00
CA ASP D 103 -17.53 -17.72 -44.26
C ASP D 103 -17.26 -17.82 -42.77
N VAL D 104 -16.07 -17.44 -42.30
CA VAL D 104 -15.73 -17.42 -40.89
C VAL D 104 -14.83 -16.24 -40.61
N PHE D 105 -15.05 -15.57 -39.48
CA PHE D 105 -14.18 -14.50 -39.04
C PHE D 105 -14.45 -14.24 -37.57
N ALA D 106 -13.93 -13.12 -37.06
CA ALA D 106 -14.15 -12.75 -35.67
C ALA D 106 -14.10 -11.24 -35.55
N LEU D 107 -15.03 -10.69 -34.77
CA LEU D 107 -15.14 -9.25 -34.58
C LEU D 107 -15.27 -8.92 -33.10
N VAL D 108 -14.53 -7.91 -32.65
CA VAL D 108 -14.63 -7.47 -31.26
C VAL D 108 -16.02 -6.87 -31.06
N GLY D 109 -16.88 -7.58 -30.34
CA GLY D 109 -18.24 -7.14 -30.20
C GLY D 109 -18.51 -6.29 -28.97
N VAL D 110 -18.44 -4.98 -29.17
CA VAL D 110 -18.88 -3.98 -28.18
C VAL D 110 -19.46 -2.82 -28.98
N CYS D 111 -20.66 -2.38 -28.60
CA CYS D 111 -21.26 -1.26 -29.30
C CYS D 111 -20.35 -0.04 -29.24
N THR D 112 -20.52 0.85 -30.21
CA THR D 112 -19.49 1.86 -30.42
C THR D 112 -19.75 3.16 -29.67
N HIS D 113 -20.90 3.79 -29.90
CA HIS D 113 -21.03 5.15 -29.41
C HIS D 113 -21.19 5.24 -27.90
N LEU D 114 -21.56 4.16 -27.22
CA LEU D 114 -21.55 4.15 -25.76
C LEU D 114 -21.09 2.84 -25.12
N GLY D 115 -20.77 1.80 -25.89
CA GLY D 115 -20.18 0.62 -25.31
C GLY D 115 -21.10 -0.40 -24.67
N CYS D 116 -22.01 -0.97 -25.45
CA CYS D 116 -22.82 -2.10 -25.00
C CYS D 116 -22.42 -3.36 -25.76
N ILE D 117 -23.18 -4.42 -25.55
CA ILE D 117 -22.95 -5.71 -26.19
C ILE D 117 -24.15 -6.03 -27.07
N PRO D 118 -24.02 -5.99 -28.40
CA PRO D 118 -25.15 -6.40 -29.25
C PRO D 118 -25.36 -7.90 -29.21
N LEU D 119 -26.64 -8.30 -29.28
CA LEU D 119 -27.03 -9.69 -29.25
C LEU D 119 -27.45 -10.15 -30.65
N TRP D 120 -27.14 -11.42 -30.94
CA TRP D 120 -27.26 -11.90 -32.31
C TRP D 120 -28.71 -12.01 -32.76
N LYS D 121 -28.95 -11.66 -34.01
CA LYS D 121 -30.28 -11.67 -34.62
C LYS D 121 -31.30 -10.95 -33.76
N PRO D 131 -30.98 -10.30 -40.94
CA PRO D 131 -29.55 -10.60 -41.03
C PRO D 131 -28.73 -9.83 -40.00
N VAL D 132 -29.25 -8.68 -39.57
CA VAL D 132 -28.53 -7.79 -38.67
C VAL D 132 -28.77 -8.24 -37.25
N PHE D 133 -27.90 -7.77 -36.35
CA PHE D 133 -28.04 -8.01 -34.92
C PHE D 133 -27.73 -6.72 -34.18
N HIS D 134 -28.66 -6.28 -33.34
CA HIS D 134 -28.60 -4.98 -32.72
C HIS D 134 -28.37 -5.11 -31.23
N CYS D 135 -28.00 -3.99 -30.62
CA CYS D 135 -27.82 -3.89 -29.17
C CYS D 135 -29.01 -3.15 -28.59
N PRO D 136 -29.66 -3.68 -27.55
CA PRO D 136 -30.88 -3.07 -27.05
C PRO D 136 -30.70 -1.86 -26.13
N CYS D 137 -29.50 -1.29 -26.06
CA CYS D 137 -29.28 -0.15 -25.17
C CYS D 137 -29.84 1.14 -25.76
N HIS D 138 -29.57 1.40 -27.04
CA HIS D 138 -30.07 2.57 -27.71
C HIS D 138 -30.60 2.28 -29.11
N GLY D 139 -30.37 1.09 -29.64
CA GLY D 139 -30.94 0.69 -30.91
C GLY D 139 -29.98 0.58 -32.07
N GLY D 140 -28.68 0.49 -31.81
CA GLY D 140 -27.72 0.43 -32.90
C GLY D 140 -27.75 -0.93 -33.59
N LEU D 141 -27.92 -0.89 -34.91
CA LEU D 141 -27.97 -2.09 -35.74
C LEU D 141 -26.59 -2.37 -36.32
N TYR D 142 -26.35 -3.63 -36.67
CA TYR D 142 -25.08 -4.04 -37.23
C TYR D 142 -25.31 -5.19 -38.21
N THR D 143 -24.71 -5.08 -39.39
CA THR D 143 -24.72 -6.15 -40.37
C THR D 143 -23.97 -7.37 -39.84
N PRO D 144 -24.23 -8.56 -40.39
CA PRO D 144 -23.45 -9.74 -39.99
C PRO D 144 -21.97 -9.60 -40.24
N TYR D 145 -21.55 -8.62 -41.04
CA TYR D 145 -20.13 -8.38 -41.26
C TYR D 145 -19.54 -7.42 -40.26
N GLY D 146 -20.32 -6.49 -39.71
CA GLY D 146 -19.81 -5.61 -38.68
C GLY D 146 -20.17 -4.15 -38.86
N ASP D 147 -20.44 -3.75 -40.10
CA ASP D 147 -20.77 -2.35 -40.35
C ASP D 147 -22.12 -2.00 -39.71
N VAL D 148 -22.43 -0.72 -39.68
CA VAL D 148 -23.66 -0.21 -39.12
C VAL D 148 -24.57 0.20 -40.26
N ILE D 149 -25.85 -0.20 -40.20
CA ILE D 149 -26.82 0.20 -41.20
C ILE D 149 -27.68 1.36 -40.73
N GLY D 150 -28.17 1.32 -39.48
CA GLY D 150 -28.82 2.46 -38.89
C GLY D 150 -28.10 2.87 -37.62
N GLY D 151 -27.40 3.99 -37.65
CA GLY D 151 -26.40 4.26 -36.66
C GLY D 151 -26.68 5.35 -35.63
N PRO D 152 -27.05 4.94 -34.42
CA PRO D 152 -26.61 5.69 -33.24
C PRO D 152 -25.12 5.53 -33.00
N PRO D 153 -24.51 4.41 -33.39
CA PRO D 153 -23.04 4.37 -33.41
C PRO D 153 -22.48 5.05 -34.66
N PRO D 154 -21.34 5.73 -34.54
CA PRO D 154 -20.70 6.33 -35.72
C PRO D 154 -19.85 5.36 -36.51
N ARG D 155 -19.18 4.43 -35.83
CA ARG D 155 -18.23 3.54 -36.49
C ARG D 155 -18.62 2.08 -36.29
N PRO D 156 -18.14 1.17 -37.15
CA PRO D 156 -18.53 -0.25 -37.05
C PRO D 156 -17.81 -1.00 -35.94
N LEU D 157 -18.00 -2.33 -35.89
CA LEU D 157 -17.27 -3.18 -34.95
C LEU D 157 -15.91 -3.55 -35.55
N PHE D 158 -14.84 -3.25 -34.82
CA PHE D 158 -13.49 -3.40 -35.34
C PHE D 158 -13.16 -4.87 -35.58
N ILE D 159 -12.47 -5.13 -36.68
CA ILE D 159 -11.97 -6.47 -36.95
C ILE D 159 -10.69 -6.64 -36.16
N PRO D 160 -10.67 -7.48 -35.13
CA PRO D 160 -9.41 -7.79 -34.47
C PRO D 160 -8.57 -8.69 -35.35
N PRO D 161 -7.25 -8.57 -35.29
CA PRO D 161 -6.39 -9.44 -36.10
C PRO D 161 -6.62 -10.90 -35.78
N GLN D 162 -6.67 -11.72 -36.82
CA GLN D 162 -7.02 -13.12 -36.65
C GLN D 162 -6.16 -13.97 -37.57
N LYS D 163 -6.23 -15.28 -37.33
CA LYS D 163 -5.51 -16.27 -38.11
C LYS D 163 -6.31 -17.57 -38.12
N LEU D 164 -6.48 -18.13 -39.31
CA LEU D 164 -7.21 -19.39 -39.48
C LEU D 164 -6.26 -20.43 -40.04
N GLU D 165 -6.03 -21.49 -39.27
CA GLU D 165 -5.19 -22.61 -39.69
C GLU D 165 -6.02 -23.89 -39.55
N GLY D 166 -6.71 -24.26 -40.63
CA GLY D 166 -7.56 -25.44 -40.59
C GLY D 166 -8.93 -25.19 -40.01
N ASN D 167 -9.22 -25.77 -38.84
CA ASN D 167 -10.49 -25.58 -38.16
C ASN D 167 -10.33 -24.79 -36.86
N LYS D 168 -9.51 -23.74 -36.89
CA LYS D 168 -9.19 -22.96 -35.70
C LYS D 168 -9.03 -21.50 -36.08
N LEU D 169 -9.54 -20.62 -35.22
CA LEU D 169 -9.34 -19.18 -35.36
C LEU D 169 -8.43 -18.67 -34.26
N ILE D 170 -7.76 -17.56 -34.53
CA ILE D 170 -6.87 -16.96 -33.56
C ILE D 170 -7.42 -15.63 -33.10
N ILE E 7 34.94 7.92 -18.74
CA ILE E 7 35.63 7.25 -17.65
C ILE E 7 35.11 7.76 -16.31
N VAL E 8 35.95 7.68 -15.28
CA VAL E 8 35.55 8.06 -13.94
C VAL E 8 36.13 9.42 -13.53
N ASP E 9 37.23 9.85 -14.12
CA ASP E 9 37.73 11.20 -13.84
C ASP E 9 36.72 12.26 -14.26
N TRP E 10 35.98 12.03 -15.34
CA TRP E 10 34.95 12.96 -15.75
C TRP E 10 33.89 13.12 -14.67
N ILE E 11 33.57 12.03 -13.97
CA ILE E 11 32.63 12.12 -12.87
C ILE E 11 33.28 12.66 -11.61
N ASP E 12 34.59 12.54 -11.47
CA ASP E 12 35.26 13.10 -10.30
C ASP E 12 35.33 14.62 -10.38
N GLU E 13 35.64 15.16 -11.56
CA GLU E 13 35.71 16.62 -11.68
C GLU E 13 34.38 17.30 -11.39
N ARG E 14 33.29 16.55 -11.38
CA ARG E 14 31.96 17.11 -11.15
C ARG E 14 31.33 16.70 -9.84
N ALA E 15 31.68 15.54 -9.29
CA ALA E 15 31.13 15.10 -8.02
C ALA E 15 32.16 15.02 -6.91
N HIS E 16 33.45 15.00 -7.22
CA HIS E 16 34.51 14.87 -6.24
C HIS E 16 34.34 13.59 -5.42
N VAL E 17 34.16 12.48 -6.12
CA VAL E 17 33.93 11.22 -5.44
C VAL E 17 35.21 10.69 -4.81
N ARG E 18 36.36 10.85 -5.49
CA ARG E 18 37.61 10.40 -4.91
C ARG E 18 38.04 11.24 -3.72
N GLU E 19 37.74 12.53 -3.72
CA GLU E 19 37.98 13.36 -2.55
C GLU E 19 37.11 12.94 -1.36
N ILE E 20 35.93 12.37 -1.62
CA ILE E 20 35.10 11.86 -0.55
C ILE E 20 35.59 10.49 -0.07
N TYR E 21 36.04 9.66 -1.00
CA TYR E 21 36.58 8.36 -0.64
C TYR E 21 37.83 8.50 0.21
N ARG E 22 38.85 9.22 -0.28
CA ARG E 22 40.08 9.39 0.48
C ARG E 22 39.90 10.19 1.76
N THR E 23 38.69 10.66 2.06
CA THR E 23 38.41 11.35 3.31
C THR E 23 37.57 10.53 4.26
N GLN E 24 36.61 9.76 3.74
CA GLN E 24 35.70 9.01 4.58
C GLN E 24 36.16 7.58 4.85
N MET E 25 37.00 7.01 3.98
CA MET E 25 37.40 5.62 4.14
C MET E 25 38.89 5.46 4.33
N VAL E 26 39.71 6.28 3.67
CA VAL E 26 41.15 6.08 3.77
C VAL E 26 41.74 6.83 4.96
N GLU E 27 41.15 7.96 5.36
CA GLU E 27 41.69 8.67 6.52
C GLU E 27 40.65 8.80 7.61
N TYR E 28 39.83 7.77 7.81
CA TYR E 28 38.83 7.77 8.85
C TYR E 28 39.39 7.40 10.22
N LYS E 29 40.41 6.55 10.26
CA LYS E 29 41.15 6.24 11.48
C LYS E 29 40.23 5.67 12.56
N VAL E 30 39.73 4.49 12.29
CA VAL E 30 39.00 3.71 13.28
C VAL E 30 40.02 3.12 14.26
N ALA E 31 39.53 2.58 15.37
CA ALA E 31 40.44 1.93 16.32
C ALA E 31 40.89 0.58 15.76
N LYS E 32 41.91 0.01 16.40
CA LYS E 32 42.44 -1.25 15.90
C LYS E 32 41.87 -2.45 16.66
N ASN E 33 41.63 -2.30 17.96
CA ASN E 33 41.23 -3.41 18.81
C ASN E 33 39.74 -3.61 18.86
N LEU E 34 39.00 -3.19 17.83
CA LEU E 34 37.57 -3.40 17.83
C LEU E 34 37.27 -4.90 17.76
N THR E 35 36.45 -5.38 18.68
CA THR E 35 36.11 -6.78 18.77
C THR E 35 35.02 -7.12 17.75
N PHE E 36 34.61 -8.38 17.73
CA PHE E 36 33.63 -8.85 16.76
C PHE E 36 32.26 -8.19 16.93
N PRO E 37 31.71 -8.05 18.14
CA PRO E 37 30.36 -7.52 18.26
C PRO E 37 30.19 -6.09 17.80
N TYR E 38 31.22 -5.46 17.27
CA TYR E 38 31.05 -4.14 16.69
C TYR E 38 30.43 -4.18 15.32
N VAL E 39 30.35 -5.37 14.71
CA VAL E 39 29.80 -5.50 13.37
C VAL E 39 28.29 -5.57 13.38
N PHE E 40 27.67 -5.65 14.55
CA PHE E 40 26.22 -5.80 14.62
C PHE E 40 25.49 -4.58 14.09
N GLY E 41 26.08 -3.39 14.16
CA GLY E 41 25.47 -2.25 13.53
C GLY E 41 25.45 -2.36 12.02
N ILE E 42 26.56 -2.77 11.42
CA ILE E 42 26.61 -2.93 9.98
C ILE E 42 25.61 -3.98 9.56
N LEU E 43 25.48 -5.04 10.36
CA LEU E 43 24.54 -6.11 10.02
C LEU E 43 23.09 -5.67 10.18
N ALA E 44 22.78 -4.88 11.20
CA ALA E 44 21.44 -4.34 11.33
C ALA E 44 21.09 -3.46 10.16
N LEU E 45 22.05 -2.69 9.66
CA LEU E 45 21.79 -1.86 8.48
C LEU E 45 21.58 -2.70 7.23
N VAL E 46 22.38 -3.74 7.05
CA VAL E 46 22.17 -4.64 5.92
C VAL E 46 20.80 -5.30 5.99
N THR E 47 20.37 -5.71 7.19
CA THR E 47 19.06 -6.34 7.31
C THR E 47 17.94 -5.34 7.09
N PHE E 48 18.15 -4.08 7.47
CA PHE E 48 17.18 -3.05 7.13
C PHE E 48 17.02 -2.92 5.62
N ALA E 49 18.15 -2.93 4.90
CA ALA E 49 18.08 -2.90 3.44
C ALA E 49 17.36 -4.13 2.89
N ILE E 50 17.62 -5.31 3.45
CA ILE E 50 16.93 -6.53 3.03
C ILE E 50 15.42 -6.37 3.21
N GLN E 51 15.00 -5.86 4.37
CA GLN E 51 13.58 -5.69 4.62
C GLN E 51 12.94 -4.72 3.66
N ILE E 52 13.59 -3.59 3.39
CA ILE E 52 13.03 -2.63 2.44
C ILE E 52 12.94 -3.25 1.04
N ILE E 53 13.97 -3.97 0.62
CA ILE E 53 14.00 -4.50 -0.74
C ILE E 53 12.94 -5.57 -0.92
N SER E 54 12.77 -6.46 0.06
CA SER E 54 11.76 -7.49 -0.07
C SER E 54 10.36 -7.00 0.29
N GLY E 55 10.23 -5.83 0.92
CA GLY E 55 8.92 -5.29 1.16
C GLY E 55 8.42 -4.51 -0.02
N MET E 56 9.34 -3.87 -0.76
CA MET E 56 8.96 -3.22 -2.00
C MET E 56 8.41 -4.22 -3.01
N VAL E 57 8.69 -5.50 -2.81
CA VAL E 57 8.14 -6.53 -3.68
C VAL E 57 6.80 -7.03 -3.17
N LEU E 58 6.68 -7.20 -1.86
CA LEU E 58 5.43 -7.67 -1.30
C LEU E 58 4.33 -6.64 -1.37
N ILE E 59 4.69 -5.35 -1.42
CA ILE E 59 3.66 -4.32 -1.49
C ILE E 59 2.97 -4.34 -2.83
N LEU E 60 3.58 -4.97 -3.84
CA LEU E 60 2.93 -5.03 -5.15
C LEU E 60 1.73 -5.96 -5.13
N TYR E 61 1.75 -7.02 -4.33
CA TYR E 61 0.72 -8.04 -4.40
C TYR E 61 -0.09 -8.21 -3.13
N TYR E 62 0.27 -7.58 -2.04
CA TYR E 62 -0.53 -7.68 -0.83
C TYR E 62 -1.69 -6.69 -0.90
N LYS E 63 -2.88 -7.16 -0.53
CA LYS E 63 -4.10 -6.36 -0.63
C LYS E 63 -4.71 -6.18 0.75
N PRO E 64 -4.77 -4.96 1.26
CA PRO E 64 -5.18 -4.71 2.64
C PRO E 64 -6.69 -4.72 2.87
N SER E 65 -7.34 -5.81 2.51
CA SER E 65 -8.73 -6.02 2.83
C SER E 65 -8.88 -7.31 3.61
N ILE E 66 -9.85 -7.34 4.52
CA ILE E 66 -10.02 -8.52 5.37
C ILE E 66 -10.37 -9.73 4.52
N ALA E 67 -11.23 -9.57 3.52
CA ALA E 67 -11.56 -10.68 2.65
C ALA E 67 -10.53 -10.92 1.57
N ASP E 68 -9.57 -10.02 1.38
CA ASP E 68 -8.54 -10.21 0.38
C ASP E 68 -7.18 -10.56 0.95
N ALA E 69 -6.84 -10.06 2.14
CA ALA E 69 -5.59 -10.44 2.78
C ALA E 69 -5.65 -11.88 3.25
N PHE E 70 -4.49 -12.49 3.36
CA PHE E 70 -4.27 -13.92 3.57
C PHE E 70 -4.59 -14.72 2.33
N ASP E 71 -5.25 -14.12 1.35
CA ASP E 71 -5.34 -14.76 0.06
C ASP E 71 -4.39 -14.13 -0.93
N SER E 72 -4.00 -12.88 -0.69
CA SER E 72 -2.87 -12.31 -1.39
C SER E 72 -1.58 -12.96 -0.91
N ALA E 73 -1.32 -12.87 0.39
CA ALA E 73 -0.12 -13.40 1.00
C ALA E 73 0.04 -14.90 0.85
N THR E 74 -1.03 -15.68 0.97
CA THR E 74 -0.87 -17.14 0.95
C THR E 74 -1.14 -17.73 -0.42
N TYR E 75 -2.18 -17.29 -1.11
CA TYR E 75 -2.38 -17.78 -2.46
C TYR E 75 -1.55 -17.00 -3.45
N SER E 76 -1.77 -15.69 -3.57
CA SER E 76 -1.11 -14.93 -4.61
C SER E 76 0.40 -14.97 -4.46
N ILE E 77 0.92 -14.38 -3.39
CA ILE E 77 2.37 -14.28 -3.19
C ILE E 77 3.03 -15.64 -3.32
N MET E 78 2.47 -16.65 -2.65
CA MET E 78 3.17 -17.92 -2.52
C MET E 78 3.04 -18.81 -3.75
N GLY E 79 1.85 -18.95 -4.35
CA GLY E 79 1.71 -19.84 -5.47
C GLY E 79 1.63 -19.17 -6.82
N GLU E 80 0.96 -18.03 -6.90
CA GLU E 80 0.72 -17.42 -8.21
C GLU E 80 1.96 -16.73 -8.75
N ILE E 81 2.65 -15.97 -7.91
CA ILE E 81 3.72 -15.09 -8.37
C ILE E 81 5.03 -15.85 -8.44
N PRO E 82 5.80 -15.74 -9.52
CA PRO E 82 7.13 -16.37 -9.57
C PRO E 82 8.08 -15.68 -8.61
N PHE E 83 8.82 -16.48 -7.85
CA PHE E 83 9.75 -16.01 -6.81
C PHE E 83 9.04 -15.22 -5.73
N GLY E 84 7.71 -15.28 -5.63
CA GLY E 84 7.04 -14.65 -4.51
C GLY E 84 7.22 -15.38 -3.20
N TRP E 85 7.26 -16.71 -3.24
CA TRP E 85 7.62 -17.46 -2.06
C TRP E 85 8.95 -16.99 -1.50
N LEU E 86 9.91 -16.69 -2.37
CA LEU E 86 11.23 -16.30 -1.91
C LEU E 86 11.20 -14.97 -1.21
N PHE E 87 10.42 -14.02 -1.71
CA PHE E 87 10.39 -12.71 -1.09
C PHE E 87 9.46 -12.63 0.11
N ARG E 88 8.58 -13.60 0.29
CA ARG E 88 7.91 -13.69 1.59
C ARG E 88 8.75 -14.40 2.62
N HIS E 89 9.52 -15.41 2.20
CA HIS E 89 10.49 -16.02 3.10
C HIS E 89 11.56 -15.04 3.54
N ILE E 90 12.10 -14.26 2.60
CA ILE E 90 13.08 -13.24 2.95
C ILE E 90 12.51 -12.24 3.93
N HIS E 91 11.27 -11.83 3.75
CA HIS E 91 10.69 -10.83 4.65
C HIS E 91 10.45 -11.36 6.04
N ALA E 92 9.80 -12.51 6.15
CA ALA E 92 9.55 -13.09 7.47
C ALA E 92 10.82 -13.55 8.16
N THR E 93 11.89 -13.85 7.40
CA THR E 93 13.16 -14.17 8.04
C THR E 93 13.90 -12.90 8.44
N GLY E 94 13.84 -11.88 7.61
CA GLY E 94 14.54 -10.65 7.92
C GLY E 94 13.93 -9.93 9.11
N ALA E 95 12.63 -10.09 9.32
CA ALA E 95 12.03 -9.48 10.51
C ALA E 95 12.62 -10.05 11.79
N ASN E 96 12.68 -11.37 11.91
CA ASN E 96 13.27 -11.99 13.08
C ASN E 96 14.77 -11.80 13.18
N PHE E 97 15.50 -11.87 12.06
CA PHE E 97 16.92 -11.57 12.12
C PHE E 97 17.16 -10.11 12.48
N PHE E 98 16.28 -9.22 12.08
CA PHE E 98 16.44 -7.80 12.34
C PHE E 98 16.12 -7.47 13.78
N MET E 99 15.21 -8.20 14.40
CA MET E 99 15.06 -8.07 15.84
C MET E 99 16.25 -8.65 16.58
N ALA E 100 16.74 -9.81 16.16
CA ALA E 100 17.83 -10.45 16.88
C ALA E 100 19.10 -9.62 16.80
N ILE E 101 19.40 -9.07 15.62
CA ILE E 101 20.61 -8.28 15.44
C ILE E 101 20.54 -7.00 16.23
N VAL E 102 19.38 -6.36 16.27
CA VAL E 102 19.24 -5.13 17.05
C VAL E 102 19.34 -5.42 18.54
N TYR E 103 18.81 -6.55 18.99
CA TYR E 103 18.99 -6.93 20.38
C TYR E 103 20.44 -7.15 20.73
N LEU E 104 21.17 -7.92 19.94
CA LEU E 104 22.60 -8.09 20.17
C LEU E 104 23.34 -6.76 20.13
N HIS E 105 22.99 -5.91 19.18
CA HIS E 105 23.59 -4.60 19.03
C HIS E 105 23.43 -3.77 20.29
N MET E 106 22.20 -3.59 20.78
CA MET E 106 22.09 -2.79 21.98
C MET E 106 22.61 -3.51 23.21
N PHE E 107 22.61 -4.83 23.25
CA PHE E 107 23.06 -5.48 24.47
C PHE E 107 24.56 -5.44 24.65
N THR E 108 25.36 -5.73 23.64
CA THR E 108 26.76 -5.36 23.79
C THR E 108 27.12 -4.10 23.02
N GLY E 109 26.24 -3.11 23.06
CA GLY E 109 26.60 -1.72 23.18
C GLY E 109 26.38 -1.26 24.60
N ILE E 110 25.54 -1.99 25.34
CA ILE E 110 25.46 -1.81 26.79
C ILE E 110 26.73 -2.35 27.45
N TYR E 111 27.27 -3.43 26.92
CA TYR E 111 28.45 -4.05 27.51
C TYR E 111 29.62 -3.08 27.54
N TYR E 112 29.92 -2.46 26.41
CA TYR E 112 31.00 -1.49 26.31
C TYR E 112 30.60 -0.11 26.80
N ASN E 113 29.42 0.03 27.39
CA ASN E 113 28.89 1.31 27.85
C ASN E 113 29.09 2.39 26.80
N ALA E 114 28.54 2.14 25.63
CA ALA E 114 28.52 3.12 24.56
C ALA E 114 27.42 4.13 24.73
N TYR E 115 26.87 4.26 25.94
CA TYR E 115 25.84 5.24 26.22
C TYR E 115 26.34 6.39 27.08
N LYS E 116 27.54 6.30 27.64
CA LYS E 116 28.07 7.35 28.49
C LYS E 116 28.50 8.54 27.65
N ARG E 117 29.04 9.58 28.29
CA ARG E 117 29.48 10.76 27.56
C ARG E 117 30.58 10.38 26.58
N PRO E 118 30.61 10.97 25.38
CA PRO E 118 29.64 11.94 24.87
C PRO E 118 28.58 11.29 24.00
N ARG E 119 28.16 10.08 24.34
CA ARG E 119 27.24 9.31 23.53
C ARG E 119 25.87 9.17 24.18
N GLU E 120 25.44 10.17 24.94
CA GLU E 120 24.10 10.09 25.50
C GLU E 120 23.05 10.21 24.41
N LEU E 121 23.28 11.06 23.42
CA LEU E 121 22.29 11.32 22.40
C LEU E 121 22.17 10.19 21.39
N VAL E 122 23.28 9.52 21.06
CA VAL E 122 23.18 8.39 20.16
C VAL E 122 22.40 7.25 20.80
N TRP E 123 22.46 7.10 22.12
CA TRP E 123 21.63 6.11 22.78
C TRP E 123 20.17 6.50 22.80
N ILE E 124 19.85 7.79 22.96
CA ILE E 124 18.45 8.20 22.89
C ILE E 124 17.89 7.93 21.49
N VAL E 125 18.64 8.29 20.46
CA VAL E 125 18.16 8.02 19.11
C VAL E 125 18.09 6.52 18.86
N GLY E 126 18.99 5.73 19.43
CA GLY E 126 18.90 4.30 19.28
C GLY E 126 17.70 3.71 19.98
N TRP E 127 17.34 4.24 21.14
CA TRP E 127 16.14 3.75 21.80
C TRP E 127 14.90 4.14 21.04
N LEU E 128 14.89 5.31 20.39
CA LEU E 128 13.78 5.60 19.49
C LEU E 128 13.74 4.64 18.32
N ILE E 129 14.89 4.30 17.73
CA ILE E 129 14.95 3.27 16.71
C ILE E 129 14.28 2.01 17.21
N TYR E 130 14.68 1.54 18.39
CA TYR E 130 14.16 0.30 18.95
C TYR E 130 12.66 0.37 19.17
N PHE E 131 12.17 1.47 19.71
CA PHE E 131 10.74 1.59 19.95
C PHE E 131 9.95 1.56 18.66
N VAL E 132 10.36 2.37 17.66
CA VAL E 132 9.61 2.37 16.41
C VAL E 132 9.80 1.07 15.64
N LEU E 133 10.85 0.33 15.92
CA LEU E 133 11.07 -0.96 15.28
C LEU E 133 10.15 -2.02 15.86
N ILE E 134 9.89 -1.96 17.16
CA ILE E 134 8.85 -2.79 17.75
C ILE E 134 7.52 -2.56 17.06
N LEU E 135 7.19 -1.29 16.78
CA LEU E 135 5.92 -1.01 16.12
C LEU E 135 5.92 -1.47 14.67
N THR E 136 7.04 -1.37 13.98
CA THR E 136 7.08 -1.83 12.59
C THR E 136 6.96 -3.34 12.50
N ALA E 137 7.54 -4.08 13.44
CA ALA E 137 7.41 -5.53 13.42
C ALA E 137 6.12 -6.02 14.02
N LEU E 138 5.49 -5.23 14.89
CA LEU E 138 4.25 -5.62 15.54
C LEU E 138 3.06 -5.38 14.62
N SER E 139 3.10 -4.29 13.86
CA SER E 139 2.04 -3.97 12.93
C SER E 139 2.16 -4.75 11.64
N GLY E 140 3.36 -5.11 11.23
CA GLY E 140 3.49 -5.92 10.05
C GLY E 140 3.13 -7.36 10.23
N TYR E 141 2.93 -7.79 11.47
CA TYR E 141 2.53 -9.15 11.75
C TYR E 141 1.03 -9.33 11.63
N LEU E 142 0.25 -8.26 11.76
CA LEU E 142 -1.18 -8.36 11.54
C LEU E 142 -1.50 -8.55 10.07
N LEU E 143 -0.61 -8.10 9.19
CA LEU E 143 -0.95 -8.03 7.77
C LEU E 143 -1.27 -9.37 7.14
N PRO E 144 -0.56 -10.46 7.41
CA PRO E 144 -0.95 -11.74 6.82
C PRO E 144 -2.35 -12.20 7.21
N TRP E 145 -2.93 -11.61 8.24
CA TRP E 145 -4.30 -11.92 8.67
C TRP E 145 -4.48 -13.41 8.93
N GLY E 146 -3.47 -14.03 9.51
CA GLY E 146 -3.53 -15.42 9.86
C GLY E 146 -4.24 -15.63 11.18
N GLN E 147 -4.35 -16.89 11.58
CA GLN E 147 -5.09 -17.21 12.79
C GLN E 147 -4.44 -16.59 14.01
N LEU E 148 -3.15 -16.80 14.20
CA LEU E 148 -2.48 -16.25 15.37
C LEU E 148 -1.92 -14.87 15.12
N SER E 149 -1.78 -14.45 13.87
CA SER E 149 -1.44 -13.06 13.61
C SER E 149 -2.50 -12.12 14.19
N TYR E 150 -3.76 -12.31 13.81
CA TYR E 150 -4.86 -11.51 14.32
C TYR E 150 -4.97 -11.58 15.83
N TRP E 151 -4.84 -12.76 16.40
CA TRP E 151 -5.05 -12.91 17.83
C TRP E 151 -3.87 -12.42 18.66
N GLY E 152 -2.65 -12.57 18.18
CA GLY E 152 -1.53 -11.92 18.82
C GLY E 152 -1.57 -10.42 18.72
N PHE E 153 -2.16 -9.88 17.66
CA PHE E 153 -2.42 -8.45 17.64
C PHE E 153 -3.46 -8.05 18.67
N ILE E 154 -4.55 -8.82 18.78
CA ILE E 154 -5.57 -8.52 19.78
C ILE E 154 -4.97 -8.54 21.18
N VAL E 155 -4.25 -9.60 21.54
CA VAL E 155 -3.75 -9.71 22.91
C VAL E 155 -2.68 -8.65 23.17
N THR E 156 -1.96 -8.24 22.13
CA THR E 156 -0.91 -7.24 22.31
C THR E 156 -1.47 -5.83 22.46
N THR E 157 -2.58 -5.51 21.79
CA THR E 157 -3.18 -4.20 21.95
C THR E 157 -4.22 -4.15 23.06
N GLU E 158 -4.60 -5.29 23.63
CA GLU E 158 -5.38 -5.28 24.86
C GLU E 158 -4.54 -5.05 26.10
N ILE E 159 -3.21 -5.05 25.97
CA ILE E 159 -2.35 -4.82 27.13
C ILE E 159 -2.52 -3.41 27.69
N PRO E 160 -2.48 -2.34 26.88
CA PRO E 160 -2.73 -1.00 27.44
C PRO E 160 -4.09 -0.85 28.07
N GLY E 161 -5.02 -1.78 27.85
CA GLY E 161 -6.28 -1.74 28.55
C GLY E 161 -6.15 -2.04 30.02
N SER E 162 -5.09 -2.74 30.42
CA SER E 162 -4.83 -3.00 31.82
C SER E 162 -4.44 -1.74 32.58
N LEU E 163 -4.02 -0.68 31.88
CA LEU E 163 -3.85 0.60 32.53
C LEU E 163 -5.20 1.18 32.93
N ALA E 164 -6.19 1.04 32.06
CA ALA E 164 -7.55 1.46 32.39
C ALA E 164 -8.14 0.66 33.54
N ASP E 165 -7.54 -0.48 33.87
CA ASP E 165 -7.95 -1.21 35.06
C ASP E 165 -7.78 -0.35 36.29
N ALA E 166 -8.66 -0.55 37.24
CA ALA E 166 -8.62 0.24 38.48
C ALA E 166 -7.39 -0.13 39.29
N PRO E 167 -6.53 0.82 39.59
CA PRO E 167 -5.47 0.60 40.58
C PRO E 167 -6.09 0.49 41.96
N ILE E 168 -5.25 0.22 42.95
CA ILE E 168 -5.75 0.19 44.32
C ILE E 168 -6.20 1.59 44.74
N LEU E 169 -5.62 2.62 44.14
CA LEU E 169 -5.99 4.00 44.39
C LEU E 169 -6.23 4.70 43.07
N LYS E 170 -7.14 5.67 43.07
CA LYS E 170 -7.51 6.47 41.92
C LYS E 170 -8.01 5.61 40.75
N PRO E 171 -9.21 5.00 40.85
CA PRO E 171 -9.79 4.26 39.73
C PRO E 171 -10.46 5.16 38.69
N ILE E 172 -9.72 6.16 38.21
CA ILE E 172 -10.22 7.07 37.19
C ILE E 172 -9.67 6.76 35.81
N PHE E 173 -8.68 5.87 35.72
CA PHE E 173 -7.98 5.62 34.46
C PHE E 173 -8.87 5.00 33.40
N LYS E 174 -10.01 4.44 33.78
CA LYS E 174 -10.98 4.00 32.79
C LYS E 174 -11.33 5.17 31.89
N ALA E 175 -11.35 4.92 30.58
CA ALA E 175 -11.53 5.95 29.56
C ALA E 175 -10.40 6.95 29.54
N ILE E 176 -9.28 6.64 30.20
CA ILE E 176 -8.10 7.47 30.16
C ILE E 176 -6.99 6.67 29.51
N ALA E 177 -6.33 7.29 28.53
CA ALA E 177 -5.35 6.61 27.68
C ALA E 177 -5.96 5.35 27.07
N GLU E 178 -7.16 5.50 26.51
CA GLU E 178 -7.87 4.39 25.91
C GLU E 178 -7.25 4.05 24.56
N THR E 179 -6.06 3.44 24.59
CA THR E 179 -5.38 2.97 23.40
C THR E 179 -6.11 1.79 22.76
N ILE E 180 -7.09 1.24 23.46
CA ILE E 180 -7.98 0.20 22.91
C ILE E 180 -8.84 0.78 21.81
N VAL E 181 -9.69 1.76 22.15
CA VAL E 181 -10.63 2.27 21.17
C VAL E 181 -9.98 3.32 20.28
N LEU E 182 -9.13 4.19 20.86
CA LEU E 182 -8.48 5.22 20.07
C LEU E 182 -7.46 4.62 19.12
N TRP E 183 -6.38 4.07 19.67
CA TRP E 183 -5.30 3.56 18.86
C TRP E 183 -5.70 2.21 18.31
N MET E 184 -4.71 1.46 17.83
CA MET E 184 -4.93 0.22 17.11
C MET E 184 -5.92 -0.68 17.86
N LYS E 185 -6.51 -1.59 17.10
CA LYS E 185 -7.79 -2.28 17.32
C LYS E 185 -8.96 -1.42 16.86
N GLY E 186 -8.73 -0.19 16.40
CA GLY E 186 -9.72 0.57 15.65
C GLY E 186 -11.00 0.90 16.39
N GLY E 187 -11.21 0.34 17.57
CA GLY E 187 -12.41 0.58 18.36
C GLY E 187 -13.38 -0.56 18.32
N TYR E 188 -13.28 -1.46 19.30
CA TYR E 188 -14.22 -2.54 19.59
C TYR E 188 -14.22 -3.61 18.51
N VAL E 189 -13.64 -3.32 17.35
CA VAL E 189 -13.67 -4.21 16.20
C VAL E 189 -12.44 -3.93 15.36
N VAL E 190 -11.80 -4.98 14.88
CA VAL E 190 -10.78 -4.84 13.85
C VAL E 190 -11.47 -5.05 12.51
N THR E 191 -11.74 -3.95 11.82
CA THR E 191 -12.50 -3.94 10.60
C THR E 191 -11.59 -3.67 9.41
N ASP E 192 -12.19 -3.49 8.24
CA ASP E 192 -11.41 -3.23 7.03
C ASP E 192 -10.64 -1.92 7.13
N VAL E 193 -11.22 -0.92 7.79
CA VAL E 193 -10.55 0.36 7.94
C VAL E 193 -9.32 0.23 8.82
N THR E 194 -9.41 -0.56 9.89
CA THR E 194 -8.27 -0.73 10.77
C THR E 194 -7.15 -1.49 10.08
N LEU E 195 -7.48 -2.51 9.30
CA LEU E 195 -6.44 -3.21 8.56
C LEU E 195 -5.80 -2.30 7.53
N GLY E 196 -6.61 -1.48 6.85
CA GLY E 196 -6.01 -0.51 5.96
C GLY E 196 -5.07 0.46 6.66
N ARG E 197 -5.44 0.89 7.86
CA ARG E 197 -4.60 1.81 8.61
C ARG E 197 -3.30 1.16 9.05
N VAL E 198 -3.36 -0.07 9.56
CA VAL E 198 -2.15 -0.78 9.96
C VAL E 198 -1.27 -1.06 8.77
N PHE E 199 -1.85 -1.45 7.63
CA PHE E 199 -1.05 -1.65 6.43
C PHE E 199 -0.34 -0.38 6.02
N GLY E 200 -1.07 0.73 5.91
CA GLY E 200 -0.45 1.97 5.50
C GLY E 200 0.67 2.39 6.42
N SER E 201 0.41 2.37 7.73
CA SER E 201 1.45 2.72 8.69
C SER E 201 2.67 1.82 8.54
N HIS E 202 2.49 0.52 8.72
CA HIS E 202 3.61 -0.41 8.65
C HIS E 202 4.40 -0.29 7.36
N VAL E 203 3.73 -0.03 6.25
CA VAL E 203 4.41 -0.02 4.96
C VAL E 203 5.15 1.28 4.70
N LEU E 204 4.59 2.42 5.04
CA LEU E 204 5.25 3.67 4.69
C LEU E 204 5.58 4.58 5.86
N ILE E 205 4.74 4.67 6.88
CA ILE E 205 4.95 5.68 7.91
C ILE E 205 6.08 5.26 8.83
N TYR E 206 6.16 3.98 9.16
CA TYR E 206 7.18 3.54 10.11
C TYR E 206 8.54 3.37 9.44
N PRO E 207 8.65 2.77 8.25
CA PRO E 207 9.95 2.72 7.59
C PRO E 207 10.52 4.07 7.20
N LEU E 208 9.68 5.08 6.96
CA LEU E 208 10.22 6.41 6.72
C LEU E 208 10.81 7.05 7.96
N ILE E 209 10.12 6.98 9.09
CA ILE E 209 10.68 7.47 10.34
C ILE E 209 11.68 6.50 10.94
N LEU E 210 11.92 5.36 10.28
CA LEU E 210 13.12 4.57 10.53
C LEU E 210 14.28 4.99 9.66
N LEU E 211 14.05 5.33 8.40
CA LEU E 211 15.14 5.86 7.60
C LEU E 211 15.65 7.17 8.17
N ALA E 212 14.75 8.06 8.57
CA ALA E 212 15.19 9.30 9.21
C ALA E 212 15.97 9.04 10.47
N LEU E 213 15.45 8.18 11.35
CA LEU E 213 16.11 7.90 12.62
C LEU E 213 17.41 7.15 12.45
N VAL E 214 17.51 6.25 11.48
CA VAL E 214 18.77 5.55 11.25
C VAL E 214 19.80 6.52 10.68
N GLY E 215 19.36 7.45 9.83
CA GLY E 215 20.28 8.48 9.37
C GLY E 215 20.81 9.33 10.50
N ILE E 216 19.92 9.80 11.37
CA ILE E 216 20.36 10.60 12.52
C ILE E 216 21.27 9.80 13.43
N HIS E 217 20.95 8.52 13.64
CA HIS E 217 21.78 7.67 14.49
C HIS E 217 23.17 7.49 13.91
N LEU E 218 23.25 7.21 12.62
CA LEU E 218 24.55 7.03 11.98
C LEU E 218 25.35 8.31 11.97
N TYR E 219 24.69 9.46 11.86
CA TYR E 219 25.43 10.70 11.92
C TYR E 219 25.94 10.97 13.34
N LEU E 220 25.12 10.68 14.34
CA LEU E 220 25.54 10.89 15.72
C LEU E 220 26.65 9.95 16.13
N VAL E 221 26.71 8.75 15.57
CA VAL E 221 27.82 7.86 15.88
C VAL E 221 29.13 8.43 15.35
N ARG E 222 29.09 9.03 14.16
CA ARG E 222 30.30 9.62 13.59
C ARG E 222 30.69 10.89 14.34
N ALA E 223 29.71 11.73 14.66
CA ALA E 223 30.02 12.98 15.34
C ALA E 223 30.62 12.74 16.72
N ALA E 224 30.25 11.65 17.38
CA ALA E 224 30.76 11.35 18.71
C ALA E 224 31.92 10.37 18.70
N GLY E 225 32.20 9.72 17.58
CA GLY E 225 33.28 8.77 17.52
C GLY E 225 32.91 7.43 18.11
N ILE E 226 33.41 6.35 17.54
CA ILE E 226 33.04 5.02 18.00
C ILE E 226 33.90 4.65 19.21
N SER E 227 33.24 4.15 20.25
CA SER E 227 33.91 3.87 21.51
C SER E 227 34.72 2.60 21.42
N ASN E 228 35.96 2.65 21.91
CA ASN E 228 36.78 1.45 21.85
C ASN E 228 36.52 0.57 23.06
N PRO E 229 36.70 -0.75 22.91
CA PRO E 229 36.35 -1.67 23.98
C PRO E 229 37.27 -1.66 25.17
N GLU E 230 38.29 -0.80 25.22
CA GLU E 230 39.17 -0.77 26.37
C GLU E 230 38.63 0.17 27.44
N GLY E 231 38.05 1.28 27.04
CA GLY E 231 37.52 2.26 27.95
C GLY E 231 38.30 3.55 28.03
N ILE E 232 39.56 3.56 27.61
CA ILE E 232 40.36 4.78 27.63
C ILE E 232 39.90 5.78 26.56
N GLU E 233 39.24 5.29 25.51
CA GLU E 233 38.44 6.11 24.60
C GLU E 233 39.31 6.95 23.66
N TYR E 234 40.61 7.05 23.92
CA TYR E 234 41.51 7.71 22.98
C TYR E 234 42.96 7.64 23.41
N ASP E 235 43.85 7.84 22.44
CA ASP E 235 45.19 8.38 22.67
C ASP E 235 45.42 9.29 21.46
N LYS E 236 44.40 10.08 21.14
CA LYS E 236 44.34 10.79 19.86
C LYS E 236 45.42 11.85 19.77
N LYS E 237 45.76 12.21 18.53
CA LYS E 237 46.89 13.05 18.14
C LYS E 237 48.22 12.43 18.49
N LYS E 238 48.22 11.28 19.15
CA LYS E 238 49.40 10.52 19.50
C LYS E 238 49.18 9.06 19.18
N ASN E 239 50.13 8.24 19.58
CA ASN E 239 50.02 6.78 19.55
C ASN E 239 49.53 6.25 18.21
N PRO E 240 50.39 6.22 17.19
CA PRO E 240 50.07 5.46 15.98
C PRO E 240 50.08 3.97 16.29
N ASP E 241 49.94 3.17 15.23
CA ASP E 241 49.90 1.71 15.33
C ASP E 241 48.76 1.23 16.21
N LYS E 242 47.84 2.13 16.54
CA LYS E 242 46.64 1.79 17.27
C LYS E 242 45.38 1.99 16.45
N PHE E 243 45.50 2.52 15.24
CA PHE E 243 44.31 2.95 14.50
C PHE E 243 44.16 2.29 13.14
N VAL E 244 45.20 2.22 12.31
CA VAL E 244 45.19 1.45 11.07
C VAL E 244 43.90 1.70 10.28
N PRO E 245 43.82 2.80 9.53
CA PRO E 245 42.53 3.39 9.13
C PRO E 245 41.51 2.47 8.50
N PHE E 246 40.27 2.97 8.44
CA PHE E 246 39.10 2.16 8.10
C PHE E 246 39.33 1.31 6.87
N HIS E 247 39.62 1.93 5.77
CA HIS E 247 39.80 1.15 4.54
C HIS E 247 41.26 0.78 4.38
N PRO E 248 41.59 -0.49 4.14
CA PRO E 248 40.70 -1.64 4.06
C PRO E 248 40.80 -2.54 5.27
N TYR E 249 41.30 -2.03 6.39
CA TYR E 249 41.47 -2.89 7.56
C TYR E 249 40.13 -3.30 8.14
N MET E 250 39.12 -2.44 8.04
CA MET E 250 37.80 -2.72 8.61
C MET E 250 36.70 -2.80 7.57
N THR E 251 36.88 -2.17 6.41
CA THR E 251 35.85 -2.20 5.38
C THR E 251 35.83 -3.51 4.59
N LEU E 252 36.85 -4.36 4.74
CA LEU E 252 36.80 -5.70 4.19
C LEU E 252 36.53 -6.74 5.24
N LYS E 253 36.85 -6.44 6.50
CA LYS E 253 36.42 -7.31 7.59
C LYS E 253 34.91 -7.32 7.73
N GLU E 254 34.29 -6.14 7.74
CA GLU E 254 32.84 -6.09 7.65
C GLU E 254 32.33 -6.62 6.32
N GLY E 255 33.07 -6.38 5.24
CA GLY E 255 32.66 -6.90 3.96
C GLY E 255 32.57 -8.41 3.93
N ALA E 256 33.35 -9.08 4.78
CA ALA E 256 33.26 -10.52 4.85
C ALA E 256 32.26 -10.98 5.89
N TYR E 257 32.18 -10.30 7.03
CA TYR E 257 31.16 -10.65 8.01
C TYR E 257 29.76 -10.46 7.48
N VAL E 258 29.53 -9.48 6.61
CA VAL E 258 28.23 -9.29 6.00
C VAL E 258 27.88 -10.47 5.10
N MET E 259 28.85 -10.94 4.31
CA MET E 259 28.59 -12.09 3.46
C MET E 259 28.32 -13.34 4.26
N TRP E 260 29.07 -13.56 5.34
CA TRP E 260 28.80 -14.74 6.15
C TRP E 260 27.46 -14.64 6.87
N TYR E 261 27.09 -13.45 7.33
CA TYR E 261 25.79 -13.27 7.93
C TYR E 261 24.68 -13.49 6.93
N LEU E 262 24.88 -13.07 5.68
CA LEU E 262 23.91 -13.35 4.64
C LEU E 262 23.83 -14.83 4.30
N ALA E 263 24.92 -15.56 4.39
CA ALA E 263 24.82 -17.01 4.25
C ALA E 263 24.01 -17.65 5.37
N VAL E 264 24.25 -17.23 6.61
CA VAL E 264 23.43 -17.75 7.72
C VAL E 264 21.97 -17.34 7.54
N PHE E 265 21.72 -16.17 6.99
CA PHE E 265 20.36 -15.68 6.79
C PHE E 265 19.65 -16.47 5.70
N PHE E 266 20.32 -16.69 4.59
CA PHE E 266 19.74 -17.44 3.49
C PHE E 266 19.73 -18.94 3.75
N PHE E 267 20.35 -19.40 4.82
CA PHE E 267 20.04 -20.76 5.24
C PHE E 267 18.63 -20.84 5.80
N PHE E 268 18.26 -19.91 6.68
CA PHE E 268 16.91 -19.90 7.22
C PHE E 268 15.87 -19.57 6.16
N VAL E 269 16.19 -18.69 5.23
CA VAL E 269 15.23 -18.32 4.20
C VAL E 269 14.81 -19.54 3.39
N PHE E 270 15.77 -20.40 3.05
CA PHE E 270 15.52 -21.48 2.12
C PHE E 270 15.13 -22.78 2.81
N PHE E 271 15.87 -23.18 3.84
CA PHE E 271 15.83 -24.54 4.32
C PHE E 271 15.17 -24.73 5.66
N HIS E 272 15.05 -23.69 6.49
CA HIS E 272 14.38 -23.85 7.77
C HIS E 272 13.60 -22.56 8.05
N ILE E 273 12.34 -22.54 7.63
CA ILE E 273 11.51 -21.38 7.85
C ILE E 273 10.20 -21.81 8.49
N SER E 274 10.14 -23.04 8.97
CA SER E 274 8.93 -23.49 9.65
C SER E 274 8.71 -22.78 10.97
N HIS E 275 9.55 -21.83 11.33
CA HIS E 275 9.39 -21.11 12.59
C HIS E 275 9.26 -19.61 12.42
N PHE E 276 9.57 -19.07 11.25
CA PHE E 276 9.35 -17.67 10.92
C PHE E 276 8.02 -17.44 10.25
N LEU E 277 7.63 -18.32 9.35
CA LEU E 277 6.24 -18.43 8.94
C LEU E 277 5.68 -19.63 9.69
N PRO E 278 5.19 -19.46 10.91
CA PRO E 278 4.76 -20.61 11.68
C PRO E 278 3.58 -21.28 11.01
N PRO E 279 3.53 -22.62 11.01
CA PRO E 279 2.43 -23.28 10.28
C PRO E 279 1.07 -22.89 10.79
N GLU E 280 0.91 -22.72 12.10
CA GLU E 280 -0.38 -22.40 12.66
C GLU E 280 -0.86 -20.99 12.34
N ASN E 281 -0.06 -20.21 11.60
CA ASN E 281 -0.50 -18.93 11.08
C ASN E 281 -1.01 -19.03 9.65
N PHE E 282 -1.05 -20.23 9.10
CA PHE E 282 -1.61 -20.47 7.77
C PHE E 282 -3.07 -20.83 7.82
N GLU E 283 -3.76 -20.46 8.88
CA GLU E 283 -5.19 -20.62 8.97
C GLU E 283 -5.84 -19.26 8.99
N PRO E 284 -6.80 -18.98 8.12
CA PRO E 284 -7.36 -17.63 8.06
C PRO E 284 -8.04 -17.24 9.36
N ALA E 285 -7.82 -16.00 9.76
CA ALA E 285 -8.27 -15.55 11.06
C ALA E 285 -9.78 -15.50 11.11
N ASN E 286 -10.36 -16.13 12.13
CA ASN E 286 -11.75 -15.86 12.40
C ASN E 286 -11.89 -15.33 13.81
N PRO E 287 -12.54 -14.19 13.99
CA PRO E 287 -12.59 -13.55 15.31
C PRO E 287 -13.41 -14.27 16.35
N LEU E 288 -13.98 -15.43 16.03
CA LEU E 288 -14.79 -16.16 16.98
C LEU E 288 -14.07 -17.34 17.62
N LYS E 289 -12.94 -17.77 17.07
CA LYS E 289 -12.21 -18.92 17.59
C LYS E 289 -10.84 -18.46 18.07
N THR E 290 -10.58 -18.63 19.34
CA THR E 290 -9.29 -18.25 19.91
C THR E 290 -8.36 -19.43 19.91
N PRO E 291 -7.11 -19.27 19.45
CA PRO E 291 -6.14 -20.36 19.55
C PRO E 291 -5.83 -20.67 21.01
N ALA E 292 -5.09 -21.76 21.21
CA ALA E 292 -4.84 -22.21 22.58
C ALA E 292 -3.90 -21.25 23.30
N HIS E 293 -2.66 -21.15 22.83
CA HIS E 293 -1.64 -20.32 23.47
C HIS E 293 -1.30 -19.19 22.50
N ILE E 294 -1.56 -17.95 22.91
CA ILE E 294 -1.53 -16.84 21.97
C ILE E 294 -0.58 -15.74 22.44
N ALA E 295 0.50 -16.12 23.11
CA ALA E 295 1.49 -15.14 23.52
C ALA E 295 2.07 -14.41 22.32
N PRO E 296 2.56 -13.17 22.50
CA PRO E 296 3.08 -12.40 21.36
C PRO E 296 4.35 -12.97 20.77
N GLU E 297 4.90 -12.30 19.77
CA GLU E 297 6.06 -12.81 19.07
C GLU E 297 7.32 -12.60 19.91
N TRP E 298 8.37 -13.35 19.59
CA TRP E 298 9.44 -13.60 20.55
C TRP E 298 10.13 -12.33 21.03
N TYR E 299 10.16 -11.27 20.24
CA TYR E 299 10.87 -10.07 20.70
C TYR E 299 10.08 -9.31 21.75
N LEU E 300 8.83 -9.66 21.99
CA LEU E 300 8.02 -9.03 23.02
C LEU E 300 7.73 -9.96 24.18
N LEU E 301 8.17 -11.21 24.11
CA LEU E 301 7.95 -12.14 25.19
C LEU E 301 8.76 -11.82 26.43
N GLY E 302 9.89 -11.16 26.28
CA GLY E 302 10.64 -10.73 27.45
C GLY E 302 9.85 -9.78 28.32
N TYR E 303 9.01 -8.95 27.72
CA TYR E 303 8.14 -8.06 28.48
C TYR E 303 6.81 -8.72 28.80
N TYR E 304 6.35 -9.63 27.96
CA TYR E 304 5.12 -10.36 28.24
C TYR E 304 5.28 -11.31 29.40
N GLU E 305 6.48 -11.73 29.74
CA GLU E 305 6.68 -12.55 30.91
C GLU E 305 6.78 -11.73 32.19
N VAL E 306 7.32 -10.51 32.12
CA VAL E 306 7.21 -9.61 33.25
C VAL E 306 5.75 -9.30 33.52
N PHE E 307 5.04 -8.81 32.51
CA PHE E 307 3.59 -8.81 32.52
C PHE E 307 3.08 -10.22 32.77
N ARG E 308 1.83 -10.31 33.20
CA ARG E 308 1.15 -11.59 33.48
C ARG E 308 1.96 -12.50 34.42
N SER E 309 2.95 -11.93 35.10
CA SER E 309 3.57 -12.58 36.24
C SER E 309 3.26 -11.87 37.54
N ILE E 310 3.23 -10.54 37.53
CA ILE E 310 2.63 -9.84 38.66
C ILE E 310 1.15 -10.17 38.72
N PRO E 311 0.62 -10.63 39.86
CA PRO E 311 -0.79 -11.04 39.89
C PRO E 311 -1.76 -9.94 39.51
N SER E 312 -1.39 -8.68 39.69
CA SER E 312 -2.23 -7.58 39.24
C SER E 312 -1.93 -7.25 37.79
N LYS E 313 -2.92 -6.72 37.08
CA LYS E 313 -2.70 -6.33 35.70
C LYS E 313 -2.16 -4.92 35.59
N PHE E 314 -2.63 -4.00 36.44
CA PHE E 314 -2.15 -2.63 36.37
C PHE E 314 -0.68 -2.53 36.74
N TRP E 315 -0.29 -3.17 37.84
CA TRP E 315 1.12 -3.17 38.19
C TRP E 315 1.97 -3.92 37.18
N GLY E 316 1.41 -4.93 36.53
CA GLY E 316 2.12 -5.60 35.47
C GLY E 316 2.36 -4.68 34.30
N PHE E 317 1.40 -3.84 33.97
CA PHE E 317 1.60 -2.87 32.90
C PHE E 317 2.62 -1.81 33.28
N VAL E 318 2.58 -1.36 34.54
CA VAL E 318 3.57 -0.39 35.00
C VAL E 318 4.97 -0.98 34.92
N ALA E 319 5.12 -2.26 35.26
CA ALA E 319 6.42 -2.89 35.12
C ALA E 319 6.83 -3.06 33.67
N PHE E 320 5.90 -3.49 32.81
CA PHE E 320 6.12 -3.52 31.37
C PHE E 320 6.74 -2.21 30.89
N ASN E 321 6.15 -1.08 31.29
CA ASN E 321 6.61 0.20 30.79
C ASN E 321 7.85 0.73 31.49
N ALA E 322 8.03 0.43 32.77
CA ALA E 322 9.27 0.83 33.43
C ALA E 322 10.45 0.07 32.87
N LEU E 323 10.25 -1.17 32.46
CA LEU E 323 11.35 -1.93 31.88
C LEU E 323 11.78 -1.38 30.54
N LEU E 324 10.85 -0.78 29.78
CA LEU E 324 11.20 -0.06 28.56
C LEU E 324 11.82 1.29 28.84
N LEU E 325 11.28 2.02 29.82
CA LEU E 325 11.77 3.35 30.12
C LEU E 325 13.14 3.34 30.77
N LEU E 326 13.52 2.24 31.41
CA LEU E 326 14.84 2.16 31.99
C LEU E 326 15.92 1.86 30.98
N LEU E 327 15.56 1.65 29.72
CA LEU E 327 16.54 1.62 28.64
C LEU E 327 16.76 2.98 28.02
N LEU E 328 15.75 3.85 28.07
CA LEU E 328 15.93 5.24 27.67
C LEU E 328 16.83 5.96 28.66
N LEU E 329 16.48 5.90 29.94
CA LEU E 329 17.22 6.58 30.98
C LEU E 329 18.47 5.84 31.41
N LEU E 330 18.88 4.82 30.67
CA LEU E 330 20.08 4.08 31.05
C LEU E 330 21.35 4.93 31.06
N PRO E 331 21.60 5.83 30.09
CA PRO E 331 22.82 6.64 30.19
C PRO E 331 22.78 7.63 31.34
N PHE E 332 21.62 8.20 31.64
CA PHE E 332 21.49 9.09 32.78
C PHE E 332 21.45 8.32 34.10
N LEU E 333 21.24 7.02 34.05
CA LEU E 333 21.15 6.19 35.24
C LEU E 333 22.53 5.70 35.67
N ASP E 334 23.45 5.55 34.73
CA ASP E 334 24.81 5.14 35.01
C ASP E 334 25.73 6.34 34.84
N PHE E 335 26.34 6.77 35.93
CA PHE E 335 27.24 7.94 35.91
C PHE E 335 28.57 7.50 36.51
N SER E 336 29.59 7.37 35.69
CA SER E 336 30.89 6.94 36.20
C SER E 336 31.95 7.34 35.20
N PRO E 337 33.18 7.57 35.67
CA PRO E 337 34.27 7.80 34.71
C PRO E 337 34.64 6.57 33.91
N LEU E 338 34.58 5.38 34.53
CA LEU E 338 34.93 4.15 33.85
C LEU E 338 33.93 3.85 32.75
N LYS E 339 34.43 3.25 31.66
CA LYS E 339 33.60 3.06 30.49
C LYS E 339 33.31 1.59 30.19
N SER E 340 34.30 0.77 29.89
CA SER E 340 33.98 -0.54 29.36
C SER E 340 33.60 -1.49 30.51
N ALA E 341 33.15 -2.69 30.15
CA ALA E 341 32.94 -3.73 31.12
C ALA E 341 34.19 -4.55 31.39
N ARG E 342 35.16 -4.54 30.47
CA ARG E 342 36.49 -5.02 30.81
C ARG E 342 37.12 -4.21 31.92
N ARG E 343 36.73 -2.95 32.05
CA ARG E 343 37.29 -2.02 33.02
C ARG E 343 36.54 -1.98 34.33
N ARG E 344 35.30 -2.45 34.35
CA ARG E 344 34.48 -2.47 35.57
C ARG E 344 34.20 -3.91 35.95
N PRO E 345 34.89 -4.46 36.96
CA PRO E 345 34.66 -5.87 37.32
C PRO E 345 33.36 -6.11 38.04
N LEU E 346 32.74 -5.07 38.60
CA LEU E 346 31.48 -5.21 39.30
C LEU E 346 30.28 -5.00 38.39
N PHE E 347 30.46 -4.28 37.29
CA PHE E 347 29.40 -4.14 36.30
C PHE E 347 29.30 -5.36 35.41
N PHE E 348 30.41 -6.06 35.19
CA PHE E 348 30.39 -7.26 34.38
C PHE E 348 29.49 -8.32 35.00
N VAL E 349 29.51 -8.44 36.33
CA VAL E 349 28.66 -9.40 37.00
C VAL E 349 27.19 -9.05 36.81
N MET E 350 26.82 -7.80 37.04
CA MET E 350 25.45 -7.39 36.82
C MET E 350 25.03 -7.52 35.37
N PHE E 351 25.95 -7.34 34.42
CA PHE E 351 25.55 -7.52 33.03
C PHE E 351 25.35 -8.98 32.68
N VAL E 352 26.17 -9.87 33.23
CA VAL E 352 25.90 -11.29 33.02
C VAL E 352 24.54 -11.66 33.61
N ILE E 353 24.24 -11.16 34.81
CA ILE E 353 22.94 -11.43 35.42
C ILE E 353 21.82 -10.91 34.53
N PHE E 354 21.95 -9.68 34.04
CA PHE E 354 20.93 -9.06 33.20
C PHE E 354 20.73 -9.81 31.90
N MET E 355 21.82 -10.20 31.23
CA MET E 355 21.71 -10.92 29.97
C MET E 355 21.09 -12.31 30.17
N ILE E 356 21.49 -13.02 31.22
CA ILE E 356 20.90 -14.33 31.50
C ILE E 356 19.43 -14.20 31.82
N SER E 357 19.07 -13.25 32.69
CA SER E 357 17.69 -13.08 33.10
C SER E 357 16.82 -12.44 32.03
N SER E 358 17.41 -11.86 31.00
CA SER E 358 16.64 -11.41 29.85
C SER E 358 16.45 -12.48 28.81
N MET E 359 17.40 -13.40 28.66
CA MET E 359 17.14 -14.59 27.86
C MET E 359 16.10 -15.48 28.52
N ALA E 360 16.22 -15.69 29.83
CA ALA E 360 15.30 -16.56 30.55
C ALA E 360 13.87 -16.06 30.53
N LEU E 361 13.65 -14.75 30.58
CA LEU E 361 12.29 -14.25 30.44
C LEU E 361 11.72 -14.49 29.07
N THR E 362 12.50 -14.28 28.02
CA THR E 362 12.00 -14.57 26.68
C THR E 362 11.70 -16.04 26.50
N ILE E 363 12.46 -16.92 27.16
CA ILE E 363 12.18 -18.34 27.02
C ILE E 363 10.97 -18.74 27.85
N LEU E 364 10.83 -18.18 29.04
CA LEU E 364 9.65 -18.49 29.86
C LEU E 364 8.38 -17.92 29.26
N GLY E 365 8.49 -16.87 28.43
CA GLY E 365 7.31 -16.33 27.80
C GLY E 365 6.68 -17.21 26.75
N THR E 366 7.39 -18.23 26.29
CA THR E 366 6.83 -19.15 25.31
C THR E 366 6.01 -20.27 25.94
N MET E 367 6.31 -20.62 27.18
CA MET E 367 5.67 -21.73 27.85
C MET E 367 4.30 -21.34 28.38
N PRO E 368 3.42 -22.31 28.64
CA PRO E 368 2.08 -21.98 29.12
C PRO E 368 2.12 -21.46 30.54
N PRO E 369 1.18 -20.61 30.92
CA PRO E 369 1.22 -19.92 32.23
C PRO E 369 0.82 -20.78 33.43
N THR E 370 1.71 -21.65 33.84
CA THR E 370 1.51 -22.39 35.07
C THR E 370 1.97 -21.52 36.25
N PRO E 371 1.45 -21.77 37.45
CA PRO E 371 1.88 -20.96 38.60
C PRO E 371 3.37 -21.06 38.91
N GLN E 372 3.99 -22.22 38.71
CA GLN E 372 5.44 -22.29 38.85
C GLN E 372 6.14 -21.44 37.80
N ASN E 373 5.59 -21.39 36.58
CA ASN E 373 6.12 -20.49 35.58
C ASN E 373 6.03 -19.05 36.03
N ALA E 374 4.94 -18.69 36.72
CA ALA E 374 4.83 -17.32 37.23
C ALA E 374 5.82 -17.04 38.35
N LYS E 375 6.07 -18.01 39.23
CA LYS E 375 7.12 -17.85 40.22
C LYS E 375 8.47 -17.60 39.57
N LEU E 376 8.79 -18.37 38.53
CA LEU E 376 10.06 -18.18 37.83
C LEU E 376 10.10 -16.83 37.12
N GLY E 377 9.00 -16.43 36.49
CA GLY E 377 8.94 -15.15 35.83
C GLY E 377 9.03 -13.98 36.74
N LEU E 378 8.66 -14.15 38.01
CA LEU E 378 8.92 -13.13 39.01
C LEU E 378 10.35 -13.14 39.51
N ILE E 379 10.93 -14.33 39.73
CA ILE E 379 12.32 -14.43 40.14
C ILE E 379 13.23 -13.77 39.12
N PHE E 380 12.93 -13.94 37.83
CA PHE E 380 13.79 -13.38 36.80
C PHE E 380 13.50 -11.91 36.53
N ALA E 381 12.24 -11.49 36.65
CA ALA E 381 11.94 -10.07 36.55
C ALA E 381 12.62 -9.28 37.65
N ALA E 382 12.68 -9.83 38.86
CA ALA E 382 13.44 -9.19 39.93
C ALA E 382 14.91 -9.02 39.57
N LEU E 383 15.56 -10.03 39.00
CA LEU E 383 16.96 -9.88 38.61
C LEU E 383 17.15 -8.91 37.46
N VAL E 384 16.21 -8.85 36.51
CA VAL E 384 16.33 -7.87 35.44
C VAL E 384 16.20 -6.46 35.99
N PHE E 385 15.30 -6.25 36.95
CA PHE E 385 15.21 -4.94 37.57
C PHE E 385 16.40 -4.63 38.47
N ALA E 386 17.03 -5.66 39.05
CA ALA E 386 18.19 -5.43 39.90
C ALA E 386 19.37 -4.88 39.10
N PHE E 387 19.43 -5.14 37.79
CA PHE E 387 20.49 -4.56 37.00
C PHE E 387 20.34 -3.05 36.88
N PHE E 388 19.12 -2.55 36.77
CA PHE E 388 18.89 -1.13 36.69
C PHE E 388 18.93 -0.45 38.04
N ILE E 389 18.46 -1.14 39.08
CA ILE E 389 18.50 -0.56 40.43
C ILE E 389 19.92 -0.53 40.98
N SER E 390 20.84 -1.30 40.43
CA SER E 390 22.20 -1.34 40.93
C SER E 390 23.17 -0.48 40.15
N LEU E 391 22.77 0.06 39.01
CA LEU E 391 23.67 0.89 38.23
C LEU E 391 24.09 2.14 39.01
N PRO E 392 23.17 2.88 39.65
CA PRO E 392 23.62 4.01 40.47
C PRO E 392 24.43 3.60 41.69
N ILE E 393 24.18 2.43 42.27
CA ILE E 393 24.98 1.99 43.40
C ILE E 393 26.39 1.64 42.96
N ILE E 394 26.52 0.91 41.85
CA ILE E 394 27.83 0.65 41.28
C ILE E 394 28.52 1.94 40.92
N SER E 395 27.78 2.92 40.43
CA SER E 395 28.38 4.21 40.10
C SER E 395 28.92 4.90 41.34
N PHE E 396 28.15 4.95 42.42
CA PHE E 396 28.65 5.53 43.66
C PHE E 396 29.88 4.80 44.16
N ILE E 397 29.92 3.48 43.98
CA ILE E 397 31.09 2.73 44.43
C ILE E 397 32.31 3.08 43.60
N GLU E 398 32.16 3.13 42.27
CA GLU E 398 33.28 3.44 41.41
C GLU E 398 33.66 4.90 41.45
N TYR E 399 32.71 5.79 41.79
CA TYR E 399 33.02 7.21 41.89
C TYR E 399 34.03 7.50 42.98
N GLY E 400 34.10 6.64 43.99
CA GLY E 400 35.11 6.71 45.02
C GLY E 400 36.31 5.81 44.81
N TRP E 401 36.33 5.07 43.71
CA TRP E 401 37.43 4.16 43.37
C TRP E 401 37.74 3.18 44.49
N THR F 3 42.92 -18.78 28.40
CA THR F 3 42.87 -17.34 28.59
C THR F 3 41.46 -16.90 28.95
N TRP F 4 41.34 -15.72 29.53
CA TRP F 4 40.04 -15.24 29.99
C TRP F 4 39.17 -14.78 28.83
N GLY F 5 39.77 -14.21 27.80
CA GLY F 5 39.02 -13.86 26.61
C GLY F 5 38.36 -15.04 25.93
N LEU F 6 38.99 -16.21 25.98
CA LEU F 6 38.38 -17.40 25.42
C LEU F 6 37.12 -17.81 26.19
N ILE F 7 37.16 -17.72 27.53
CA ILE F 7 35.96 -18.02 28.30
C ILE F 7 34.88 -16.99 28.04
N LYS F 8 35.24 -15.72 27.99
CA LYS F 8 34.26 -14.70 27.62
C LYS F 8 33.62 -15.00 26.28
N THR F 9 34.41 -15.43 25.30
CA THR F 9 33.86 -15.68 23.97
C THR F 9 32.93 -16.89 23.98
N ILE F 10 33.41 -18.03 24.50
CA ILE F 10 32.58 -19.24 24.50
C ILE F 10 31.43 -19.15 25.48
N PHE F 11 31.36 -18.11 26.29
CA PHE F 11 30.16 -17.86 27.08
C PHE F 11 29.19 -16.93 26.39
N PHE F 12 29.64 -15.76 25.94
CA PHE F 12 28.71 -14.81 25.34
C PHE F 12 28.24 -15.27 23.97
N ALA F 13 28.96 -16.17 23.33
CA ALA F 13 28.47 -16.81 22.12
C ALA F 13 27.77 -18.12 22.39
N GLY F 14 28.25 -18.90 23.36
CA GLY F 14 27.55 -20.12 23.73
C GLY F 14 26.14 -19.88 24.19
N SER F 15 25.96 -18.95 25.13
CA SER F 15 24.62 -18.66 25.63
C SER F 15 23.74 -18.07 24.55
N THR F 16 24.27 -17.24 23.66
CA THR F 16 23.48 -16.69 22.57
C THR F 16 23.04 -17.77 21.59
N LEU F 17 23.95 -18.66 21.20
CA LEU F 17 23.55 -19.75 20.32
C LEU F 17 22.55 -20.68 20.99
N VAL F 18 22.77 -21.04 22.26
CA VAL F 18 21.80 -21.85 22.97
C VAL F 18 20.46 -21.16 23.13
N PHE F 19 20.45 -19.84 23.23
CA PHE F 19 19.19 -19.11 23.34
C PHE F 19 18.45 -19.10 22.02
N PHE F 20 19.12 -18.69 20.95
CA PHE F 20 18.45 -18.67 19.66
C PHE F 20 18.16 -20.06 19.13
N PHE F 21 18.86 -21.09 19.61
CA PHE F 21 18.55 -22.45 19.22
C PHE F 21 17.21 -22.85 19.78
N LEU F 22 17.06 -22.86 21.10
CA LEU F 22 15.80 -23.24 21.70
C LEU F 22 14.78 -22.11 21.67
N LEU F 23 15.06 -21.04 20.94
CA LEU F 23 14.02 -20.10 20.58
C LEU F 23 13.57 -20.21 19.13
N TRP F 24 14.43 -20.68 18.24
CA TRP F 24 14.11 -20.73 16.82
C TRP F 24 13.93 -22.13 16.27
N PHE F 25 14.39 -23.17 16.97
CA PHE F 25 13.94 -24.51 16.63
C PHE F 25 14.26 -25.49 17.74
N TYR F 26 13.27 -26.33 18.06
CA TYR F 26 13.32 -27.30 19.15
C TYR F 26 13.53 -26.62 20.50
N ASN F 27 12.50 -25.90 20.91
CA ASN F 27 12.33 -25.54 22.31
C ASN F 27 11.87 -26.79 23.06
N PRO F 28 12.72 -27.43 23.86
CA PRO F 28 12.36 -28.72 24.45
C PRO F 28 11.39 -28.63 25.61
N PHE F 29 10.92 -27.45 25.97
CA PHE F 29 10.02 -27.29 27.10
C PHE F 29 8.58 -27.07 26.70
N LYS F 30 8.32 -26.82 25.41
CA LYS F 30 6.96 -26.85 24.89
C LYS F 30 6.67 -28.28 24.45
N HIS F 31 5.55 -28.82 24.93
CA HIS F 31 5.19 -30.23 24.72
C HIS F 31 3.93 -30.38 23.90
N VAL F 32 3.84 -29.63 22.80
CA VAL F 32 2.71 -29.75 21.88
C VAL F 32 2.65 -31.18 21.36
N GLU F 33 1.43 -31.67 21.12
CA GLU F 33 1.27 -33.06 20.76
C GLU F 33 1.51 -33.27 19.27
N HIS F 34 1.90 -34.50 18.93
CA HIS F 34 2.27 -34.85 17.56
C HIS F 34 1.43 -36.04 17.11
N TYR F 35 0.99 -36.01 15.86
CA TYR F 35 0.24 -37.09 15.25
C TYR F 35 1.06 -37.71 14.12
N GLU F 36 1.06 -39.03 14.05
CA GLU F 36 1.84 -39.74 13.05
C GLU F 36 0.94 -40.41 12.03
N VAL F 37 1.44 -40.48 10.80
CA VAL F 37 0.76 -41.24 9.76
C VAL F 37 0.90 -42.72 10.05
N ASP F 38 -0.15 -43.49 9.76
CA ASP F 38 -0.28 -44.86 10.27
C ASP F 38 0.75 -45.82 9.73
N GLU F 39 1.55 -45.42 8.74
CA GLU F 39 2.68 -46.23 8.27
C GLU F 39 2.16 -47.46 7.54
N GLU F 40 0.84 -47.68 7.57
CA GLU F 40 0.25 -48.67 6.68
C GLU F 40 0.47 -48.26 5.23
N VAL F 41 0.55 -46.96 4.97
CA VAL F 41 0.99 -46.49 3.68
C VAL F 41 2.24 -45.62 3.84
N LYS F 42 2.07 -44.41 4.39
CA LYS F 42 3.16 -43.45 4.58
C LYS F 42 3.93 -43.20 3.29
N ALA F 43 3.43 -43.75 2.18
CA ALA F 43 4.06 -43.60 0.88
C ALA F 43 3.09 -43.07 -0.15
N ILE F 44 1.79 -43.18 0.11
CA ILE F 44 0.81 -42.46 -0.69
C ILE F 44 0.95 -40.97 -0.47
N ILE F 45 1.35 -40.56 0.74
CA ILE F 45 1.47 -39.15 1.05
C ILE F 45 2.85 -38.58 0.74
N ASP F 46 3.90 -39.39 0.82
CA ASP F 46 5.25 -38.85 0.61
C ASP F 46 5.45 -38.39 -0.81
N ASN F 47 4.76 -39.02 -1.77
CA ASN F 47 4.84 -38.62 -3.18
C ASN F 47 3.44 -38.56 -3.75
N PRO F 48 2.77 -37.40 -3.67
CA PRO F 48 1.45 -37.28 -4.30
C PRO F 48 1.51 -37.30 -5.82
N TRP F 49 2.63 -36.94 -6.42
CA TRP F 49 2.76 -36.98 -7.88
C TRP F 49 3.22 -38.33 -8.39
N LYS F 50 3.14 -39.36 -7.57
CA LYS F 50 3.48 -40.71 -8.00
C LYS F 50 2.35 -41.27 -8.86
N LYS F 51 2.68 -41.58 -10.11
CA LYS F 51 1.67 -42.09 -11.04
C LYS F 51 1.10 -43.42 -10.55
N THR F 52 -0.08 -43.74 -11.05
CA THR F 52 -0.77 -44.97 -10.69
C THR F 52 -1.26 -45.63 -11.98
N GLU F 53 -2.18 -46.58 -11.84
CA GLU F 53 -2.84 -47.14 -12.99
C GLU F 53 -3.75 -46.11 -13.65
N SER F 54 -4.10 -46.37 -14.90
CA SER F 54 -4.87 -45.44 -15.74
C SER F 54 -4.14 -44.10 -15.90
N GLY F 55 -2.83 -44.09 -15.64
CA GLY F 55 -2.03 -42.90 -15.82
C GLY F 55 -2.46 -41.70 -15.01
N LYS F 56 -3.15 -41.91 -13.90
CA LYS F 56 -3.59 -40.81 -13.03
C LYS F 56 -2.74 -40.79 -11.77
N THR F 57 -2.22 -39.62 -11.44
CA THR F 57 -1.40 -39.48 -10.24
C THR F 57 -2.26 -39.62 -9.00
N ILE F 58 -1.60 -39.79 -7.86
CA ILE F 58 -2.32 -39.86 -6.60
C ILE F 58 -2.94 -38.51 -6.26
N ALA F 59 -2.28 -37.42 -6.63
CA ALA F 59 -2.89 -36.11 -6.41
C ALA F 59 -4.22 -35.99 -7.12
N GLU F 60 -4.29 -36.43 -8.38
CA GLU F 60 -5.53 -36.32 -9.14
C GLU F 60 -6.62 -37.24 -8.59
N GLU F 61 -6.24 -38.46 -8.20
CA GLU F 61 -7.23 -39.36 -7.60
C GLU F 61 -7.77 -38.79 -6.31
N GLY F 62 -6.90 -38.22 -5.48
CA GLY F 62 -7.36 -37.54 -4.29
C GLY F 62 -8.24 -36.34 -4.59
N ARG F 63 -7.96 -35.61 -5.67
CA ARG F 63 -8.80 -34.48 -6.03
C ARG F 63 -10.23 -34.92 -6.32
N GLU F 64 -10.39 -35.93 -7.18
CA GLU F 64 -11.72 -36.40 -7.51
C GLU F 64 -12.38 -37.07 -6.33
N LEU F 65 -11.63 -37.76 -5.47
CA LEU F 65 -12.23 -38.30 -4.26
C LEU F 65 -12.71 -37.21 -3.32
N PHE F 66 -11.96 -36.10 -3.24
CA PHE F 66 -12.36 -34.95 -2.42
C PHE F 66 -13.61 -34.29 -2.99
N ILE F 67 -13.63 -34.06 -4.29
CA ILE F 67 -14.82 -33.48 -4.93
C ILE F 67 -16.02 -34.37 -4.75
N ALA F 68 -15.87 -35.69 -4.86
CA ALA F 68 -17.00 -36.59 -4.79
C ALA F 68 -17.52 -36.78 -3.38
N SER F 69 -16.64 -36.95 -2.40
CA SER F 69 -17.07 -37.31 -1.07
C SER F 69 -16.74 -36.30 0.00
N CYS F 70 -16.11 -35.17 -0.35
CA CYS F 70 -15.74 -34.17 0.63
C CYS F 70 -16.12 -32.75 0.25
N SER F 71 -16.30 -32.46 -1.03
CA SER F 71 -16.78 -31.16 -1.46
C SER F 71 -18.24 -30.96 -1.14
N SER F 72 -18.87 -31.90 -0.44
CA SER F 72 -20.26 -31.74 -0.05
C SER F 72 -20.42 -30.62 0.96
N CYS F 73 -19.40 -30.37 1.77
CA CYS F 73 -19.46 -29.33 2.78
C CYS F 73 -18.23 -28.46 2.85
N HIS F 74 -17.09 -28.89 2.33
CA HIS F 74 -15.87 -28.11 2.36
C HIS F 74 -15.57 -27.54 0.99
N SER F 75 -15.11 -26.30 0.97
CA SER F 75 -14.84 -25.57 -0.26
C SER F 75 -13.35 -25.29 -0.31
N LEU F 76 -12.59 -26.23 -0.86
CA LEU F 76 -11.16 -26.02 -1.04
C LEU F 76 -10.99 -25.10 -2.24
N ARG F 77 -10.99 -23.80 -1.99
CA ARG F 77 -10.56 -22.86 -3.01
C ARG F 77 -9.06 -23.03 -3.21
N TYR F 78 -8.44 -22.11 -3.94
CA TYR F 78 -7.05 -22.20 -4.38
C TYR F 78 -6.92 -23.37 -5.35
N ASP F 79 -7.97 -24.16 -5.52
CA ASP F 79 -7.99 -25.20 -6.53
C ASP F 79 -9.35 -25.28 -7.20
N GLY F 80 -10.25 -24.34 -6.92
CA GLY F 80 -11.50 -24.24 -7.64
C GLY F 80 -12.58 -25.16 -7.17
N ILE F 81 -12.46 -25.70 -5.97
CA ILE F 81 -13.41 -26.68 -5.46
C ILE F 81 -14.29 -25.99 -4.43
N TYR F 82 -15.55 -25.74 -4.80
CA TYR F 82 -16.51 -25.11 -3.91
C TYR F 82 -17.61 -26.12 -3.60
N ILE F 83 -18.54 -25.75 -2.73
CA ILE F 83 -19.57 -26.70 -2.31
C ILE F 83 -20.35 -27.18 -3.53
N MET F 84 -20.86 -28.41 -3.45
CA MET F 84 -21.67 -28.95 -4.53
C MET F 84 -23.13 -28.56 -4.43
N SER F 85 -23.47 -27.60 -3.57
CA SER F 85 -24.83 -27.09 -3.44
C SER F 85 -24.78 -25.58 -3.57
N VAL F 86 -24.98 -25.06 -4.78
CA VAL F 86 -25.31 -25.83 -5.97
C VAL F 86 -24.02 -26.39 -6.56
N ALA F 87 -24.12 -27.26 -7.56
CA ALA F 87 -22.96 -27.87 -8.22
C ALA F 87 -22.82 -27.26 -9.60
N ALA F 88 -21.80 -26.41 -9.78
CA ALA F 88 -20.92 -26.00 -8.70
C ALA F 88 -21.47 -24.73 -8.07
N ASN F 89 -21.16 -24.53 -6.79
CA ASN F 89 -21.71 -23.40 -6.04
C ASN F 89 -21.37 -22.03 -6.63
N PRO F 90 -20.18 -21.78 -7.19
CA PRO F 90 -19.96 -20.47 -7.84
C PRO F 90 -20.73 -20.39 -9.13
N LYS F 91 -20.56 -19.28 -9.86
CA LYS F 91 -21.42 -19.00 -10.99
C LYS F 91 -21.26 -20.02 -12.10
N TRP F 92 -22.37 -20.58 -12.59
CA TRP F 92 -23.79 -20.37 -12.18
C TRP F 92 -24.25 -18.94 -11.90
N LYS F 93 -24.17 -18.05 -12.90
CA LYS F 93 -23.86 -18.46 -14.28
C LYS F 93 -22.38 -18.25 -14.62
N ASN F 94 -21.89 -17.01 -14.58
CA ASN F 94 -20.56 -16.69 -15.11
C ASN F 94 -19.55 -16.52 -13.97
N ILE F 95 -18.69 -17.53 -13.82
CA ILE F 95 -17.60 -17.50 -12.85
C ILE F 95 -16.37 -16.81 -13.38
N GLU F 96 -16.33 -16.51 -14.68
CA GLU F 96 -15.14 -15.89 -15.26
C GLU F 96 -15.16 -14.37 -15.06
N LYS F 97 -16.32 -13.75 -15.08
CA LYS F 97 -16.38 -12.30 -14.93
C LYS F 97 -16.57 -11.89 -13.47
N THR F 98 -15.80 -12.52 -12.59
CA THR F 98 -15.74 -12.13 -11.19
C THR F 98 -14.34 -12.16 -10.60
N SER F 99 -13.31 -12.45 -11.39
CA SER F 99 -11.93 -12.53 -10.95
C SER F 99 -11.78 -13.36 -9.69
N GLY F 100 -12.17 -14.63 -9.73
CA GLY F 100 -12.73 -15.29 -10.89
C GLY F 100 -11.67 -15.78 -11.84
N ARG F 101 -10.41 -15.50 -11.53
CA ARG F 101 -9.34 -15.90 -12.42
C ARG F 101 -9.11 -17.40 -12.35
N PRO F 102 -8.44 -17.98 -13.34
CA PRO F 102 -8.09 -19.39 -13.26
C PRO F 102 -6.97 -19.65 -12.28
N VAL F 103 -7.02 -20.82 -11.64
CA VAL F 103 -6.00 -21.22 -10.67
C VAL F 103 -4.67 -21.35 -11.40
N TYR F 104 -3.69 -20.55 -11.01
CA TYR F 104 -2.35 -20.61 -11.57
C TYR F 104 -1.38 -20.83 -10.42
N ARG F 105 -1.20 -22.08 -10.03
CA ARG F 105 -0.26 -22.43 -8.97
C ARG F 105 1.11 -22.67 -9.59
N PHE F 106 2.10 -22.98 -8.77
CA PHE F 106 3.46 -23.24 -9.23
C PHE F 106 3.49 -24.46 -10.15
N GLY F 107 3.82 -24.27 -11.42
CA GLY F 107 3.93 -22.97 -12.05
C GLY F 107 3.03 -23.05 -13.25
N THR F 108 2.02 -23.91 -13.14
CA THR F 108 1.11 -24.25 -14.22
C THR F 108 -0.30 -23.81 -13.86
N LEU F 109 -1.03 -23.30 -14.85
CA LEU F 109 -2.39 -22.85 -14.62
C LEU F 109 -3.40 -23.88 -15.12
N TYR F 110 -4.55 -23.91 -14.47
CA TYR F 110 -5.62 -24.82 -14.81
C TYR F 110 -6.81 -23.99 -15.26
N LYS F 111 -7.02 -23.90 -16.58
CA LYS F 111 -8.09 -23.06 -17.09
C LYS F 111 -9.48 -23.63 -16.86
N ASP F 112 -9.58 -24.77 -16.19
CA ASP F 112 -10.87 -25.41 -15.95
C ASP F 112 -11.39 -25.17 -14.54
N ARG F 113 -10.55 -24.67 -13.64
CA ARG F 113 -10.94 -24.37 -12.28
C ARG F 113 -10.57 -22.93 -11.96
N PHE F 114 -11.44 -22.26 -11.20
CA PHE F 114 -11.34 -20.82 -10.99
C PHE F 114 -11.29 -20.48 -9.51
N PHE F 115 -10.54 -19.43 -9.20
CA PHE F 115 -10.38 -18.96 -7.84
C PHE F 115 -11.25 -17.72 -7.66
N VAL F 116 -12.31 -17.85 -6.88
CA VAL F 116 -13.24 -16.75 -6.62
C VAL F 116 -12.94 -16.17 -5.25
N PRO F 117 -12.87 -14.86 -5.10
CA PRO F 117 -12.48 -14.24 -3.82
C PRO F 117 -13.39 -14.67 -2.68
N LYS F 118 -12.89 -14.46 -1.47
CA LYS F 118 -13.60 -14.89 -0.27
C LYS F 118 -14.88 -14.10 -0.04
N ASP F 119 -14.99 -12.89 -0.58
CA ASP F 119 -16.18 -12.09 -0.37
C ASP F 119 -17.24 -12.29 -1.44
N VAL F 120 -16.82 -12.46 -2.70
CA VAL F 120 -17.78 -12.78 -3.75
C VAL F 120 -18.43 -14.13 -3.48
N TYR F 121 -17.63 -15.18 -3.41
CA TYR F 121 -18.08 -16.42 -2.79
C TYR F 121 -18.46 -16.13 -1.35
N GLU F 122 -19.31 -16.98 -0.77
CA GLU F 122 -19.85 -16.89 0.57
C GLU F 122 -20.75 -15.68 0.75
N ALA F 123 -20.89 -14.84 -0.26
CA ALA F 123 -22.03 -13.95 -0.37
C ALA F 123 -22.99 -14.39 -1.46
N PHE F 124 -22.45 -14.83 -2.60
CA PHE F 124 -23.26 -15.45 -3.62
C PHE F 124 -23.58 -16.89 -3.29
N ALA F 125 -22.75 -17.54 -2.49
CA ALA F 125 -22.93 -18.96 -2.22
C ALA F 125 -23.67 -19.22 -0.92
N HIS F 126 -23.08 -18.83 0.19
CA HIS F 126 -23.56 -19.28 1.49
C HIS F 126 -24.22 -18.17 2.30
N ASP F 127 -24.29 -16.95 1.80
CA ASP F 127 -25.00 -15.96 2.57
C ASP F 127 -26.51 -16.14 2.51
N ASP F 128 -27.00 -16.94 1.55
CA ASP F 128 -28.26 -17.64 1.72
C ASP F 128 -27.92 -18.99 2.37
N ILE F 129 -27.87 -18.96 3.70
CA ILE F 129 -27.25 -20.03 4.47
C ILE F 129 -28.03 -21.31 4.25
N GLN F 130 -27.45 -22.24 3.50
CA GLN F 130 -28.03 -23.56 3.36
C GLN F 130 -27.77 -24.39 4.61
N GLY F 131 -28.21 -25.64 4.58
CA GLY F 131 -28.11 -26.47 5.76
C GLY F 131 -26.69 -26.92 6.09
N LEU F 132 -25.76 -25.97 6.15
CA LEU F 132 -24.42 -26.26 6.63
C LEU F 132 -24.14 -25.55 7.95
N LYS F 133 -24.26 -24.24 7.97
CA LYS F 133 -24.19 -23.53 9.23
C LYS F 133 -25.42 -23.81 10.08
N ALA F 134 -26.54 -24.13 9.44
CA ALA F 134 -27.75 -24.43 10.17
C ALA F 134 -27.63 -25.75 10.92
N SER F 135 -27.45 -26.84 10.17
CA SER F 135 -27.37 -28.16 10.76
C SER F 135 -26.14 -28.30 11.65
N LEU F 136 -24.95 -28.15 11.07
CA LEU F 136 -23.72 -28.39 11.80
C LEU F 136 -23.45 -27.30 12.84
N GLY F 137 -23.95 -26.09 12.61
CA GLY F 137 -23.69 -25.00 13.52
C GLY F 137 -22.35 -24.35 13.23
N GLN F 138 -21.48 -25.13 12.59
CA GLN F 138 -20.16 -24.74 12.17
C GLN F 138 -20.06 -24.85 10.66
N VAL F 139 -19.77 -23.74 10.02
CA VAL F 139 -19.49 -23.84 8.59
C VAL F 139 -18.19 -24.63 8.40
N PRO F 140 -18.16 -25.62 7.52
CA PRO F 140 -16.91 -26.33 7.28
C PRO F 140 -15.91 -25.39 6.65
N PRO F 141 -14.85 -25.04 7.36
CA PRO F 141 -14.21 -23.74 7.10
C PRO F 141 -13.64 -23.55 5.70
N ASP F 142 -12.50 -24.18 5.42
CA ASP F 142 -11.88 -24.13 4.11
C ASP F 142 -10.61 -24.95 4.16
N LEU F 143 -10.38 -25.80 3.17
CA LEU F 143 -9.24 -26.69 3.21
C LEU F 143 -8.14 -26.24 2.28
N SER F 144 -8.19 -24.97 1.88
CA SER F 144 -7.24 -24.45 0.91
C SER F 144 -5.84 -24.49 1.47
N SER F 145 -5.66 -24.00 2.68
CA SER F 145 -4.37 -24.01 3.37
C SER F 145 -4.46 -24.69 4.72
N MET F 146 -5.21 -25.78 4.80
CA MET F 146 -5.27 -26.55 6.04
C MET F 146 -4.15 -27.56 6.16
N TYR F 147 -3.57 -28.00 5.04
CA TYR F 147 -2.38 -28.83 5.14
C TYR F 147 -1.24 -28.06 5.78
N LEU F 148 -0.95 -26.86 5.29
CA LEU F 148 0.11 -26.06 5.88
C LEU F 148 -0.15 -25.74 7.35
N ALA F 149 -1.41 -25.68 7.76
CA ALA F 149 -1.71 -25.32 9.14
C ALA F 149 -1.76 -26.52 10.07
N ARG F 150 -1.97 -27.72 9.56
CA ARG F 150 -2.09 -28.89 10.42
C ARG F 150 -0.98 -29.91 10.28
N GLY F 151 -0.49 -30.16 9.08
CA GLY F 151 0.46 -31.23 8.87
C GLY F 151 -0.23 -32.52 8.46
N GLU F 152 0.51 -33.32 7.69
CA GLU F 152 -0.04 -34.57 7.18
C GLU F 152 -0.41 -35.53 8.31
N GLY F 153 0.31 -35.50 9.42
CA GLY F 153 -0.03 -36.38 10.52
C GLY F 153 -1.38 -36.04 11.12
N TYR F 154 -1.55 -34.77 11.48
CA TYR F 154 -2.83 -34.33 12.02
C TYR F 154 -3.96 -34.51 11.02
N LEU F 155 -3.69 -34.28 9.74
CA LEU F 155 -4.76 -34.43 8.75
C LEU F 155 -5.18 -35.88 8.63
N TYR F 156 -4.22 -36.80 8.59
CA TYR F 156 -4.57 -38.20 8.47
C TYR F 156 -5.26 -38.71 9.72
N GLN F 157 -4.81 -38.27 10.90
CA GLN F 157 -5.39 -38.76 12.13
C GLN F 157 -6.75 -38.13 12.44
N PHE F 158 -7.00 -36.92 11.96
CA PHE F 158 -8.31 -36.31 12.13
C PHE F 158 -9.33 -36.97 11.24
N ILE F 159 -9.04 -37.02 9.95
CA ILE F 159 -9.91 -37.68 8.99
C ILE F 159 -9.84 -39.17 9.28
N LEU F 160 -10.99 -39.83 9.16
CA LEU F 160 -11.27 -41.27 9.39
C LEU F 160 -11.48 -41.63 10.86
N ASN F 161 -11.42 -40.64 11.74
CA ASN F 161 -11.62 -40.80 13.18
C ASN F 161 -11.70 -39.43 13.84
N PRO F 162 -12.54 -38.53 13.31
CA PRO F 162 -12.60 -37.19 13.92
C PRO F 162 -12.92 -37.20 15.39
N GLN F 163 -13.44 -38.29 15.92
CA GLN F 163 -13.75 -38.39 17.34
C GLN F 163 -12.53 -38.71 18.19
N LYS F 164 -11.48 -39.24 17.58
CA LYS F 164 -10.23 -39.39 18.31
C LYS F 164 -9.61 -38.05 18.67
N VAL F 165 -9.34 -37.21 17.67
CA VAL F 165 -8.65 -35.95 17.88
C VAL F 165 -9.50 -35.02 18.73
N LEU F 166 -10.65 -34.64 18.23
CA LEU F 166 -11.58 -33.88 19.02
C LEU F 166 -12.64 -34.82 19.59
N PRO F 167 -12.93 -34.73 20.89
CA PRO F 167 -13.84 -35.72 21.49
C PRO F 167 -15.21 -35.73 20.84
N GLY F 168 -15.88 -34.59 20.77
CA GLY F 168 -17.15 -34.51 20.09
C GLY F 168 -17.06 -33.60 18.89
N THR F 169 -17.59 -34.03 17.74
CA THR F 169 -17.50 -33.24 16.52
C THR F 169 -18.48 -33.78 15.50
N THR F 170 -19.34 -32.90 14.98
CA THR F 170 -20.33 -33.30 13.99
C THR F 170 -19.75 -33.51 12.60
N MET F 171 -18.45 -33.47 12.44
CA MET F 171 -17.88 -34.01 11.22
C MET F 171 -17.96 -35.52 11.31
N PRO F 172 -18.54 -36.19 10.32
CA PRO F 172 -18.75 -37.63 10.43
C PRO F 172 -17.45 -38.39 10.18
N GLN F 173 -17.46 -39.67 10.54
CA GLN F 173 -16.33 -40.52 10.23
C GLN F 173 -16.07 -40.55 8.74
N LEU F 174 -17.08 -40.96 7.96
CA LEU F 174 -17.07 -40.85 6.50
C LEU F 174 -16.09 -41.83 5.88
N PHE F 175 -15.27 -42.46 6.72
CA PHE F 175 -14.40 -43.57 6.34
C PHE F 175 -14.10 -44.30 7.65
N ASN F 176 -14.78 -45.41 7.88
CA ASN F 176 -14.61 -46.13 9.12
C ASN F 176 -13.76 -47.38 8.88
N PRO F 177 -12.60 -47.49 9.51
CA PRO F 177 -11.80 -48.71 9.35
C PRO F 177 -12.28 -49.83 10.27
N GLN F 178 -11.50 -50.91 10.32
CA GLN F 178 -11.76 -52.12 11.08
C GLN F 178 -12.87 -52.93 10.40
N PHE F 179 -13.48 -52.37 9.37
CA PHE F 179 -14.31 -53.14 8.47
C PHE F 179 -14.27 -52.61 7.04
N ASP F 180 -13.41 -51.64 6.74
CA ASP F 180 -13.20 -51.17 5.37
C ASP F 180 -11.73 -51.34 5.04
N PRO F 181 -11.37 -52.21 4.09
CA PRO F 181 -9.96 -52.46 3.79
C PRO F 181 -9.27 -51.35 3.01
N GLN F 182 -10.01 -50.47 2.35
CA GLN F 182 -9.40 -49.46 1.49
C GLN F 182 -9.47 -48.06 2.08
N ALA F 183 -10.08 -47.91 3.26
CA ALA F 183 -10.31 -46.59 3.83
C ALA F 183 -9.02 -45.85 4.12
N LYS F 184 -8.01 -46.55 4.65
CA LYS F 184 -6.74 -45.91 4.92
C LYS F 184 -6.14 -45.34 3.64
N GLU F 185 -6.17 -46.09 2.54
CA GLU F 185 -5.67 -45.54 1.29
C GLU F 185 -6.54 -44.41 0.77
N LYS F 186 -7.85 -44.42 1.04
CA LYS F 186 -8.67 -43.29 0.63
C LYS F 186 -8.26 -42.01 1.35
N VAL F 187 -8.15 -42.08 2.68
CA VAL F 187 -7.72 -40.90 3.42
C VAL F 187 -6.31 -40.50 3.02
N ALA F 188 -5.46 -41.48 2.72
CA ALA F 188 -4.12 -41.16 2.27
C ALA F 188 -4.13 -40.40 0.95
N LYS F 189 -4.97 -40.79 0.00
CA LYS F 189 -5.05 -40.05 -1.25
C LYS F 189 -5.66 -38.68 -1.05
N ILE F 190 -6.62 -38.54 -0.13
CA ILE F 190 -7.17 -37.22 0.17
C ILE F 190 -6.08 -36.30 0.71
N VAL F 191 -5.31 -36.77 1.70
CA VAL F 191 -4.27 -35.94 2.27
C VAL F 191 -3.16 -35.70 1.27
N ALA F 192 -2.88 -36.66 0.40
CA ALA F 192 -1.90 -36.44 -0.65
C ALA F 192 -2.35 -35.34 -1.59
N TYR F 193 -3.64 -35.30 -1.90
CA TYR F 193 -4.14 -34.21 -2.74
C TYR F 193 -4.00 -32.88 -2.02
N MET F 194 -4.53 -32.78 -0.80
CA MET F 194 -4.42 -31.53 -0.05
C MET F 194 -2.98 -31.10 0.12
N LYS F 195 -2.04 -32.04 0.11
CA LYS F 195 -0.63 -31.69 0.17
C LYS F 195 -0.12 -31.18 -1.17
N SER F 196 -0.60 -31.77 -2.26
CA SER F 196 -0.17 -31.33 -3.58
C SER F 196 -0.66 -29.93 -3.91
N VAL F 197 -1.61 -29.38 -3.15
CA VAL F 197 -2.10 -28.03 -3.40
C VAL F 197 -1.16 -26.99 -2.78
N ASN F 198 -0.49 -27.33 -1.70
CA ASN F 198 0.35 -26.38 -0.98
C ASN F 198 1.84 -26.66 -1.11
N THR F 199 2.22 -27.74 -1.78
CA THR F 199 3.61 -28.12 -1.91
C THR F 199 4.01 -28.12 -3.37
N PRO F 200 5.14 -27.53 -3.73
CA PRO F 200 5.53 -27.51 -5.14
C PRO F 200 5.84 -28.92 -5.63
N PRO F 201 5.61 -29.20 -6.89
CA PRO F 201 5.90 -30.53 -7.43
C PRO F 201 7.38 -30.85 -7.33
N PRO F 202 7.78 -32.10 -7.54
CA PRO F 202 9.21 -32.45 -7.44
C PRO F 202 10.08 -31.70 -8.42
N LYS F 203 9.54 -31.21 -9.54
CA LYS F 203 10.36 -30.47 -10.48
C LYS F 203 10.70 -29.09 -9.93
N GLU F 204 9.72 -28.43 -9.32
CA GLU F 204 9.91 -27.11 -8.74
C GLU F 204 10.51 -27.17 -7.34
N SER F 205 10.17 -28.19 -6.56
CA SER F 205 10.74 -28.32 -5.23
C SER F 205 12.21 -28.71 -5.26
N ALA F 206 12.71 -29.18 -6.40
CA ALA F 206 14.14 -29.46 -6.51
C ALA F 206 14.94 -28.25 -6.98
N LYS F 207 14.38 -27.43 -7.86
CA LYS F 207 15.03 -26.18 -8.21
C LYS F 207 15.20 -25.27 -7.00
N ARG F 208 14.23 -25.26 -6.09
CA ARG F 208 14.38 -24.48 -4.87
C ARG F 208 15.56 -24.96 -4.03
N THR F 209 15.72 -26.28 -3.89
CA THR F 209 16.85 -26.80 -3.14
C THR F 209 18.17 -26.47 -3.82
N VAL F 210 18.22 -26.64 -5.14
CA VAL F 210 19.47 -26.34 -5.86
C VAL F 210 19.83 -24.87 -5.70
N MET F 211 18.88 -23.96 -5.89
CA MET F 211 19.22 -22.56 -5.77
C MET F 211 19.47 -22.14 -4.34
N GLY F 212 18.87 -22.81 -3.35
CA GLY F 212 19.18 -22.52 -1.97
C GLY F 212 20.57 -22.97 -1.57
N VAL F 213 21.01 -24.10 -2.10
CA VAL F 213 22.39 -24.52 -1.88
C VAL F 213 23.36 -23.58 -2.58
N ILE F 214 23.01 -23.15 -3.80
CA ILE F 214 23.92 -22.31 -4.56
C ILE F 214 24.03 -20.91 -3.96
N VAL F 215 22.95 -20.34 -3.43
CA VAL F 215 23.06 -19.02 -2.84
C VAL F 215 23.91 -19.06 -1.58
N ILE F 216 23.73 -20.07 -0.74
CA ILE F 216 24.54 -20.20 0.46
C ILE F 216 26.01 -20.42 0.09
N ALA F 217 26.27 -21.31 -0.87
CA ALA F 217 27.65 -21.52 -1.32
C ALA F 217 28.23 -20.28 -1.97
N TYR F 218 27.39 -19.42 -2.55
CA TYR F 218 27.88 -18.20 -3.15
C TYR F 218 28.28 -17.20 -2.08
N PHE F 219 27.46 -17.05 -1.05
CA PHE F 219 27.79 -16.10 0.00
C PHE F 219 28.97 -16.55 0.84
N ILE F 220 29.07 -17.84 1.12
CA ILE F 220 30.22 -18.35 1.85
C ILE F 220 31.51 -18.07 1.08
N VAL F 221 31.52 -18.39 -0.22
CA VAL F 221 32.75 -18.26 -0.99
C VAL F 221 33.06 -16.80 -1.28
N MET F 222 32.04 -15.95 -1.36
CA MET F 222 32.31 -14.52 -1.53
C MET F 222 32.89 -13.92 -0.27
N GLY F 223 32.37 -14.30 0.90
CA GLY F 223 32.97 -13.85 2.14
C GLY F 223 34.40 -14.35 2.29
N LEU F 224 34.65 -15.59 1.90
CA LEU F 224 35.99 -16.14 1.97
C LEU F 224 36.95 -15.46 1.02
N LEU F 225 36.52 -15.12 -0.18
CA LEU F 225 37.38 -14.36 -1.09
C LEU F 225 37.64 -12.95 -0.57
N LEU F 226 36.64 -12.29 0.01
CA LEU F 226 36.91 -10.99 0.62
C LEU F 226 37.90 -11.10 1.77
N TRP F 227 37.81 -12.16 2.57
CA TRP F 227 38.76 -12.37 3.65
C TRP F 227 40.17 -12.58 3.11
N LYS F 228 40.33 -13.45 2.11
CA LYS F 228 41.65 -13.68 1.55
C LYS F 228 42.21 -12.42 0.89
N TYR F 229 41.36 -11.67 0.20
CA TYR F 229 41.80 -10.42 -0.39
C TYR F 229 42.31 -9.45 0.67
N ARG F 230 41.56 -9.27 1.76
CA ARG F 230 42.02 -8.40 2.83
C ARG F 230 43.33 -8.90 3.41
N GLU F 231 43.46 -10.21 3.60
CA GLU F 231 44.67 -10.72 4.25
C GLU F 231 45.89 -10.59 3.35
N ASN F 232 45.70 -10.69 2.04
CA ASN F 232 46.82 -10.51 1.13
C ASN F 232 47.16 -9.03 0.97
N LEU F 233 46.15 -8.16 1.05
CA LEU F 233 46.40 -6.74 0.92
C LEU F 233 47.04 -6.16 2.17
N LEU F 234 46.75 -6.72 3.34
CA LEU F 234 47.33 -6.18 4.57
C LEU F 234 48.81 -6.48 4.69
N LYS F 235 49.36 -7.37 3.88
CA LYS F 235 50.80 -7.59 3.88
C LYS F 235 51.53 -6.59 2.99
N ARG F 236 50.87 -6.07 1.96
CA ARG F 236 51.45 -4.99 1.17
C ARG F 236 51.63 -3.74 2.01
N LEU F 237 50.88 -3.60 3.09
CA LEU F 237 50.88 -2.41 3.93
C LEU F 237 51.45 -2.67 5.32
N GLY F 238 51.21 -3.86 5.87
CA GLY F 238 51.67 -4.19 7.20
C GLY F 238 50.53 -4.42 8.18
FE1 FES G . -19.72 -25.58 20.93
FE2 FES G . -17.12 -27.23 20.40
S1 FES G . -17.75 -25.11 19.98
S2 FES G . -19.24 -27.77 20.84
C47 DLX H . -11.25 24.09 11.84
C46 DLX H . -7.03 21.02 11.34
C45 DLX H . -3.84 23.05 5.81
C44 DLX H . -0.17 18.32 5.28
C43 DLX H . 3.10 17.22 9.31
C42 DLX H . 7.31 21.98 7.79
C41 DLX H . 4.69 26.66 9.78
C40 DLX H . 3.46 24.90 8.48
C39 DLX H . 4.30 26.17 8.40
C38 DLX H . 5.53 25.97 7.52
C37 DLX H . 6.17 24.61 7.76
C36 DLX H . 5.63 23.56 6.77
C35 DLX H . 5.89 22.14 7.25
C34 DLX H . 4.88 21.75 8.30
C33 DLX H . 4.47 20.28 8.12
C32 DLX H . 3.88 19.71 9.40
C31 DLX H . 2.85 18.67 9.04
C30 DLX H . 1.69 19.07 8.48
C29 DLX H . 0.59 18.11 8.10
C28 DLX H . -0.67 18.91 7.78
C27 DLX H . -0.77 19.23 6.31
C26 DLX H . -1.44 20.32 5.92
C25 DLX H . -2.06 21.27 6.91
C24 DLX H . -3.52 20.93 7.22
C23 DLX H . -4.27 22.23 6.97
C22 DLX H . -5.28 22.66 7.73
C21 DLX H . -5.84 21.96 8.94
C20 DLX H . -6.99 22.82 9.46
C19 DLX H . -7.57 22.28 10.74
C18 DLX H . -8.57 22.94 11.35
C17 DLX H . -9.17 22.43 12.64
C16 DLX H . -10.48 21.68 12.41
C15 DLX H . -11.59 22.69 12.24
C14 DLX H . -12.88 22.36 12.45
C13 DLX H . -13.33 20.98 12.85
O12 DLX H . -14.40 18.46 12.89
O11 DLX H . -13.17 20.26 8.11
C10 DLX H . -14.88 16.82 10.77
C09 DLX H . -15.10 16.04 9.65
C08 DLX H . -14.78 16.52 8.39
C07 DLX H . -14.23 17.78 8.25
C06 DLX H . -13.24 20.62 10.36
C05 DLX H . -13.57 20.14 11.63
C04 DLX H . -14.11 18.88 11.76
C03 DLX H . -14.33 18.09 10.63
C02 DLX H . -14.00 18.56 9.38
C01 DLX H . -13.46 19.83 9.25
CHA HEM I . -2.76 9.45 -6.14
CHB HEM I . 0.73 12.14 -8.08
CHC HEM I . 3.61 10.72 -4.48
CHD HEM I . 0.14 7.99 -2.60
C1A HEM I . -2.08 10.33 -6.94
C2A HEM I . -2.65 11.07 -8.02
C3A HEM I . -1.70 11.81 -8.56
C4A HEM I . -0.48 11.57 -7.83
CMA HEM I . -1.88 12.74 -9.76
CAA HEM I . -4.11 11.03 -8.49
CBA HEM I . -5.01 11.57 -7.39
CGA HEM I . -6.35 11.84 -7.98
O1A HEM I . -7.34 11.90 -7.22
O2A HEM I . -6.42 11.98 -9.22
C1B HEM I . 1.82 12.00 -7.26
C2B HEM I . 3.09 12.64 -7.43
C3B HEM I . 3.89 12.25 -6.44
C4B HEM I . 3.15 11.34 -5.61
CMB HEM I . 3.48 13.61 -8.56
CAB HEM I . 5.34 12.72 -6.27
CBB HEM I . 6.09 12.36 -5.23
C1C HEM I . 2.92 9.88 -3.66
C2C HEM I . 3.44 9.27 -2.47
C3C HEM I . 2.49 8.52 -1.94
C4C HEM I . 1.33 8.61 -2.79
CMC HEM I . 4.84 9.44 -1.87
CAC HEM I . 2.70 7.73 -0.65
CBC HEM I . 1.77 6.90 -0.20
C1D HEM I . -0.93 8.11 -3.43
C2D HEM I . -2.15 7.35 -3.33
C3D HEM I . -2.94 7.75 -4.31
C4D HEM I . -2.25 8.78 -5.06
CMD HEM I . -2.45 6.28 -2.28
CAD HEM I . -4.34 7.26 -4.64
CBD HEM I . -5.30 7.89 -3.65
CGD HEM I . -6.22 8.78 -4.40
O1D HEM I . -6.89 8.28 -5.33
O2D HEM I . -6.29 9.98 -4.08
NA HEM I . -0.75 10.65 -6.84
NB HEM I . 1.88 11.21 -6.14
NC HEM I . 1.62 9.46 -3.84
ND HEM I . -1.02 8.98 -4.50
FE HEM I . 0.45 10.07 -5.37
CHA HEM J . 19.28 23.00 -8.72
CHB HEM J . 15.80 20.80 -6.26
CHC HEM J . 14.33 18.70 -10.32
CHD HEM J . 17.98 20.68 -12.74
C1A HEM J . 18.40 22.68 -7.72
C2A HEM J . 18.28 23.34 -6.44
C3A HEM J . 17.32 22.72 -5.77
C4A HEM J . 16.80 21.67 -6.60
CMA HEM J . 16.84 23.08 -4.36
CAA HEM J . 19.07 24.53 -5.86
CBA HEM J . 19.35 25.62 -6.87
CGA HEM J . 18.06 26.31 -7.19
O1A HEM J . 17.19 26.36 -6.29
O2A HEM J . 17.90 26.81 -8.33
C1B HEM J . 15.11 20.02 -7.14
C2B HEM J . 14.04 19.11 -6.81
C3B HEM J . 13.63 18.54 -7.93
C4B HEM J . 14.44 19.05 -9.01
CMB HEM J . 13.52 18.93 -5.37
CAB HEM J . 12.52 17.49 -8.16
CBB HEM J . 11.84 16.89 -7.19
C1C HEM J . 15.17 19.09 -11.32
C2C HEM J . 15.02 18.76 -12.70
C3C HEM J . 16.03 19.30 -13.38
C4C HEM J . 16.84 19.99 -12.44
CMC HEM J . 13.84 17.91 -13.21
CAC HEM J . 16.39 19.28 -14.88
CBC HEM J . 15.72 18.57 -15.80
C1D HEM J . 18.63 21.47 -11.85
C2D HEM J . 19.80 22.27 -12.16
C3D HEM J . 20.14 22.90 -11.05
C4D HEM J . 19.23 22.53 -10.01
CMD HEM J . 20.50 22.35 -13.51
CAD HEM J . 21.34 23.85 -10.90
CBD HEM J . 20.83 25.27 -11.02
CGD HEM J . 22.01 26.18 -10.89
O1D HEM J . 22.94 25.76 -10.16
O2D HEM J . 22.02 27.27 -11.47
NA HEM J . 17.48 21.66 -7.79
NB HEM J . 15.33 19.95 -8.49
NC HEM J . 16.31 19.86 -11.19
ND HEM J . 18.31 21.65 -10.52
FE HEM J . 16.88 20.72 -9.46
C1 AMY K . 18.98 28.36 -3.16
C2 AMY K . 18.86 29.63 -3.91
C3 AMY K . 20.00 30.31 -4.27
C5 AMY K . 21.43 28.63 -3.21
O5 AMY K . 20.00 22.50 -0.84
C6 AMY K . 20.34 27.88 -2.82
C7 AMY K . 20.49 26.60 -2.05
C8 AMY K . 17.42 31.40 -4.43
C9 AMY K . 19.12 24.64 -1.40
O9 AMY K . 16.32 20.87 1.82
C11 AMY K . 18.14 22.87 1.68
C12 AMY K . 18.89 21.55 1.52
C13 AMY K . 20.39 21.79 1.57
C14 AMY K . 20.88 21.94 0.17
C4 AMY K . 21.26 29.82 -3.92
N1 AMY K . 17.63 30.10 -4.23
N2 AMY K . 19.38 26.06 -1.54
O1 AMY K . 17.88 27.67 -2.78
O2 AMY K . 17.28 32.17 -3.48
O3 AMY K . 21.60 26.13 -1.90
C10 AMY K . 20.39 23.79 -1.28
O4 AMY K . 18.87 23.93 1.06
O6 AMY K . 22.01 21.61 -0.13
C15 AMY K . 21.13 20.64 2.25
C16 AMY K . 20.92 20.63 3.76
C17 AMY K . 21.88 21.59 4.47
C18 AMY K . 21.31 23.00 4.57
C19 AMY K . 21.57 23.81 3.32
C20 AMY K . 18.28 24.38 -0.18
O7 AMY K . 17.08 24.57 -0.22
O8 AMY K . 18.51 20.61 2.52
C21 AMY K . 17.06 20.50 2.71
C22 AMY K . 16.49 19.92 3.98
C23 AMY K . 17.60 19.74 5.03
C24 AMY K . 17.01 19.27 6.35
C25 AMY K . 18.42 21.01 5.19
C26 AMY K . 21.03 23.60 -2.65
C27 AMY K . 17.87 23.21 3.13
C47 DLX L . 25.12 17.76 3.41
C46 DLX L . 20.20 17.98 1.45
C45 DLX L . 16.74 14.34 0.29
C44 DLX L . 12.04 16.82 2.12
C43 DLX L . 12.71 11.77 4.42
C42 DLX L . 10.27 11.86 10.50
C41 DLX L . 5.21 12.20 11.69
C40 DLX L . 3.53 11.00 10.26
C39 DLX L . 4.78 11.88 10.27
C38 DLX L . 5.92 11.22 9.50
C37 DLX L . 7.20 12.02 9.68
C36 DLX L . 8.36 11.36 8.93
C35 DLX L . 9.66 12.15 9.13
C34 DLX L . 10.62 11.79 8.02
C33 DLX L . 9.85 11.48 6.74
C32 DLX L . 10.72 10.75 5.74
C31 DLX L . 11.24 11.72 4.70
C30 DLX L . 10.37 12.49 4.03
C29 DLX L . 10.81 13.46 2.96
C28 DLX L . 11.27 14.79 3.56
C27 DLX L . 12.25 15.41 2.61
C26 DLX L . 13.31 14.69 2.22
C25 DLX L . 14.37 15.21 1.28
C24 DLX L . 15.54 15.79 2.07
C23 DLX L . 16.82 15.32 1.42
C22 DLX L . 18.02 15.75 1.85
C21 DLX L . 19.26 15.24 1.16
C20 DLX L . 20.51 15.46 2.00
C19 DLX L . 21.10 16.82 1.72
C18 DLX L . 22.43 16.99 1.71
C17 DLX L . 23.02 18.35 1.44
C16 DLX L . 24.45 18.21 0.92
C15 DLX L . 25.46 18.26 2.03
C14 DLX L . 26.68 18.73 1.77
C13 DLX L . 27.78 18.82 2.80
O12 DLX L . 27.91 21.06 1.16
O11 DLX L . 32.47 18.48 1.80
C10 DLX L . 30.07 22.03 -0.11
C09 DLX L . 31.22 22.48 -0.76
C08 DLX L . 32.42 21.81 -0.60
C07 DLX L . 32.48 20.68 0.21
C06 DLX L . 30.24 18.64 2.29
C05 DLX L . 29.03 19.31 2.12
C04 DLX L . 28.98 20.44 1.32
C03 DLX L . 30.14 20.90 0.69
C02 DLX L . 31.33 20.22 0.85
C01 DLX L . 31.39 19.08 1.65
P PGV M . 16.40 37.40 -16.30
C01 PGV M . 13.05 33.60 -15.67
C02 PGV M . 13.40 34.86 -16.48
C03 PGV M . 14.81 35.30 -16.18
C04 PGV M . 15.43 38.84 -14.38
C05 PGV M . 14.94 40.25 -14.10
C06 PGV M . 16.05 41.24 -14.47
O01 PGV M . 12.51 35.92 -16.21
O02 PGV M . 12.68 36.29 -14.01
O03 PGV M . 13.49 32.43 -16.30
O04 PGV M . 12.47 30.86 -15.03
O05 PGV M . 14.68 40.37 -12.72
O06 PGV M . 16.68 41.61 -13.29
O11 PGV M . 14.93 36.67 -16.49
O12 PGV M . 16.19 38.85 -15.55
O13 PGV M . 17.01 37.63 -17.66
O14 PGV M . 17.32 36.55 -15.50
C1 PGV M . 11.99 36.05 -14.92
C2 PGV M . 10.48 35.91 -14.68
C3 PGV M . 10.13 35.02 -13.48
C4 PGV M . 9.60 33.65 -13.88
C5 PGV M . 8.07 33.55 -13.91
C6 PGV M . 7.48 33.04 -12.60
C7 PGV M . 5.98 32.76 -12.69
C8 PGV M . 5.23 33.11 -11.40
C9 PGV M . 4.85 34.59 -11.33
C10 PGV M . 4.24 35.04 -9.99
C11 PGV M . 2.84 34.48 -9.77
C12 PGV M . 2.26 34.55 -8.58
C13 PGV M . 0.86 33.98 -8.35
C14 PGV M . -0.23 34.78 -9.04
C15 PGV M . -1.58 34.69 -8.32
C16 PGV M . -2.13 33.27 -8.24
C17 PGV M . -3.65 33.20 -8.21
C18 PGV M . -4.24 33.29 -6.80
C19 PGV M . 12.64 31.32 -16.11
C20 PGV M . 11.90 30.79 -17.31
C21 PGV M . 10.40 30.93 -17.12
C22 PGV M . 9.72 29.57 -17.07
C23 PGV M . 9.40 29.09 -18.47
C24 PGV M . 7.90 28.92 -18.62
C25 PGV M . 7.45 27.51 -18.25
C26 PGV M . 6.83 26.82 -19.45
C27 PGV M . 5.98 25.63 -19.02
C28 PGV M . 5.65 24.72 -20.20
C29 PGV M . 5.30 23.32 -19.75
C30 PGV M . 5.15 22.36 -20.92
C31 PGV M . 6.42 22.27 -21.74
C32 PGV M . 7.05 20.88 -21.69
C33 PGV M . 6.63 20.02 -22.88
C34 PGV M . 7.60 20.17 -24.05
P PGV N . 34.66 21.35 5.41
C01 PGV N . 31.19 19.20 6.18
C02 PGV N . 32.34 18.23 5.99
C03 PGV N . 33.66 19.00 5.95
C04 PGV N . 34.66 21.78 8.03
C05 PGV N . 34.98 20.84 9.19
C06 PGV N . 36.09 19.86 8.78
O01 PGV N . 32.17 17.55 4.78
O02 PGV N . 33.22 15.82 5.70
O03 PGV N . 30.02 18.57 5.76
O04 PGV N . 29.06 19.38 7.61
O05 PGV N . 33.83 20.12 9.54
O06 PGV N . 35.72 18.58 9.18
O11 PGV N . 33.42 20.27 5.45
O12 PGV N . 35.41 21.38 6.90
O13 PGV N . 34.13 22.73 5.07
O14 PGV N . 35.67 20.94 4.37
C1 PGV N . 32.56 16.21 4.80
C2 PGV N . 32.16 15.27 3.67
C3 PGV N . 30.66 15.00 3.64
C4 PGV N . 30.31 13.79 2.78
C5 PGV N . 29.27 14.11 1.71
C6 PGV N . 28.53 12.88 1.23
C7 PGV N . 27.01 13.09 1.29
C8 PGV N . 26.24 11.90 0.75
C9 PGV N . 25.43 12.24 -0.49
C10 PGV N . 24.36 11.19 -0.78
C11 PGV N . 23.04 11.53 -0.08
C12 PGV N . 22.01 10.73 -0.24
C13 PGV N . 22.17 9.49 -1.11
C14 PGV N . 21.10 8.45 -0.80
C15 PGV N . 21.48 7.07 -1.32
C16 PGV N . 20.66 5.97 -0.64
C17 PGV N . 21.20 4.57 -0.93
C18 PGV N . 20.69 4.01 -2.25
C19 PGV N . 28.97 18.66 6.68
C20 PGV N . 27.70 17.83 6.47
C21 PGV N . 27.07 17.37 7.78
C22 PGV N . 25.75 18.08 8.07
C23 PGV N . 24.55 17.31 7.55
C24 PGV N . 24.58 15.84 7.94
C25 PGV N . 23.26 15.13 7.65
C26 PGV N . 22.34 15.13 8.87
C27 PGV N . 21.49 13.86 8.94
C28 PGV N . 20.81 13.57 7.61
C29 PGV N . 20.09 12.22 7.59
C30 PGV N . 18.59 12.38 7.38
C31 PGV N . 18.01 13.49 8.26
C32 PGV N . 16.49 13.51 8.24
C33 PGV N . 15.95 13.91 6.87
C34 PGV N . 14.53 14.46 6.96
FE HEC O . -31.45 6.05 -15.94
CHA HEC O . -28.37 6.20 -17.41
CHB HEC O . -30.63 8.77 -14.04
CHC HEC O . -34.21 5.54 -14.00
CHD HEC O . -32.19 3.19 -17.68
NA HEC O . -29.80 7.21 -15.73
C1A HEC O . -28.67 7.18 -16.50
C2A HEC O . -27.85 8.33 -16.19
C3A HEC O . -28.48 9.01 -15.26
C4A HEC O . -29.71 8.34 -14.94
CMA HEC O . -27.98 10.31 -14.62
CAA HEC O . -26.48 8.75 -16.75
CBA HEC O . -26.30 8.49 -18.24
CGA HEC O . -25.02 9.11 -18.68
O1A HEC O . -24.48 8.68 -19.73
O2A HEC O . -24.52 10.03 -17.99
NB HEC O . -32.23 6.94 -14.32
C1B HEC O . -31.79 8.11 -13.74
C2B HEC O . -32.75 8.55 -12.77
C3B HEC O . -33.74 7.67 -12.76
C4B HEC O . -33.44 6.64 -13.73
CMB HEC O . -32.62 9.81 -11.90
CAB HEC O . -34.98 7.73 -11.86
CBB HEC O . -35.92 8.88 -12.23
NC HEC O . -32.91 4.64 -15.85
C1C HEC O . -33.96 4.61 -14.97
C2C HEC O . -34.73 3.40 -15.16
C3C HEC O . -34.21 2.79 -16.24
C4C HEC O . -33.03 3.53 -16.66
CMC HEC O . -36.04 3.10 -14.40
CAC HEC O . -34.66 1.47 -16.91
CBC HEC O . -36.13 1.48 -17.39
ND HEC O . -30.49 4.93 -17.37
C1D HEC O . -30.93 3.71 -17.87
C2D HEC O . -29.88 3.03 -18.59
C3D HEC O . -28.71 3.99 -18.49
C4D HEC O . -29.17 5.12 -17.73
CMD HEC O . -29.92 1.67 -19.30
CAD HEC O . -27.26 3.86 -19.03
CBD HEC O . -27.13 3.61 -20.52
CGD HEC O . -28.08 4.55 -21.19
O1D HEC O . -29.27 4.21 -21.36
O2D HEC O . -27.69 5.67 -21.57
FE1 FES P . -25.06 0.20 -28.26
FE2 FES P . -25.14 3.20 -27.41
S1 FES P . -24.14 1.37 -26.60
S2 FES P . -26.43 1.91 -28.71
C47 DLX Q . 17.59 -20.54 -10.71
C46 DLX Q . 16.98 -15.46 -9.60
C45 DLX Q . 18.80 -14.68 -3.18
C44 DLX Q . 16.52 -9.16 -2.41
C43 DLX Q . 18.27 -5.28 -5.56
C42 DLX Q . 23.89 -4.56 -2.32
C41 DLX Q . 27.01 -8.95 -4.23
C40 DLX Q . 24.60 -9.22 -3.57
C39 DLX Q . 26.05 -9.22 -3.09
C38 DLX Q . 26.26 -8.23 -1.95
C37 DLX Q . 25.50 -6.93 -2.20
C36 DLX Q . 24.12 -6.96 -1.56
C35 DLX Q . 23.19 -5.90 -2.15
C34 DLX Q . 22.64 -6.38 -3.49
C33 DLX Q . 21.17 -5.97 -3.62
C32 DLX Q . 20.74 -5.96 -5.09
C31 DLX Q . 19.27 -6.32 -5.16
C30 DLX Q . 18.90 -7.58 -4.87
C29 DLX Q . 17.46 -8.02 -4.93
C28 DLX Q . 17.42 -9.55 -4.84
C27 DLX Q . 17.24 -10.01 -3.41
C26 DLX Q . 17.72 -11.21 -3.05
C25 DLX Q . 18.46 -12.10 -4.02
C24 DLX Q . 17.55 -13.08 -4.75
C23 DLX Q . 18.20 -14.43 -4.53
C22 DLX Q . 18.26 -15.39 -5.45
C21 DLX Q . 17.70 -15.31 -6.86
C20 DLX Q . 18.00 -16.65 -7.52
C19 DLX Q . 17.61 -16.67 -8.98
C18 DLX Q . 17.83 -17.76 -9.72
C17 DLX Q . 17.44 -17.80 -11.18
C16 DLX Q . 16.12 -18.54 -11.41
C15 DLX Q . 16.36 -20.01 -11.39
C14 DLX Q . 15.51 -20.88 -11.98
C13 DLX Q . 14.25 -20.45 -12.68
O12 DLX Q . 11.65 -19.98 -13.36
O11 DLX Q . 12.50 -20.62 -8.21
C10 DLX Q . 9.49 -19.81 -11.70
C09 DLX Q . 8.44 -19.75 -10.79
C08 DLX Q . 8.67 -19.91 -9.44
C07 DLX Q . 9.96 -20.16 -8.98
C06 DLX Q . 13.34 -20.54 -10.33
C05 DLX Q . 13.12 -20.38 -11.69
C04 DLX Q . 11.83 -20.13 -12.14
C03 DLX Q . 10.77 -20.06 -11.24
C02 DLX Q . 11.01 -20.23 -9.88
C01 DLX Q . 12.29 -20.48 -9.43
CHA HEM R . 4.89 -8.24 6.53
CHB HEM R . 8.34 -7.06 9.69
CHC HEM R . 9.50 -3.38 6.79
CHD HEM R . 6.02 -4.54 3.69
C1A HEM R . 5.75 -8.27 7.59
C2A HEM R . 5.81 -9.30 8.59
C3A HEM R . 6.74 -8.97 9.47
C4A HEM R . 7.33 -7.73 9.05
CMA HEM R . 7.13 -9.81 10.69
CAA HEM R . 4.93 -10.56 8.65
CBA HEM R . 5.22 -11.43 7.45
CGA HEM R . 4.65 -12.78 7.71
O1A HEM R . 4.41 -13.52 6.73
O2A HEM R . 4.40 -13.11 8.89
C1B HEM R . 8.96 -5.96 9.17
C2B HEM R . 10.08 -5.27 9.76
C3B HEM R . 10.40 -4.26 8.96
C4B HEM R . 9.50 -4.27 7.84
CMB HEM R . 10.79 -5.64 11.07
CAB HEM R . 11.55 -3.27 9.23
CBB HEM R . 11.89 -2.31 8.38
C1C HEM R . 8.68 -3.39 5.71
C2C HEM R . 8.73 -2.47 4.61
C3C HEM R . 7.79 -2.76 3.76
C4C HEM R . 7.08 -3.92 4.27
CMC HEM R . 9.72 -1.30 4.42
CAC HEM R . 7.56 -1.98 2.47
CBC HEM R . 6.53 -2.25 1.67
C1D HEM R . 5.38 -5.62 4.22
C2D HEM R . 4.18 -6.22 3.70
C3D HEM R . 3.87 -7.23 4.50
C4D HEM R . 4.87 -7.31 5.53
CMD HEM R . 3.41 -5.73 2.46
CAD HEM R . 2.68 -8.18 4.37
CBD HEM R . 3.00 -9.16 3.26
CGD HEM R . 3.09 -10.52 3.88
O1D HEM R . 2.11 -10.94 4.52
O2D HEM R . 4.15 -11.16 3.72
NA HEM R . 6.70 -7.33 7.90
NB HEM R . 8.64 -5.32 8.00
NC HEM R . 7.64 -4.27 5.47
ND HEM R . 5.78 -6.31 5.34
FE HEM R . 7.18 -5.81 6.72
CHA HEM S . 26.29 2.46 16.70
CHB HEM S . 23.40 1.09 13.12
CHC HEM S . 19.88 0.41 16.32
CHD HEM S . 22.68 2.04 19.85
C1A HEM S . 25.86 2.04 15.47
C2A HEM S . 26.68 1.78 14.30
C3A HEM S . 25.87 1.41 13.33
C4A HEM S . 24.52 1.42 13.83
CMA HEM S . 26.30 1.02 11.91
CAA HEM S . 28.21 1.88 14.13
CBA HEM S . 28.99 1.37 15.34
CGA HEM S . 28.85 -0.10 15.41
O1A HEM S . 28.71 -0.72 14.33
O2A HEM S . 28.89 -0.67 16.52
C1B HEM S . 22.18 0.82 13.67
C2B HEM S . 21.00 0.46 12.95
C3B HEM S . 20.03 0.26 13.82
C4B HEM S . 20.57 0.50 15.13
CMB HEM S . 20.96 0.33 11.41
CAB HEM S . 18.55 -0.14 13.60
CBB HEM S . 17.96 -0.24 12.41
C1C HEM S . 20.35 0.76 17.54
C2C HEM S . 19.64 0.61 18.78
C3C HEM S . 20.41 1.05 19.77
C4C HEM S . 21.63 1.50 19.17
CMC HEM S . 18.23 0.01 18.83
CAC HEM S . 20.18 1.16 21.28
CBC HEM S . 19.03 0.84 21.88
C1D HEM S . 23.89 2.29 19.30
C2D HEM S . 25.05 2.78 20.00
C3D HEM S . 26.03 2.89 19.13
C4D HEM S . 25.54 2.48 17.85
CMD HEM S . 25.11 3.12 21.50
CAD HEM S . 27.45 3.39 19.44
CBD HEM S . 28.35 2.19 19.63
CGD HEM S . 29.72 2.72 19.94
O1D HEM S . 30.01 3.82 19.43
O2D HEM S . 30.47 2.05 20.66
NA HEM S . 24.55 1.82 15.14
NB HEM S . 21.88 0.84 15.00
NC HEM S . 21.58 1.31 17.81
ND HEM S . 24.23 2.11 17.97
FE HEM S . 23.03 1.58 16.45
C1 AMY T . 32.10 0.15 12.11
C2 AMY T . 32.90 -0.76 12.96
C3 AMY T . 33.93 -0.23 13.72
C5 AMY T . 33.51 2.02 12.86
O5 AMY T . 28.28 4.41 9.29
C6 AMY T . 32.45 1.58 12.07
C7 AMY T . 31.66 2.52 11.21
C8 AMY T . 33.53 -2.97 13.32
C9 AMY T . 29.53 2.50 9.94
O9 AMY T . 26.08 2.54 5.08
C11 AMY T . 28.32 2.98 6.53
C12 AMY T . 27.60 4.33 6.53
C13 AMY T . 28.54 5.44 6.96
C14 AMY T . 28.49 5.59 8.46
C4 AMY T . 34.22 1.13 13.66
N1 AMY T . 32.59 -2.07 13.00
N2 AMY T . 30.82 1.96 10.34
O1 AMY T . 31.07 -0.33 11.35
O2 AMY T . 34.32 -3.37 12.49
O3 AMY T . 31.83 3.72 11.31
C10 AMY T . 29.44 4.03 10.01
O4 AMY T . 29.42 2.99 7.44
O6 AMY T . 28.63 6.68 8.97
C15 AMY T . 28.18 6.77 6.32
C16 AMY T . 28.60 6.84 4.85
C17 AMY T . 30.06 7.21 4.70
C18 AMY T . 30.99 6.00 4.84
C19 AMY T . 31.30 5.68 6.28
C20 AMY T . 29.21 2.07 8.54
O7 AMY T . 28.80 0.96 8.30
O8 AMY T . 27.10 4.61 5.23
C21 AMY T . 26.06 3.72 4.77
C22 AMY T . 24.98 4.24 3.86
C23 AMY T . 25.59 4.60 2.52
C24 AMY T . 24.56 5.17 1.56
C25 AMY T . 26.29 3.39 1.91
C26 AMY T . 29.25 4.49 11.44
C27 AMY T . 28.79 2.59 5.14
C47 DLX U . 27.88 11.84 5.80
C46 DLX U . 24.76 7.63 6.73
C45 DLX U . 20.04 6.68 5.71
C44 DLX U . 20.18 1.46 3.74
C43 DLX U . 17.04 5.46 0.52
C42 DLX U . 17.62 3.71 -5.58
C41 DLX U . 15.70 -0.48 -7.99
C40 DLX U . 13.53 -1.46 -7.19
C39 DLX U . 14.88 -0.88 -6.78
C38 DLX U . 14.69 0.31 -5.84
C37 DLX U . 16.03 0.98 -5.55
C36 DLX U . 15.86 2.19 -4.63
C35 DLX U . 17.19 2.88 -4.37
C34 DLX U . 17.06 3.75 -3.14
C33 DLX U . 16.15 3.09 -2.13
C32 DLX U . 15.57 4.12 -1.16
C31 DLX U . 16.38 4.17 0.11
C30 DLX U . 16.47 3.07 0.85
C29 DLX U . 17.24 3.02 2.15
C28 DLX U . 18.67 2.52 1.91
C27 DLX U . 19.44 2.64 3.20
C26 DLX U . 19.45 3.82 3.85
C25 DLX U . 20.21 4.01 5.14
C24 DLX U . 21.53 4.73 4.87
C23 DLX U . 21.38 6.17 5.27
C22 DLX U . 22.42 7.01 5.20
C21 DLX U . 22.23 8.46 5.60
C20 DLX U . 23.44 9.31 5.24
C19 DLX U . 24.60 9.01 6.15
C18 DLX U . 25.49 9.96 6.45
C17 DLX U . 26.66 9.64 7.36
C16 DLX U . 27.11 10.88 8.12
C15 DLX U . 28.02 11.76 7.29
C14 DLX U . 28.96 12.48 7.92
C13 DLX U . 29.91 13.39 7.21
O12 DLX U . 31.32 12.06 9.16
O11 DLX U . 31.81 17.30 9.29
C10 DLX U . 32.90 13.11 11.09
C09 DLX U . 33.68 13.71 12.06
C08 DLX U . 33.81 15.10 12.09
C07 DLX U . 33.15 15.87 11.16
C06 DLX U . 30.91 15.45 8.28
C05 DLX U . 30.77 14.07 8.25
C04 DLX U . 31.43 13.30 9.18
C03 DLX U . 32.23 13.90 10.15
C02 DLX U . 32.36 15.27 10.19
C01 DLX U . 31.70 16.05 9.26
P PGV V . 34.90 -8.76 25.28
C01 PGV V . 30.26 -9.41 23.26
C02 PGV V . 31.26 -9.91 24.29
C03 PGV V . 32.41 -8.94 24.45
C04 PGV V . 36.13 -10.04 23.40
C05 PGV V . 37.13 -11.17 23.20
C06 PGV V . 38.39 -10.83 23.99
O01 PGV V . 31.79 -11.18 23.96
O02 PGV V . 32.74 -10.91 21.95
O03 PGV V . 29.34 -8.50 23.80
O04 PGV V . 27.86 -8.34 22.09
O05 PGV V . 37.46 -11.25 21.85
O06 PGV V . 39.33 -10.32 23.08
O11 PGV V . 33.52 -9.61 24.95
O12 PGV V . 36.19 -9.59 24.72
O13 PGV V . 35.03 -8.56 26.76
O14 PGV V . 34.85 -7.41 24.63
C1 PGV V . 31.97 -11.50 22.61
C2 PGV V . 31.18 -12.64 21.96
C3 PGV V . 30.58 -12.29 20.61
C4 PGV V . 29.08 -12.05 20.64
C5 PGV V . 28.24 -13.28 20.27
C6 PGV V . 27.86 -13.29 18.79
C7 PGV V . 26.87 -14.41 18.45
C8 PGV V . 27.13 -15.04 17.06
C9 PGV V . 28.20 -16.14 17.11
C10 PGV V . 28.62 -16.69 15.74
C11 PGV V . 27.52 -17.52 15.09
C12 PGV V . 27.60 -17.85 13.82
C13 PGV V . 26.50 -18.69 13.14
C14 PGV V . 26.45 -20.12 13.64
C15 PGV V . 25.90 -21.10 12.58
C16 PGV V . 24.47 -20.78 12.17
C17 PGV V . 23.68 -22.01 11.72
C18 PGV V . 23.84 -22.34 10.24
C19 PGV V . 28.05 -8.59 23.22
C20 PGV V . 26.93 -9.10 24.12
C21 PGV V . 26.36 -10.40 23.56
C22 PGV V . 24.91 -10.22 23.13
C23 PGV V . 23.98 -10.44 24.31
C24 PGV V . 23.08 -11.62 24.04
C25 PGV V . 21.78 -11.18 23.36
C26 PGV V . 20.59 -11.50 24.25
C27 PGV V . 19.30 -11.51 23.45
C28 PGV V . 18.07 -11.47 24.35
C29 PGV V . 16.84 -10.95 23.63
C30 PGV V . 15.67 -10.72 24.57
C31 PGV V . 16.01 -9.74 25.67
C32 PGV V . 15.16 -8.47 25.59
C33 PGV V . 13.94 -8.53 26.49
C34 PGV V . 14.23 -7.97 27.88
FE HEC W . -14.48 -31.77 7.84
CHA HEC W . -13.24 -29.52 10.08
CHB HEC W . -11.32 -32.26 6.63
CHC HEC W . -15.74 -33.51 5.18
CHD HEC W . -17.68 -31.12 8.89
NA HEC W . -12.65 -30.99 8.24
C1A HEC W . -12.32 -30.15 9.27
C2A HEC W . -10.89 -30.03 9.35
C3A HEC W . -10.39 -30.79 8.39
C4A HEC W . -11.47 -31.41 7.67
CMA HEC W . -8.90 -30.96 8.11
CAA HEC W . -10.02 -29.21 10.31
CBA HEC W . -10.54 -29.14 11.73
CGA HEC W . -9.51 -28.46 12.60
O1A HEC W . -9.88 -27.94 13.67
O2A HEC W . -8.32 -28.44 12.21
NB HEC W . -13.69 -32.66 6.21
C1B HEC W . -12.36 -32.82 5.95
C2B HEC W . -12.21 -33.72 4.83
C3B HEC W . -13.42 -34.06 4.43
C4B HEC W . -14.38 -33.41 5.28
CMB HEC W . -10.86 -34.16 4.22
CAB HEC W . -13.74 -35.00 3.26
CBB HEC W . -13.34 -36.45 3.53
NC HEC W . -16.35 -32.22 7.16
C1C HEC W . -16.65 -32.94 6.03
C2C HEC W . -18.08 -32.96 5.85
C3C HEC W . -18.62 -32.37 6.93
C4C HEC W . -17.55 -31.85 7.74
CMC HEC W . -18.77 -33.78 4.72
CAC HEC W . -20.11 -32.14 7.25
CBC HEC W . -20.94 -33.43 7.32
ND HEC W . -15.31 -30.58 9.28
C1D HEC W . -16.68 -30.37 9.47
C2D HEC W . -16.91 -29.25 10.34
C3D HEC W . -15.52 -28.77 10.69
C4D HEC W . -14.60 -29.64 10.00
CMD HEC W . -18.26 -28.66 10.80
CAD HEC W . -15.06 -27.58 11.57
CBD HEC W . -15.60 -27.55 12.99
CGD HEC W . -15.45 -28.96 13.51
O1D HEC W . -16.36 -29.78 13.31
O2D HEC W . -14.43 -29.29 14.15
#